data_4L1E
#
_entry.id   4L1E
#
_cell.length_a   183.467
_cell.length_b   107.107
_cell.length_c   111.089
_cell.angle_alpha   90.000
_cell.angle_beta   98.270
_cell.angle_gamma   90.000
#
_symmetry.space_group_name_H-M   'C 1 2 1'
#
loop_
_entity.id
_entity.type
_entity.pdbx_description
1 polymer 'Phycocyanin alpha chain'
2 polymer 'Phycocyanin beta chain'
3 non-polymer PHYCOCYANOBILIN
4 non-polymer 'BILIVERDINE IX ALPHA'
5 water water
#
loop_
_entity_poly.entity_id
_entity_poly.type
_entity_poly.pdbx_seq_one_letter_code
_entity_poly.pdbx_strand_id
1 'polypeptide(L)'
;MKTPLTEAVSVADSQGRFLSSTEIQVAFGRFRQAKAGLEAAKALTSKADSLISGAAQAVYNKFPYTTQMQGPNYAADQRG
KDKCARDIGYYLRMVTYCLIAGGTGPMDEYLIAGIDEINRTFELSPSWYIEALKYIKANHGLSGDAAVEANSYLDYAINA
LS
;
A,C,E,G,I,K
2 'polypeptide(L)'
;MFDAFTKVVSQADTRGEMLSTAQIDALSQMVAESNKRLDVVNRITSNASTIVSNAARSLFAEQPQLIAPGGNAYTSTRMA
ACLRDMEIILRYVTYAVFAGDASVLEDRCLNGLRETYLALGTPGSSVAVGVGKMKEAALAIVNDPAGITPGDCSALASEI
ASYFDRACAAVS
;
B,D,F,H,J,L
#
loop_
_chem_comp.id
_chem_comp.type
_chem_comp.name
_chem_comp.formula
BLA non-polymer 'BILIVERDINE IX ALPHA' 'C33 H34 N4 O6'
CYC non-polymer PHYCOCYANOBILIN 'C33 H40 N4 O6'
#
# COMPACT_ATOMS: atom_id res chain seq x y z
N MET A 1 -6.16 24.25 8.38
CA MET A 1 -6.40 25.71 8.20
C MET A 1 -5.42 26.29 7.18
N LYS A 2 -5.94 26.65 6.01
CA LYS A 2 -5.10 27.24 4.97
C LYS A 2 -4.77 28.69 5.29
N THR A 3 -3.55 28.91 5.78
CA THR A 3 -3.00 30.25 5.93
C THR A 3 -1.60 30.21 5.34
N PRO A 4 -1.04 31.37 4.99
CA PRO A 4 0.32 31.39 4.44
C PRO A 4 1.36 30.78 5.37
N LEU A 5 1.33 31.16 6.64
CA LEU A 5 2.30 30.68 7.62
C LEU A 5 2.19 29.17 7.85
N THR A 6 0.98 28.72 8.14
CA THR A 6 0.74 27.30 8.41
C THR A 6 1.08 26.45 7.19
N GLU A 7 0.66 26.92 6.02
CA GLU A 7 0.97 26.25 4.76
C GLU A 7 2.48 26.14 4.58
N ALA A 8 3.17 27.28 4.68
CA ALA A 8 4.63 27.31 4.60
C ALA A 8 5.28 26.27 5.52
N VAL A 9 4.90 26.32 6.80
CA VAL A 9 5.40 25.36 7.77
C VAL A 9 5.12 23.93 7.33
N SER A 10 3.88 23.65 6.93
CA SER A 10 3.48 22.29 6.60
C SER A 10 4.21 21.75 5.38
N VAL A 11 4.44 22.61 4.38
CA VAL A 11 5.22 22.20 3.22
C VAL A 11 6.67 21.95 3.64
N ALA A 12 7.20 22.84 4.48
CA ALA A 12 8.54 22.63 5.02
C ALA A 12 8.62 21.33 5.80
N ASP A 13 7.55 21.02 6.53
CA ASP A 13 7.53 19.85 7.40
C ASP A 13 7.36 18.56 6.61
N SER A 14 6.53 18.61 5.57
CA SER A 14 6.28 17.44 4.73
C SER A 14 7.53 17.02 3.98
N GLN A 15 8.52 17.91 3.93
CA GLN A 15 9.80 17.64 3.28
C GLN A 15 10.90 17.36 4.29
N GLY A 16 10.56 17.42 5.58
CA GLY A 16 11.54 17.24 6.63
C GLY A 16 12.62 18.29 6.57
N ARG A 17 12.21 19.53 6.28
CA ARG A 17 13.14 20.62 6.03
C ARG A 17 12.94 21.80 6.96
N PHE A 18 14.04 22.43 7.33
CA PHE A 18 13.99 23.73 7.99
C PHE A 18 13.40 24.73 7.02
N LEU A 19 12.78 25.77 7.56
CA LEU A 19 12.26 26.85 6.74
C LEU A 19 13.42 27.56 6.06
N SER A 20 13.19 28.05 4.83
CA SER A 20 14.21 28.78 4.09
C SER A 20 13.67 30.14 3.67
N SER A 21 14.37 30.81 2.77
CA SER A 21 13.96 32.12 2.28
C SER A 21 12.57 32.08 1.64
N THR A 22 12.21 30.92 1.10
CA THR A 22 10.90 30.73 0.49
C THR A 22 9.78 31.02 1.48
N GLU A 23 9.77 30.29 2.59
CA GLU A 23 8.76 30.47 3.62
C GLU A 23 8.84 31.86 4.25
N ILE A 24 10.06 32.37 4.37
CA ILE A 24 10.26 33.73 4.86
C ILE A 24 9.54 34.72 3.95
N GLN A 25 9.68 34.52 2.64
CA GLN A 25 9.00 35.37 1.67
C GLN A 25 7.47 35.26 1.80
N VAL A 26 6.98 34.03 1.96
CA VAL A 26 5.56 33.81 2.24
C VAL A 26 5.13 34.66 3.42
N ALA A 27 5.88 34.54 4.52
CA ALA A 27 5.57 35.30 5.73
C ALA A 27 5.58 36.80 5.47
N PHE A 28 6.61 37.31 4.81
CA PHE A 28 6.66 38.73 4.48
C PHE A 28 5.41 39.17 3.75
N GLY A 29 5.04 38.42 2.71
CA GLY A 29 3.80 38.71 1.98
C GLY A 29 2.60 38.75 2.91
N ARG A 30 2.48 37.71 3.75
CA ARG A 30 1.41 37.64 4.73
C ARG A 30 1.33 38.90 5.58
N PHE A 31 2.43 39.21 6.27
CA PHE A 31 2.44 40.33 7.21
C PHE A 31 2.21 41.67 6.52
N ARG A 32 2.70 41.80 5.28
CA ARG A 32 2.39 42.97 4.47
C ARG A 32 0.89 43.05 4.22
N GLN A 33 0.28 41.92 3.84
CA GLN A 33 -1.15 41.88 3.57
C GLN A 33 -2.02 42.10 4.82
N ALA A 34 -1.54 41.60 5.96
CA ALA A 34 -2.29 41.69 7.21
C ALA A 34 -2.61 43.13 7.59
N LYS A 35 -1.71 44.05 7.26
CA LYS A 35 -1.90 45.46 7.58
C LYS A 35 -3.24 45.98 7.07
N ALA A 36 -3.60 45.59 5.85
CA ALA A 36 -4.88 45.97 5.27
C ALA A 36 -5.98 45.00 5.71
N GLY A 37 -5.66 43.71 5.75
CA GLY A 37 -6.64 42.70 6.12
C GLY A 37 -7.30 42.91 7.48
N LEU A 38 -6.48 43.09 8.52
CA LEU A 38 -6.97 43.29 9.87
C LEU A 38 -7.91 44.51 9.94
N GLU A 39 -7.45 45.61 9.36
CA GLU A 39 -8.24 46.83 9.24
C GLU A 39 -9.59 46.55 8.58
N ALA A 40 -9.55 45.85 7.45
CA ALA A 40 -10.77 45.46 6.75
C ALA A 40 -11.73 44.71 7.67
N ALA A 41 -11.21 43.67 8.33
CA ALA A 41 -12.01 42.87 9.25
C ALA A 41 -12.65 43.76 10.32
N LYS A 42 -11.88 44.72 10.83
CA LYS A 42 -12.37 45.71 11.76
C LYS A 42 -13.57 46.46 11.18
N ALA A 43 -13.39 47.03 10.00
CA ALA A 43 -14.46 47.77 9.33
C ALA A 43 -15.74 46.94 9.18
N LEU A 44 -15.59 45.75 8.61
CA LEU A 44 -16.73 44.85 8.43
C LEU A 44 -17.41 44.55 9.77
N THR A 45 -16.60 44.18 10.77
CA THR A 45 -17.10 43.93 12.10
C THR A 45 -17.96 45.09 12.59
N SER A 46 -17.46 46.31 12.39
CA SER A 46 -18.23 47.49 12.78
C SER A 46 -19.51 47.67 11.94
N LYS A 47 -19.45 47.26 10.66
CA LYS A 47 -20.64 47.33 9.78
C LYS A 47 -21.52 46.07 9.76
N ALA A 48 -21.18 45.09 10.59
CA ALA A 48 -21.92 43.82 10.69
C ALA A 48 -23.46 43.90 10.61
N ASP A 49 -24.12 44.48 11.61
CA ASP A 49 -25.58 44.47 11.67
C ASP A 49 -26.23 45.02 10.39
N SER A 50 -25.78 46.21 10.00
CA SER A 50 -26.24 46.86 8.78
C SER A 50 -26.10 45.93 7.57
N LEU A 51 -24.88 45.42 7.36
CA LEU A 51 -24.63 44.54 6.22
C LEU A 51 -25.52 43.29 6.24
N ILE A 52 -25.68 42.70 7.41
CA ILE A 52 -26.53 41.51 7.56
C ILE A 52 -27.98 41.81 7.19
N SER A 53 -28.57 42.82 7.83
CA SER A 53 -29.96 43.17 7.56
C SER A 53 -30.14 43.50 6.09
N GLY A 54 -29.23 44.30 5.56
CA GLY A 54 -29.26 44.67 4.15
C GLY A 54 -29.25 43.47 3.23
N ALA A 55 -28.29 42.57 3.45
CA ALA A 55 -28.19 41.36 2.63
C ALA A 55 -29.45 40.52 2.71
N ALA A 56 -29.94 40.31 3.93
CA ALA A 56 -31.19 39.57 4.13
C ALA A 56 -32.31 40.20 3.31
N GLN A 57 -32.48 41.51 3.44
CA GLN A 57 -33.51 42.22 2.69
C GLN A 57 -33.32 42.05 1.18
N ALA A 58 -32.07 42.14 0.73
CA ALA A 58 -31.76 41.95 -0.68
C ALA A 58 -32.18 40.57 -1.15
N VAL A 59 -31.91 39.56 -0.34
CA VAL A 59 -32.36 38.20 -0.67
C VAL A 59 -33.88 38.13 -0.72
N TYR A 60 -34.54 38.70 0.28
CA TYR A 60 -36.01 38.75 0.28
C TYR A 60 -36.54 39.46 -0.95
N ASN A 61 -35.83 40.49 -1.40
CA ASN A 61 -36.20 41.20 -2.61
C ASN A 61 -36.04 40.31 -3.85
N LYS A 62 -34.86 39.71 -3.99
CA LYS A 62 -34.55 38.88 -5.14
C LYS A 62 -35.49 37.68 -5.24
N PHE A 63 -35.77 37.05 -4.10
CA PHE A 63 -36.64 35.88 -4.04
C PHE A 63 -37.78 36.11 -3.05
N PRO A 64 -38.84 36.80 -3.48
CA PRO A 64 -39.94 37.12 -2.56
C PRO A 64 -40.64 35.88 -2.02
N TYR A 65 -40.59 34.79 -2.79
CA TYR A 65 -41.30 33.57 -2.41
C TYR A 65 -40.79 33.01 -1.08
N THR A 66 -39.59 33.42 -0.67
CA THR A 66 -39.01 32.94 0.59
C THR A 66 -39.68 33.60 1.79
N THR A 67 -40.52 34.59 1.56
CA THR A 67 -41.24 35.26 2.64
C THR A 67 -42.73 34.94 2.63
N GLN A 68 -43.16 34.11 1.68
CA GLN A 68 -44.57 33.74 1.56
C GLN A 68 -44.77 32.26 1.87
N MET A 69 -43.94 31.41 1.27
CA MET A 69 -44.12 29.97 1.36
C MET A 69 -44.00 29.43 2.78
N GLN A 70 -44.87 28.48 3.11
CA GLN A 70 -44.78 27.78 4.39
C GLN A 70 -43.81 26.62 4.23
N GLY A 71 -43.19 26.21 5.33
CA GLY A 71 -42.18 25.18 5.32
C GLY A 71 -41.02 25.61 6.19
N PRO A 72 -40.34 24.65 6.83
CA PRO A 72 -39.32 25.05 7.79
C PRO A 72 -38.11 25.71 7.13
N ASN A 73 -37.95 25.53 5.83
CA ASN A 73 -36.80 26.07 5.11
C ASN A 73 -36.99 27.50 4.60
N TYR A 74 -38.13 28.11 4.93
CA TYR A 74 -38.45 29.44 4.45
C TYR A 74 -38.52 30.47 5.58
N ALA A 75 -38.50 31.74 5.20
CA ALA A 75 -38.54 32.85 6.15
C ALA A 75 -39.86 33.61 6.06
N ALA A 76 -40.97 32.88 6.14
CA ALA A 76 -42.29 33.49 6.14
C ALA A 76 -42.75 33.77 7.57
N ASP A 77 -42.09 33.14 8.54
CA ASP A 77 -42.29 33.42 9.95
C ASP A 77 -41.03 34.05 10.53
N GLN A 78 -41.11 34.49 11.78
CA GLN A 78 -39.99 35.18 12.41
C GLN A 78 -38.80 34.23 12.61
N ARG A 79 -39.12 32.97 12.92
CA ARG A 79 -38.11 31.93 13.10
C ARG A 79 -37.17 31.84 11.89
N GLY A 80 -37.76 31.72 10.71
CA GLY A 80 -36.98 31.62 9.48
C GLY A 80 -36.17 32.88 9.19
N LYS A 81 -36.75 34.04 9.49
CA LYS A 81 -36.05 35.30 9.31
C LYS A 81 -34.83 35.36 10.23
N ASP A 82 -34.99 34.84 11.45
CA ASP A 82 -33.88 34.75 12.38
C ASP A 82 -32.80 33.78 11.88
N LYS A 83 -33.22 32.59 11.45
CA LYS A 83 -32.30 31.63 10.85
C LYS A 83 -31.50 32.29 9.71
N CYS A 84 -32.21 33.03 8.87
CA CYS A 84 -31.60 33.73 7.74
C CYS A 84 -30.52 34.72 8.18
N ALA A 85 -30.91 35.68 9.01
CA ALA A 85 -29.99 36.69 9.53
C ALA A 85 -28.79 36.01 10.18
N ARG A 86 -29.06 34.96 10.93
CA ARG A 86 -28.01 34.16 11.57
C ARG A 86 -27.01 33.66 10.53
N ASP A 87 -27.51 32.90 9.55
CA ASP A 87 -26.64 32.34 8.51
C ASP A 87 -25.80 33.41 7.81
N ILE A 88 -26.46 34.50 7.39
CA ILE A 88 -25.73 35.57 6.71
C ILE A 88 -24.65 36.14 7.64
N GLY A 89 -25.01 36.30 8.91
CA GLY A 89 -24.05 36.69 9.93
C GLY A 89 -22.86 35.76 9.98
N TYR A 90 -23.13 34.46 9.97
CA TYR A 90 -22.06 33.46 9.94
C TYR A 90 -21.13 33.70 8.75
N TYR A 91 -21.72 33.82 7.56
CA TYR A 91 -20.93 34.10 6.35
C TYR A 91 -20.02 35.32 6.53
N LEU A 92 -20.62 36.44 6.93
CA LEU A 92 -19.85 37.66 7.15
C LEU A 92 -18.69 37.45 8.13
N ARG A 93 -19.02 36.84 9.27
CA ARG A 93 -18.03 36.57 10.30
C ARG A 93 -16.89 35.71 9.74
N MET A 94 -17.23 34.72 8.92
CA MET A 94 -16.22 33.90 8.26
C MET A 94 -15.32 34.78 7.39
N VAL A 95 -15.92 35.67 6.59
CA VAL A 95 -15.12 36.60 5.79
C VAL A 95 -14.13 37.39 6.66
N THR A 96 -14.61 37.94 7.77
CA THR A 96 -13.71 38.64 8.69
C THR A 96 -12.58 37.72 9.17
N TYR A 97 -12.94 36.52 9.61
CA TYR A 97 -11.94 35.53 10.03
C TYR A 97 -10.90 35.31 8.93
N CYS A 98 -11.36 35.17 7.69
CA CYS A 98 -10.45 34.97 6.57
C CYS A 98 -9.52 36.16 6.43
N LEU A 99 -10.05 37.36 6.56
CA LEU A 99 -9.21 38.55 6.56
C LEU A 99 -8.16 38.50 7.66
N ILE A 100 -8.58 38.10 8.86
CA ILE A 100 -7.65 37.95 9.98
C ILE A 100 -6.55 36.92 9.67
N ALA A 101 -6.96 35.76 9.17
CA ALA A 101 -6.02 34.67 8.95
C ALA A 101 -5.15 34.88 7.72
N GLY A 102 -5.69 35.54 6.71
CA GLY A 102 -4.98 35.75 5.46
C GLY A 102 -5.21 34.60 4.48
N GLY A 103 -6.30 33.88 4.67
CA GLY A 103 -6.64 32.75 3.82
C GLY A 103 -8.05 32.26 4.04
N THR A 104 -8.48 31.30 3.24
CA THR A 104 -9.83 30.77 3.30
C THR A 104 -10.02 29.75 4.42
N GLY A 105 -8.96 29.50 5.19
CA GLY A 105 -8.93 28.46 6.20
C GLY A 105 -10.15 28.38 7.11
N PRO A 106 -10.41 29.47 7.86
CA PRO A 106 -11.55 29.49 8.78
C PRO A 106 -12.88 29.17 8.08
N MET A 107 -13.14 29.83 6.95
CA MET A 107 -14.36 29.60 6.20
C MET A 107 -14.43 28.15 5.75
N ASP A 108 -13.30 27.63 5.26
CA ASP A 108 -13.22 26.24 4.84
C ASP A 108 -13.60 25.30 5.97
N GLU A 109 -12.97 25.48 7.13
CA GLU A 109 -13.17 24.56 8.23
C GLU A 109 -14.53 24.69 8.91
N TYR A 110 -15.02 25.93 9.04
CA TYR A 110 -16.23 26.19 9.80
C TYR A 110 -17.52 26.21 8.97
N LEU A 111 -17.38 26.38 7.66
CA LEU A 111 -18.55 26.62 6.80
C LEU A 111 -18.57 25.78 5.53
N ILE A 112 -17.49 25.84 4.75
CA ILE A 112 -17.49 25.23 3.42
C ILE A 112 -17.60 23.71 3.52
N ALA A 113 -16.81 23.12 4.40
CA ALA A 113 -16.84 21.68 4.60
C ALA A 113 -18.24 21.24 5.02
N GLY A 114 -18.98 20.66 4.07
CA GLY A 114 -20.30 20.14 4.33
C GLY A 114 -21.44 21.09 3.96
N ILE A 115 -21.12 22.20 3.32
CA ILE A 115 -22.14 23.18 2.99
C ILE A 115 -23.17 22.59 2.00
N ASP A 116 -22.69 21.79 1.06
CA ASP A 116 -23.57 21.13 0.10
C ASP A 116 -24.55 20.24 0.84
N GLU A 117 -24.02 19.42 1.76
CA GLU A 117 -24.84 18.52 2.56
C GLU A 117 -25.95 19.27 3.29
N ILE A 118 -25.57 20.37 3.95
CA ILE A 118 -26.50 21.16 4.73
C ILE A 118 -27.56 21.79 3.83
N ASN A 119 -27.12 22.43 2.75
CA ASN A 119 -28.06 23.06 1.82
C ASN A 119 -29.01 22.05 1.20
N ARG A 120 -28.49 20.88 0.84
CA ARG A 120 -29.31 19.83 0.23
C ARG A 120 -30.31 19.27 1.24
N THR A 121 -29.80 18.93 2.43
CA THR A 121 -30.63 18.32 3.47
C THR A 121 -31.75 19.26 3.90
N PHE A 122 -31.39 20.49 4.26
CA PHE A 122 -32.37 21.43 4.80
C PHE A 122 -33.06 22.25 3.70
N GLU A 123 -32.78 21.90 2.44
CA GLU A 123 -33.51 22.47 1.31
C GLU A 123 -33.32 23.98 1.20
N LEU A 124 -32.08 24.44 1.42
CA LEU A 124 -31.74 25.86 1.30
C LEU A 124 -31.09 26.11 -0.05
N SER A 125 -31.58 27.09 -0.78
CA SER A 125 -31.04 27.39 -2.11
C SER A 125 -29.72 28.13 -2.02
N PRO A 126 -28.65 27.60 -2.63
CA PRO A 126 -27.35 28.28 -2.67
C PRO A 126 -27.42 29.71 -3.22
N SER A 127 -28.38 29.96 -4.11
CA SER A 127 -28.50 31.23 -4.79
C SER A 127 -28.87 32.36 -3.82
N TRP A 128 -29.66 32.02 -2.81
CA TRP A 128 -30.02 32.96 -1.76
C TRP A 128 -28.75 33.57 -1.15
N TYR A 129 -27.85 32.70 -0.74
CA TYR A 129 -26.61 33.11 -0.10
C TYR A 129 -25.69 33.81 -1.10
N ILE A 130 -25.70 33.35 -2.34
CA ILE A 130 -24.97 34.04 -3.39
C ILE A 130 -25.48 35.48 -3.51
N GLU A 131 -26.80 35.64 -3.43
CA GLU A 131 -27.40 36.96 -3.49
C GLU A 131 -27.01 37.80 -2.28
N ALA A 132 -27.02 37.18 -1.10
CA ALA A 132 -26.55 37.86 0.12
C ALA A 132 -25.10 38.34 -0.03
N LEU A 133 -24.25 37.46 -0.53
CA LEU A 133 -22.83 37.75 -0.68
C LEU A 133 -22.59 38.85 -1.71
N LYS A 134 -23.22 38.74 -2.88
CA LYS A 134 -23.12 39.76 -3.91
C LYS A 134 -23.45 41.14 -3.36
N TYR A 135 -24.41 41.18 -2.45
CA TYR A 135 -24.86 42.44 -1.85
C TYR A 135 -23.84 42.94 -0.83
N ILE A 136 -23.42 42.06 0.08
CA ILE A 136 -22.38 42.41 1.04
C ILE A 136 -21.17 42.98 0.31
N LYS A 137 -20.83 42.35 -0.81
CA LYS A 137 -19.72 42.77 -1.64
C LYS A 137 -19.90 44.21 -2.14
N ALA A 138 -21.15 44.58 -2.42
CA ALA A 138 -21.45 45.90 -2.95
C ALA A 138 -21.47 46.97 -1.84
N ASN A 139 -21.88 46.57 -0.64
CA ASN A 139 -22.20 47.54 0.42
C ASN A 139 -21.12 47.67 1.52
N HIS A 140 -20.06 46.88 1.48
CA HIS A 140 -19.10 46.87 2.60
C HIS A 140 -18.24 48.13 2.68
N GLY A 141 -18.24 48.93 1.62
CA GLY A 141 -17.58 50.23 1.64
C GLY A 141 -16.05 50.21 1.69
N LEU A 142 -15.47 49.02 1.79
CA LEU A 142 -14.01 48.89 1.79
C LEU A 142 -13.40 49.43 0.51
N SER A 143 -12.10 49.69 0.55
CA SER A 143 -11.35 50.07 -0.64
C SER A 143 -9.92 49.58 -0.54
N GLY A 144 -9.19 49.63 -1.65
CA GLY A 144 -7.80 49.20 -1.68
C GLY A 144 -7.63 47.71 -1.48
N ASP A 145 -6.43 47.30 -1.12
CA ASP A 145 -6.09 45.88 -0.93
C ASP A 145 -7.04 45.21 0.05
N ALA A 146 -7.56 46.00 0.98
CA ALA A 146 -8.57 45.54 1.93
C ALA A 146 -9.76 44.96 1.18
N ALA A 147 -10.37 45.80 0.36
CA ALA A 147 -11.53 45.42 -0.44
C ALA A 147 -11.20 44.27 -1.38
N VAL A 148 -10.04 44.32 -2.02
CA VAL A 148 -9.63 43.27 -2.94
C VAL A 148 -9.57 41.92 -2.21
N GLU A 149 -8.88 41.90 -1.08
CA GLU A 149 -8.76 40.69 -0.28
C GLU A 149 -10.13 40.19 0.20
N ALA A 150 -10.93 41.09 0.75
CA ALA A 150 -12.26 40.71 1.24
C ALA A 150 -13.13 40.13 0.13
N ASN A 151 -13.12 40.79 -1.01
CA ASN A 151 -13.91 40.34 -2.15
C ASN A 151 -13.41 39.00 -2.68
N SER A 152 -12.11 38.75 -2.57
CA SER A 152 -11.58 37.41 -2.86
C SER A 152 -12.29 36.32 -2.06
N TYR A 153 -12.46 36.53 -0.76
CA TYR A 153 -13.13 35.58 0.10
C TYR A 153 -14.63 35.51 -0.19
N LEU A 154 -15.24 36.67 -0.41
CA LEU A 154 -16.64 36.71 -0.82
C LEU A 154 -16.88 35.87 -2.06
N ASP A 155 -16.09 36.11 -3.10
CA ASP A 155 -16.20 35.38 -4.36
C ASP A 155 -15.85 33.92 -4.18
N TYR A 156 -14.97 33.62 -3.22
CA TYR A 156 -14.65 32.25 -2.89
C TYR A 156 -15.89 31.54 -2.32
N ALA A 157 -16.55 32.20 -1.37
CA ALA A 157 -17.80 31.67 -0.84
C ALA A 157 -18.81 31.50 -1.95
N ILE A 158 -18.89 32.49 -2.84
CA ILE A 158 -19.77 32.40 -4.00
C ILE A 158 -19.43 31.19 -4.88
N ASN A 159 -18.14 30.96 -5.11
CA ASN A 159 -17.71 29.82 -5.91
C ASN A 159 -18.02 28.49 -5.22
N ALA A 160 -17.89 28.46 -3.91
CA ALA A 160 -18.23 27.27 -3.14
C ALA A 160 -19.72 26.94 -3.24
N LEU A 161 -20.52 27.93 -3.61
CA LEU A 161 -21.98 27.78 -3.68
C LEU A 161 -22.47 27.50 -5.11
N SER A 162 -21.56 27.55 -6.07
CA SER A 162 -21.92 27.38 -7.48
C SER A 162 -20.96 26.42 -8.18
N MET B 1 -3.26 23.76 11.07
CA MET B 1 -2.87 23.92 12.51
C MET B 1 -2.95 25.41 12.79
N PHE B 2 -2.48 25.85 13.96
CA PHE B 2 -2.67 27.24 14.35
C PHE B 2 -1.43 28.11 14.23
N ASP B 3 -1.64 29.32 13.73
CA ASP B 3 -0.66 30.38 13.83
C ASP B 3 -1.23 31.43 14.80
N ALA B 4 -0.54 32.56 14.93
CA ALA B 4 -0.98 33.60 15.84
C ALA B 4 -2.37 34.12 15.47
N PHE B 5 -2.72 34.05 14.19
CA PHE B 5 -4.00 34.56 13.70
C PHE B 5 -5.13 33.56 13.92
N THR B 6 -4.96 32.35 13.39
CA THR B 6 -6.02 31.37 13.39
C THR B 6 -6.33 30.82 14.78
N LYS B 7 -5.39 30.96 15.71
CA LYS B 7 -5.62 30.54 17.10
C LYS B 7 -6.74 31.41 17.67
N VAL B 8 -6.59 32.72 17.52
CA VAL B 8 -7.56 33.68 17.99
C VAL B 8 -8.88 33.49 17.25
N VAL B 9 -8.80 33.29 15.94
CA VAL B 9 -9.97 33.03 15.13
C VAL B 9 -10.72 31.81 15.66
N SER B 10 -9.98 30.74 15.96
CA SER B 10 -10.58 29.52 16.46
C SER B 10 -11.22 29.77 17.81
N GLN B 11 -10.52 30.50 18.66
CA GLN B 11 -11.08 30.89 19.95
C GLN B 11 -12.37 31.68 19.76
N ALA B 12 -12.37 32.58 18.77
CA ALA B 12 -13.53 33.42 18.52
C ALA B 12 -14.71 32.65 17.95
N ASP B 13 -14.44 31.72 17.03
CA ASP B 13 -15.50 30.96 16.37
C ASP B 13 -16.35 30.17 17.36
N THR B 14 -15.70 29.59 18.35
CA THR B 14 -16.39 28.77 19.34
C THR B 14 -17.37 29.59 20.17
N ARG B 15 -17.15 30.90 20.23
CA ARG B 15 -18.04 31.79 20.96
C ARG B 15 -19.04 32.47 20.03
N GLY B 16 -18.92 32.20 18.74
CA GLY B 16 -19.78 32.81 17.73
C GLY B 16 -19.64 34.31 17.71
N GLU B 17 -18.38 34.78 17.76
CA GLU B 17 -18.09 36.20 17.86
C GLU B 17 -16.99 36.62 16.91
N MET B 18 -17.02 37.90 16.53
CA MET B 18 -15.97 38.48 15.71
C MET B 18 -14.88 39.00 16.63
N LEU B 19 -13.65 39.05 16.11
CA LEU B 19 -12.53 39.54 16.89
C LEU B 19 -12.82 40.95 17.38
N SER B 20 -12.61 41.18 18.68
CA SER B 20 -12.72 42.51 19.24
C SER B 20 -11.61 43.38 18.67
N THR B 21 -11.73 44.69 18.84
CA THR B 21 -10.73 45.61 18.31
C THR B 21 -9.40 45.41 19.04
N ALA B 22 -9.47 45.03 20.31
CA ALA B 22 -8.27 44.77 21.10
C ALA B 22 -7.53 43.55 20.56
N GLN B 23 -8.29 42.48 20.33
CA GLN B 23 -7.74 41.25 19.77
C GLN B 23 -7.04 41.52 18.45
N ILE B 24 -7.62 42.42 17.65
CA ILE B 24 -7.03 42.80 16.36
C ILE B 24 -5.77 43.63 16.58
N ASP B 25 -5.87 44.64 17.45
CA ASP B 25 -4.74 45.52 17.74
C ASP B 25 -3.52 44.72 18.23
N ALA B 26 -3.77 43.72 19.06
CA ALA B 26 -2.71 42.83 19.51
C ALA B 26 -2.01 42.19 18.31
N LEU B 27 -2.80 41.62 17.41
CA LEU B 27 -2.27 40.97 16.22
C LEU B 27 -1.52 41.97 15.34
N SER B 28 -2.04 43.19 15.26
CA SER B 28 -1.35 44.26 14.55
C SER B 28 0.01 44.53 15.19
N GLN B 29 0.03 44.55 16.52
CA GLN B 29 1.29 44.73 17.24
C GLN B 29 2.24 43.59 16.94
N MET B 30 1.72 42.37 16.87
CA MET B 30 2.54 41.24 16.46
C MET B 30 3.10 41.43 15.05
N VAL B 31 2.24 41.88 14.13
CA VAL B 31 2.65 42.14 12.75
C VAL B 31 3.73 43.21 12.68
N ALA B 32 3.59 44.24 13.51
CA ALA B 32 4.56 45.33 13.54
C ALA B 32 5.98 44.86 13.82
N GLU B 33 6.11 43.71 14.48
CA GLU B 33 7.42 43.22 14.91
C GLU B 33 7.84 41.93 14.19
N SER B 34 7.19 41.65 13.06
CA SER B 34 7.37 40.38 12.36
C SER B 34 8.73 40.22 11.70
N ASN B 35 9.37 41.33 11.32
CA ASN B 35 10.69 41.26 10.69
C ASN B 35 11.70 40.59 11.61
N LYS B 36 11.67 40.97 12.88
CA LYS B 36 12.52 40.37 13.90
C LYS B 36 12.29 38.87 13.98
N ARG B 37 11.01 38.50 14.08
CA ARG B 37 10.60 37.09 14.10
C ARG B 37 11.26 36.30 12.97
N LEU B 38 11.16 36.81 11.76
CA LEU B 38 11.77 36.11 10.62
C LEU B 38 13.28 36.19 10.67
N ASP B 39 13.83 37.28 11.19
CA ASP B 39 15.28 37.37 11.40
C ASP B 39 15.78 36.25 12.30
N VAL B 40 15.07 35.97 13.39
CA VAL B 40 15.49 34.87 14.26
C VAL B 40 15.26 33.51 13.61
N VAL B 41 14.17 33.35 12.87
CA VAL B 41 13.97 32.10 12.13
C VAL B 41 15.20 31.87 11.26
N ASN B 42 15.56 32.90 10.50
CA ASN B 42 16.73 32.85 9.65
C ASN B 42 18.00 32.54 10.43
N ARG B 43 18.20 33.24 11.54
CA ARG B 43 19.41 33.10 12.33
C ARG B 43 19.55 31.71 12.97
N ILE B 44 18.49 31.20 13.57
CA ILE B 44 18.53 29.86 14.13
C ILE B 44 18.71 28.84 13.03
N THR B 45 17.91 28.95 11.97
CA THR B 45 17.98 28.01 10.85
C THR B 45 19.38 27.95 10.24
N SER B 46 19.98 29.12 10.00
CA SER B 46 21.29 29.19 9.37
C SER B 46 22.35 28.54 10.23
N ASN B 47 22.12 28.51 11.54
CA ASN B 47 23.08 27.93 12.47
C ASN B 47 22.70 26.53 12.96
N ALA B 48 21.76 25.90 12.27
CA ALA B 48 21.19 24.62 12.69
C ALA B 48 22.25 23.59 13.11
N SER B 49 23.09 23.19 12.16
CA SER B 49 24.08 22.15 12.39
C SER B 49 25.00 22.50 13.55
N THR B 50 25.43 23.76 13.61
CA THR B 50 26.31 24.24 14.67
C THR B 50 25.63 24.12 16.03
N ILE B 51 24.42 24.64 16.12
CA ILE B 51 23.62 24.58 17.33
C ILE B 51 23.49 23.12 17.80
N VAL B 52 23.01 22.26 16.91
CA VAL B 52 22.83 20.84 17.23
C VAL B 52 24.13 20.18 17.69
N SER B 53 25.18 20.31 16.88
CA SER B 53 26.43 19.60 17.15
C SER B 53 27.12 20.13 18.41
N ASN B 54 27.09 21.44 18.61
CA ASN B 54 27.66 22.04 19.82
C ASN B 54 26.91 21.54 21.05
N ALA B 55 25.58 21.63 21.01
CA ALA B 55 24.76 21.15 22.11
C ALA B 55 25.03 19.67 22.40
N ALA B 56 25.12 18.87 21.34
CA ALA B 56 25.40 17.44 21.46
C ALA B 56 26.74 17.18 22.13
N ARG B 57 27.79 17.81 21.61
CA ARG B 57 29.14 17.65 22.16
C ARG B 57 29.17 18.05 23.63
N SER B 58 28.54 19.17 23.96
CA SER B 58 28.42 19.59 25.34
C SER B 58 27.75 18.49 26.17
N LEU B 59 26.56 18.10 25.73
CA LEU B 59 25.78 17.07 26.40
C LEU B 59 26.57 15.80 26.67
N PHE B 60 27.31 15.34 25.66
CA PHE B 60 28.12 14.14 25.81
C PHE B 60 29.32 14.40 26.71
N ALA B 61 29.82 15.63 26.69
CA ALA B 61 30.91 16.00 27.59
C ALA B 61 30.46 15.96 29.05
N GLU B 62 29.29 16.51 29.36
CA GLU B 62 28.81 16.47 30.74
C GLU B 62 28.17 15.13 31.12
N GLN B 63 27.74 14.36 30.13
CA GLN B 63 27.06 13.09 30.40
C GLN B 63 27.67 11.97 29.58
N PRO B 64 28.91 11.58 29.94
CA PRO B 64 29.68 10.58 29.18
C PRO B 64 29.09 9.18 29.26
N GLN B 65 28.15 8.95 30.18
CA GLN B 65 27.48 7.66 30.26
C GLN B 65 26.65 7.39 29.01
N LEU B 66 26.28 8.46 28.31
CA LEU B 66 25.47 8.35 27.09
C LEU B 66 26.26 7.73 25.94
N ILE B 67 27.55 8.06 25.86
CA ILE B 67 28.38 7.62 24.74
C ILE B 67 29.33 6.47 25.11
N ALA B 68 29.37 6.12 26.40
CA ALA B 68 30.11 4.93 26.82
C ALA B 68 29.44 3.72 26.23
N PRO B 69 30.21 2.64 25.98
CA PRO B 69 29.60 1.41 25.47
C PRO B 69 28.44 0.96 26.36
N GLY B 70 27.26 0.83 25.76
CA GLY B 70 26.06 0.49 26.51
C GLY B 70 25.18 1.70 26.77
N GLY B 71 25.73 2.88 26.51
CA GLY B 71 24.95 4.10 26.61
C GLY B 71 23.94 4.17 25.48
N ASN B 72 22.87 4.91 25.66
CA ASN B 72 21.81 4.97 24.66
C ASN B 72 22.25 5.72 23.40
N ALA B 73 23.34 6.47 23.49
CA ALA B 73 23.86 7.23 22.35
C ALA B 73 25.12 6.58 21.76
N TYR B 74 25.50 5.42 22.28
CA TYR B 74 26.65 4.69 21.78
C TYR B 74 26.26 3.92 20.52
N THR B 75 27.25 3.66 19.66
CA THR B 75 27.05 3.18 18.29
C THR B 75 26.56 4.32 17.40
N SER B 76 26.99 4.31 16.14
CA SER B 76 26.72 5.41 15.23
C SER B 76 25.25 5.52 14.83
N THR B 77 24.52 4.41 14.85
CA THR B 77 23.10 4.43 14.49
C THR B 77 22.33 5.24 15.53
N ARG B 78 22.65 5.01 16.79
CA ARG B 78 21.97 5.67 17.89
C ARG B 78 22.45 7.10 18.05
N MET B 79 23.73 7.33 17.76
CA MET B 79 24.30 8.67 17.75
C MET B 79 23.63 9.50 16.65
N ALA B 80 23.44 8.88 15.48
CA ALA B 80 22.76 9.53 14.37
C ALA B 80 21.32 9.88 14.76
N ALA B 81 20.59 8.90 15.26
CA ALA B 81 19.21 9.10 15.70
C ALA B 81 19.14 10.23 16.73
N CYS B 82 20.07 10.19 17.67
CA CYS B 82 20.18 11.20 18.71
C CYS B 82 20.34 12.62 18.13
N LEU B 83 21.37 12.76 17.32
CA LEU B 83 21.61 14.01 16.60
C LEU B 83 20.35 14.47 15.86
N ARG B 84 19.69 13.54 15.17
CA ARG B 84 18.50 13.92 14.41
C ARG B 84 17.35 14.33 15.32
N ASP B 85 17.22 13.68 16.47
CA ASP B 85 16.18 14.07 17.41
C ASP B 85 16.39 15.52 17.80
N MET B 86 17.63 15.85 18.13
CA MET B 86 17.97 17.24 18.42
C MET B 86 17.57 18.16 17.25
N GLU B 87 18.01 17.80 16.06
CA GLU B 87 17.68 18.56 14.86
C GLU B 87 16.17 18.75 14.66
N ILE B 88 15.41 17.67 14.83
CA ILE B 88 13.97 17.69 14.69
C ILE B 88 13.35 18.67 15.69
N ILE B 89 13.67 18.48 16.96
CA ILE B 89 13.15 19.34 18.00
C ILE B 89 13.44 20.80 17.67
N LEU B 90 14.68 21.09 17.29
CA LEU B 90 15.03 22.45 16.89
C LEU B 90 14.15 22.92 15.74
N ARG B 91 14.00 22.08 14.73
CA ARG B 91 13.20 22.40 13.55
C ARG B 91 11.76 22.78 13.93
N TYR B 92 11.10 21.92 14.70
CA TYR B 92 9.72 22.21 15.11
C TYR B 92 9.63 23.45 16.01
N VAL B 93 10.69 23.73 16.75
CA VAL B 93 10.75 24.97 17.53
C VAL B 93 10.80 26.18 16.58
N THR B 94 11.64 26.11 15.55
CA THR B 94 11.67 27.17 14.55
C THR B 94 10.32 27.32 13.88
N TYR B 95 9.64 26.19 13.63
CA TYR B 95 8.26 26.22 13.14
C TYR B 95 7.36 27.01 14.10
N ALA B 96 7.51 26.77 15.39
CA ALA B 96 6.72 27.48 16.39
C ALA B 96 7.02 28.97 16.36
N VAL B 97 8.31 29.34 16.31
CA VAL B 97 8.69 30.74 16.22
C VAL B 97 8.11 31.38 14.96
N PHE B 98 8.18 30.67 13.85
CA PHE B 98 7.67 31.16 12.58
C PHE B 98 6.16 31.34 12.62
N ALA B 99 5.46 30.34 13.16
CA ALA B 99 4.00 30.32 13.16
C ALA B 99 3.42 31.32 14.16
N GLY B 100 4.17 31.60 15.21
CA GLY B 100 3.68 32.46 16.28
C GLY B 100 2.74 31.71 17.19
N ASP B 101 2.79 30.38 17.14
CA ASP B 101 1.96 29.53 17.98
C ASP B 101 2.65 28.19 18.21
N ALA B 102 2.41 27.60 19.38
CA ALA B 102 3.11 26.39 19.79
C ALA B 102 2.45 25.12 19.27
N SER B 103 1.35 25.26 18.53
CA SER B 103 0.54 24.11 18.13
C SER B 103 1.30 23.08 17.31
N VAL B 104 2.11 23.54 16.36
CA VAL B 104 2.87 22.64 15.51
C VAL B 104 3.80 21.75 16.35
N LEU B 105 4.53 22.40 17.24
CA LEU B 105 5.49 21.72 18.10
C LEU B 105 4.76 20.73 18.99
N GLU B 106 3.64 21.16 19.54
CA GLU B 106 2.80 20.30 20.36
C GLU B 106 2.37 19.05 19.59
N ASP B 107 1.63 19.27 18.51
CA ASP B 107 0.90 18.21 17.85
C ASP B 107 1.76 17.29 16.99
N ARG B 108 2.76 17.86 16.32
CA ARG B 108 3.54 17.09 15.35
C ARG B 108 4.87 16.56 15.87
N CYS B 109 5.23 16.91 17.10
CA CYS B 109 6.55 16.54 17.63
C CYS B 109 6.52 15.99 19.05
N LEU B 110 6.12 16.83 20.01
CA LEU B 110 6.23 16.50 21.42
C LEU B 110 5.22 15.46 21.89
N ASN B 111 4.01 15.53 21.34
CA ASN B 111 2.93 14.63 21.74
C ASN B 111 3.29 13.15 21.53
N GLY B 112 3.42 12.43 22.65
CA GLY B 112 3.71 11.00 22.61
C GLY B 112 5.19 10.67 22.49
N LEU B 113 6.03 11.67 22.76
CA LEU B 113 7.47 11.53 22.58
C LEU B 113 8.12 10.94 23.83
N ARG B 114 7.59 11.29 24.98
CA ARG B 114 8.09 10.78 26.25
C ARG B 114 7.87 9.27 26.35
N GLU B 115 6.66 8.85 26.02
CA GLU B 115 6.30 7.45 26.04
C GLU B 115 7.20 6.69 25.06
N THR B 116 7.46 7.31 23.92
CA THR B 116 8.38 6.77 22.93
C THR B 116 9.75 6.55 23.55
N TYR B 117 10.32 7.62 24.12
CA TYR B 117 11.62 7.52 24.77
C TYR B 117 11.62 6.49 25.90
N LEU B 118 10.50 6.38 26.62
CA LEU B 118 10.39 5.44 27.72
C LEU B 118 10.48 4.02 27.16
N ALA B 119 9.66 3.74 26.16
CA ALA B 119 9.63 2.43 25.52
C ALA B 119 10.99 2.08 24.94
N LEU B 120 11.69 3.07 24.39
CA LEU B 120 13.01 2.85 23.82
C LEU B 120 14.11 2.61 24.86
N GLY B 121 13.98 3.23 26.03
CA GLY B 121 15.02 3.19 27.04
C GLY B 121 15.91 4.42 26.96
N THR B 122 15.48 5.39 26.15
CA THR B 122 16.21 6.63 26.00
C THR B 122 15.90 7.55 27.19
N PRO B 123 16.93 8.08 27.86
CA PRO B 123 16.65 8.95 29.01
C PRO B 123 16.21 10.34 28.59
N GLY B 124 14.92 10.62 28.72
CA GLY B 124 14.34 11.89 28.29
C GLY B 124 14.97 13.09 28.96
N SER B 125 15.45 12.89 30.19
CA SER B 125 16.12 13.95 30.93
C SER B 125 17.31 14.47 30.13
N SER B 126 18.14 13.57 29.63
CA SER B 126 19.30 13.94 28.82
C SER B 126 18.88 14.72 27.58
N VAL B 127 17.80 14.25 26.95
CA VAL B 127 17.23 14.94 25.81
C VAL B 127 16.93 16.39 26.21
N ALA B 128 16.23 16.53 27.33
CA ALA B 128 15.90 17.85 27.84
C ALA B 128 17.14 18.74 28.03
N VAL B 129 18.21 18.18 28.59
CA VAL B 129 19.44 18.95 28.78
C VAL B 129 19.96 19.41 27.42
N GLY B 130 19.96 18.49 26.46
CA GLY B 130 20.32 18.81 25.08
C GLY B 130 19.51 19.99 24.54
N VAL B 131 18.19 19.90 24.69
CA VAL B 131 17.31 21.00 24.27
C VAL B 131 17.66 22.30 24.99
N GLY B 132 17.99 22.21 26.27
CA GLY B 132 18.41 23.37 27.04
C GLY B 132 19.62 24.04 26.41
N LYS B 133 20.65 23.24 26.14
CA LYS B 133 21.84 23.76 25.47
C LYS B 133 21.51 24.38 24.12
N MET B 134 20.67 23.71 23.34
CA MET B 134 20.21 24.27 22.08
C MET B 134 19.51 25.62 22.29
N LYS B 135 18.68 25.71 23.32
CA LYS B 135 18.00 26.96 23.65
C LYS B 135 19.02 28.07 23.90
N GLU B 136 19.97 27.81 24.79
CA GLU B 136 21.02 28.78 25.10
C GLU B 136 21.75 29.25 23.83
N ALA B 137 22.25 28.29 23.06
CA ALA B 137 22.99 28.61 21.84
C ALA B 137 22.14 29.44 20.88
N ALA B 138 20.95 28.96 20.59
CA ALA B 138 20.04 29.65 19.67
C ALA B 138 19.77 31.08 20.14
N LEU B 139 19.42 31.25 21.40
CA LEU B 139 19.12 32.57 21.94
C LEU B 139 20.33 33.50 21.90
N ALA B 140 21.52 32.97 22.17
CA ALA B 140 22.73 33.77 22.02
C ALA B 140 22.90 34.23 20.57
N ILE B 141 22.58 33.34 19.63
CA ILE B 141 22.68 33.65 18.20
C ILE B 141 21.64 34.68 17.76
N VAL B 142 20.43 34.56 18.30
CA VAL B 142 19.36 35.50 17.94
C VAL B 142 19.71 36.92 18.35
N ASN B 143 20.45 37.07 19.44
CA ASN B 143 20.74 38.41 19.97
C ASN B 143 21.80 39.16 19.15
N ASP B 144 23.07 38.77 19.26
CA ASP B 144 24.08 39.10 18.24
C ASP B 144 23.87 40.42 17.48
N PRO B 145 24.15 41.58 18.10
CA PRO B 145 23.88 42.87 17.44
C PRO B 145 24.55 43.04 16.06
N ALA B 146 25.49 42.19 15.72
CA ALA B 146 26.19 42.28 14.43
C ALA B 146 25.28 42.06 13.23
N GLY B 147 25.52 42.83 12.17
CA GLY B 147 24.87 42.63 10.88
C GLY B 147 23.36 42.69 10.91
N ILE B 148 22.79 43.62 11.67
CA ILE B 148 21.35 43.75 11.77
C ILE B 148 20.94 45.14 12.27
N THR B 149 19.77 45.59 11.85
CA THR B 149 19.22 46.85 12.31
C THR B 149 18.92 46.74 13.81
N PRO B 150 19.52 47.60 14.65
CA PRO B 150 19.34 47.42 16.09
C PRO B 150 17.94 47.77 16.58
N GLY B 151 17.52 47.08 17.65
CA GLY B 151 16.22 47.30 18.24
C GLY B 151 15.99 46.32 19.37
N ASP B 152 14.85 46.44 20.04
CA ASP B 152 14.52 45.56 21.15
C ASP B 152 13.67 44.39 20.66
N CYS B 153 14.08 43.18 21.04
CA CYS B 153 13.38 41.96 20.65
C CYS B 153 13.27 41.02 21.85
N SER B 154 13.12 41.61 23.03
CA SER B 154 13.09 40.88 24.28
C SER B 154 11.90 39.91 24.34
N ALA B 155 10.74 40.41 23.95
CA ALA B 155 9.50 39.61 24.00
C ALA B 155 9.64 38.37 23.13
N LEU B 156 10.18 38.57 21.93
CA LEU B 156 10.38 37.48 21.00
C LEU B 156 11.32 36.42 21.59
N ALA B 157 12.42 36.86 22.16
CA ALA B 157 13.38 35.97 22.81
C ALA B 157 12.67 35.15 23.89
N SER B 158 11.85 35.83 24.68
CA SER B 158 11.04 35.15 25.69
C SER B 158 10.17 34.07 25.06
N GLU B 159 9.45 34.43 24.02
CA GLU B 159 8.60 33.48 23.30
C GLU B 159 9.39 32.24 22.84
N ILE B 160 10.54 32.49 22.21
CA ILE B 160 11.44 31.42 21.77
C ILE B 160 11.80 30.50 22.94
N ALA B 161 12.29 31.11 24.01
CA ALA B 161 12.62 30.38 25.22
C ALA B 161 11.41 29.54 25.68
N SER B 162 10.22 30.13 25.56
CA SER B 162 8.99 29.42 25.89
C SER B 162 8.88 28.12 25.09
N TYR B 163 8.98 28.22 23.77
CA TYR B 163 8.93 27.02 22.93
C TYR B 163 9.98 25.98 23.30
N PHE B 164 11.23 26.43 23.49
CA PHE B 164 12.27 25.51 23.92
C PHE B 164 11.93 24.81 25.25
N ASP B 165 11.44 25.60 26.20
CA ASP B 165 11.04 25.07 27.51
C ASP B 165 9.95 24.02 27.35
N ARG B 166 9.00 24.31 26.45
CA ARG B 166 7.96 23.34 26.12
C ARG B 166 8.56 21.99 25.72
N ALA B 167 9.50 22.02 24.78
CA ALA B 167 10.16 20.80 24.32
C ALA B 167 10.87 20.08 25.47
N CYS B 168 11.73 20.83 26.17
CA CYS B 168 12.50 20.28 27.28
C CYS B 168 11.58 19.64 28.32
N ALA B 169 10.44 20.29 28.56
CA ALA B 169 9.45 19.77 29.51
C ALA B 169 8.79 18.51 28.97
N ALA B 170 8.41 18.55 27.71
CA ALA B 170 7.68 17.45 27.09
C ALA B 170 8.47 16.15 27.08
N VAL B 171 9.77 16.24 26.78
CA VAL B 171 10.57 15.01 26.64
C VAL B 171 10.88 14.25 27.95
N SER B 172 11.19 14.96 29.02
CA SER B 172 11.57 14.31 30.28
C SER B 172 10.39 13.58 30.87
N MET C 1 12.05 21.84 -7.81
CA MET C 1 12.68 23.16 -7.58
C MET C 1 11.90 23.96 -6.55
N LYS C 2 12.48 24.12 -5.37
CA LYS C 2 11.84 24.89 -4.31
C LYS C 2 11.94 26.39 -4.59
N THR C 3 10.84 26.96 -5.06
CA THR C 3 10.70 28.41 -5.17
C THR C 3 9.33 28.74 -4.58
N PRO C 4 9.12 30.01 -4.20
CA PRO C 4 7.81 30.39 -3.64
C PRO C 4 6.66 30.14 -4.60
N LEU C 5 6.81 30.53 -5.87
CA LEU C 5 5.75 30.38 -6.85
C LEU C 5 5.43 28.92 -7.14
N THR C 6 6.47 28.14 -7.45
CA THR C 6 6.29 26.72 -7.76
C THR C 6 5.72 25.97 -6.56
N GLU C 7 6.24 26.27 -5.37
CA GLU C 7 5.72 25.67 -4.14
C GLU C 7 4.25 26.00 -3.97
N ALA C 8 3.91 27.28 -4.04
CA ALA C 8 2.52 27.72 -3.96
C ALA C 8 1.63 26.94 -4.92
N VAL C 9 2.02 26.92 -6.20
CA VAL C 9 1.27 26.17 -7.20
C VAL C 9 1.12 24.71 -6.79
N SER C 10 2.23 24.08 -6.42
CA SER C 10 2.21 22.65 -6.13
C SER C 10 1.34 22.30 -4.93
N VAL C 11 1.34 23.16 -3.91
CA VAL C 11 0.48 22.95 -2.76
C VAL C 11 -0.96 23.14 -3.18
N ALA C 12 -1.22 24.16 -3.99
CA ALA C 12 -2.55 24.38 -4.54
C ALA C 12 -2.99 23.17 -5.38
N ASP C 13 -2.05 22.59 -6.12
CA ASP C 13 -2.35 21.49 -7.02
C ASP C 13 -2.56 20.17 -6.27
N SER C 14 -1.76 19.96 -5.23
CA SER C 14 -1.87 18.75 -4.43
C SER C 14 -3.20 18.66 -3.69
N GLN C 15 -3.90 19.80 -3.62
CA GLN C 15 -5.20 19.90 -2.97
C GLN C 15 -6.32 19.97 -4.00
N GLY C 16 -5.96 19.98 -5.28
CA GLY C 16 -6.93 20.12 -6.35
C GLY C 16 -7.67 21.43 -6.25
N ARG C 17 -6.93 22.48 -5.91
CA ARG C 17 -7.52 23.79 -5.63
C ARG C 17 -6.98 24.89 -6.52
N PHE C 18 -7.86 25.83 -6.89
CA PHE C 18 -7.43 27.07 -7.50
C PHE C 18 -6.58 27.83 -6.49
N LEU C 19 -5.69 28.69 -6.99
CA LEU C 19 -4.88 29.54 -6.14
C LEU C 19 -5.80 30.52 -5.42
N SER C 20 -5.47 30.87 -4.18
CA SER C 20 -6.24 31.84 -3.42
C SER C 20 -5.33 32.98 -2.95
N SER C 21 -5.83 33.79 -2.02
CA SER C 21 -5.07 34.92 -1.49
C SER C 21 -3.76 34.47 -0.86
N THR C 22 -3.74 33.24 -0.35
CA THR C 22 -2.55 32.66 0.26
C THR C 22 -1.37 32.65 -0.73
N GLU C 23 -1.57 31.98 -1.86
CA GLU C 23 -0.53 31.89 -2.89
C GLU C 23 -0.22 33.26 -3.48
N ILE C 24 -1.24 34.11 -3.57
CA ILE C 24 -1.04 35.49 -4.02
C ILE C 24 -0.07 36.19 -3.06
N GLN C 25 -0.28 36.01 -1.76
CA GLN C 25 0.60 36.59 -0.76
C GLN C 25 2.02 36.06 -0.90
N VAL C 26 2.14 34.74 -1.07
CA VAL C 26 3.44 34.13 -1.37
C VAL C 26 4.12 34.86 -2.53
N ALA C 27 3.39 35.00 -3.63
CA ALA C 27 3.92 35.67 -4.82
C ALA C 27 4.34 37.11 -4.51
N PHE C 28 3.48 37.86 -3.83
CA PHE C 28 3.82 39.23 -3.46
C PHE C 28 5.15 39.28 -2.71
N GLY C 29 5.28 38.43 -1.69
CA GLY C 29 6.52 38.32 -0.95
C GLY C 29 7.70 38.04 -1.87
N ARG C 30 7.54 37.05 -2.74
CA ARG C 30 8.57 36.71 -3.72
C ARG C 30 9.01 37.93 -4.54
N PHE C 31 8.06 38.55 -5.22
CA PHE C 31 8.36 39.66 -6.11
C PHE C 31 8.96 40.85 -5.37
N ARG C 32 8.51 41.06 -4.14
CA ARG C 32 9.13 42.08 -3.28
C ARG C 32 10.60 41.72 -3.02
N GLN C 33 10.85 40.46 -2.69
CA GLN C 33 12.21 40.00 -2.41
C GLN C 33 13.12 40.00 -3.65
N ALA C 34 12.53 39.69 -4.80
CA ALA C 34 13.28 39.60 -6.06
C ALA C 34 14.02 40.90 -6.38
N LYS C 35 13.41 42.03 -6.02
CA LYS C 35 13.99 43.34 -6.30
C LYS C 35 15.42 43.44 -5.77
N ALA C 36 15.64 42.92 -4.57
CA ALA C 36 16.97 42.89 -3.97
C ALA C 36 17.76 41.67 -4.43
N GLY C 37 17.09 40.53 -4.50
CA GLY C 37 17.74 39.28 -4.93
C GLY C 37 18.44 39.35 -6.27
N LEU C 38 17.71 39.78 -7.30
CA LEU C 38 18.27 39.89 -8.65
C LEU C 38 19.50 40.79 -8.68
N GLU C 39 19.37 41.96 -8.05
CA GLU C 39 20.48 42.90 -7.89
C GLU C 39 21.68 42.22 -7.24
N ALA C 40 21.44 41.53 -6.14
CA ALA C 40 22.48 40.78 -5.45
C ALA C 40 23.20 39.82 -6.39
N ALA C 41 22.42 39.01 -7.08
CA ALA C 41 22.97 38.04 -8.04
C ALA C 41 23.85 38.74 -9.07
N LYS C 42 23.40 39.89 -9.52
CA LYS C 42 24.16 40.73 -10.45
C LYS C 42 25.51 41.08 -9.84
N ALA C 43 25.48 41.66 -8.63
CA ALA C 43 26.71 42.04 -7.94
C ALA C 43 27.68 40.87 -7.81
N LEU C 44 27.20 39.75 -7.29
CA LEU C 44 28.03 38.56 -7.13
C LEU C 44 28.61 38.12 -8.48
N THR C 45 27.75 38.03 -9.48
CA THR C 45 28.17 37.68 -10.84
C THR C 45 29.33 38.57 -11.28
N SER C 46 29.21 39.87 -11.04
CA SER C 46 30.29 40.79 -11.39
C SER C 46 31.56 40.58 -10.54
N LYS C 47 31.38 40.12 -9.31
CA LYS C 47 32.50 39.86 -8.40
C LYS C 47 33.02 38.41 -8.43
N ALA C 48 32.47 37.61 -9.35
CA ALA C 48 32.77 36.18 -9.44
C ALA C 48 34.25 35.79 -9.33
N ASP C 49 35.07 36.17 -10.31
CA ASP C 49 36.49 35.76 -10.35
C ASP C 49 37.22 36.07 -9.06
N SER C 50 37.12 37.33 -8.63
CA SER C 50 37.74 37.78 -7.39
C SER C 50 37.33 36.89 -6.21
N LEU C 51 36.02 36.72 -6.02
CA LEU C 51 35.50 35.92 -4.91
C LEU C 51 35.99 34.48 -4.97
N ILE C 52 36.00 33.91 -6.16
CA ILE C 52 36.47 32.53 -6.35
C ILE C 52 37.94 32.40 -5.96
N SER C 53 38.80 33.20 -6.58
CA SER C 53 40.24 33.13 -6.29
C SER C 53 40.49 33.35 -4.81
N GLY C 54 39.85 34.38 -4.25
CA GLY C 54 39.95 34.68 -2.84
C GLY C 54 39.59 33.49 -1.96
N ALA C 55 38.43 32.91 -2.22
CA ALA C 55 37.96 31.76 -1.44
C ALA C 55 38.94 30.59 -1.55
N ALA C 56 39.36 30.29 -2.77
CA ALA C 56 40.35 29.24 -2.99
C ALA C 56 41.59 29.49 -2.14
N GLN C 57 42.12 30.71 -2.22
CA GLN C 57 43.31 31.06 -1.45
C GLN C 57 43.06 30.91 0.05
N ALA C 58 41.88 31.34 0.50
CA ALA C 58 41.51 31.21 1.90
C ALA C 58 41.53 29.74 2.33
N VAL C 59 40.97 28.87 1.50
CA VAL C 59 41.02 27.44 1.77
C VAL C 59 42.46 26.93 1.83
N TYR C 60 43.28 27.33 0.85
CA TYR C 60 44.68 26.95 0.84
C TYR C 60 45.39 27.43 2.10
N ASN C 61 44.99 28.60 2.58
CA ASN C 61 45.53 29.14 3.82
C ASN C 61 45.11 28.30 5.03
N LYS C 62 43.81 28.06 5.14
CA LYS C 62 43.27 27.31 6.27
C LYS C 62 43.82 25.90 6.33
N PHE C 63 43.93 25.25 5.16
CA PHE C 63 44.42 23.88 5.06
C PHE C 63 45.59 23.82 4.08
N PRO C 64 46.79 24.16 4.55
CA PRO C 64 47.94 24.18 3.64
C PRO C 64 48.29 22.80 3.07
N TYR C 65 47.92 21.75 3.80
CA TYR C 65 48.25 20.39 3.36
C TYR C 65 47.62 20.04 2.02
N THR C 66 46.59 20.79 1.61
CA THR C 66 45.91 20.55 0.36
C THR C 66 46.74 21.01 -0.84
N THR C 67 47.83 21.72 -0.57
CA THR C 67 48.73 22.20 -1.62
C THR C 67 50.08 21.46 -1.62
N GLN C 68 50.23 20.51 -0.69
CA GLN C 68 51.47 19.76 -0.59
C GLN C 68 51.25 18.29 -0.94
N MET C 69 50.21 17.69 -0.38
CA MET C 69 49.98 16.26 -0.51
C MET C 69 49.73 15.83 -1.95
N GLN C 70 50.28 14.68 -2.32
CA GLN C 70 50.02 14.07 -3.61
C GLN C 70 48.75 13.23 -3.50
N GLY C 71 48.06 13.06 -4.61
CA GLY C 71 46.79 12.35 -4.64
C GLY C 71 45.82 13.13 -5.51
N PRO C 72 44.90 12.42 -6.17
CA PRO C 72 44.04 13.13 -7.13
C PRO C 72 43.06 14.08 -6.44
N ASN C 73 42.85 13.91 -5.14
CA ASN C 73 41.89 14.73 -4.41
C ASN C 73 42.48 16.03 -3.85
N TYR C 74 43.75 16.29 -4.15
CA TYR C 74 44.42 17.47 -3.62
C TYR C 74 44.79 18.48 -4.73
N ALA C 75 45.15 19.69 -4.31
CA ALA C 75 45.49 20.77 -5.21
C ALA C 75 46.98 21.12 -5.10
N ALA C 76 47.83 20.10 -5.21
CA ALA C 76 49.28 20.30 -5.18
C ALA C 76 49.81 20.49 -6.60
N ASP C 77 49.01 20.11 -7.58
CA ASP C 77 49.31 20.36 -8.98
C ASP C 77 48.29 21.34 -9.55
N GLN C 78 48.51 21.79 -10.79
CA GLN C 78 47.63 22.78 -11.40
C GLN C 78 46.23 22.22 -11.62
N ARG C 79 46.18 20.93 -11.97
CA ARG C 79 44.91 20.23 -12.19
C ARG C 79 43.97 20.38 -10.99
N GLY C 80 44.49 20.06 -9.81
CA GLY C 80 43.70 20.15 -8.59
C GLY C 80 43.28 21.56 -8.26
N LYS C 81 44.16 22.52 -8.51
CA LYS C 81 43.85 23.93 -8.29
C LYS C 81 42.70 24.37 -9.21
N ASP C 82 42.71 23.85 -10.45
CA ASP C 82 41.63 24.12 -11.39
C ASP C 82 40.32 23.48 -10.92
N LYS C 83 40.38 22.21 -10.53
CA LYS C 83 39.22 21.53 -9.97
C LYS C 83 38.64 22.35 -8.82
N CYS C 84 39.52 22.83 -7.95
CA CYS C 84 39.12 23.64 -6.80
C CYS C 84 38.38 24.91 -7.20
N ALA C 85 39.06 25.74 -8.01
CA ALA C 85 38.45 26.97 -8.49
C ALA C 85 37.11 26.70 -9.16
N ARG C 86 37.07 25.63 -9.95
CA ARG C 86 35.85 25.20 -10.61
C ARG C 86 34.73 24.96 -9.59
N ASP C 87 34.98 24.07 -8.64
CA ASP C 87 33.98 23.74 -7.62
C ASP C 87 33.48 25.00 -6.89
N ILE C 88 34.40 25.83 -6.43
CA ILE C 88 34.01 27.04 -5.72
C ILE C 88 33.15 27.92 -6.64
N GLY C 89 33.55 28.01 -7.90
CA GLY C 89 32.76 28.69 -8.91
C GLY C 89 31.34 28.15 -8.98
N TYR C 90 31.23 26.83 -9.03
CA TYR C 90 29.92 26.18 -9.02
C TYR C 90 29.09 26.63 -7.82
N TYR C 91 29.67 26.54 -6.63
CA TYR C 91 28.98 26.99 -5.42
C TYR C 91 28.46 28.43 -5.56
N LEU C 92 29.35 29.34 -5.92
CA LEU C 92 28.96 30.74 -6.09
C LEU C 92 27.81 30.90 -7.08
N ARG C 93 27.97 30.27 -8.24
CA ARG C 93 26.95 30.31 -9.28
C ARG C 93 25.61 29.79 -8.75
N MET C 94 25.65 28.72 -7.96
CA MET C 94 24.43 28.21 -7.34
C MET C 94 23.81 29.27 -6.44
N VAL C 95 24.63 29.93 -5.61
CA VAL C 95 24.12 31.03 -4.78
C VAL C 95 23.41 32.09 -5.62
N THR C 96 24.04 32.51 -6.72
CA THR C 96 23.39 33.48 -7.61
C THR C 96 22.05 32.93 -8.13
N TYR C 97 22.05 31.70 -8.61
CA TYR C 97 20.82 31.05 -9.07
C TYR C 97 19.74 31.09 -7.98
N CYS C 98 20.13 30.79 -6.74
CA CYS C 98 19.19 30.82 -5.63
C CYS C 98 18.63 32.22 -5.44
N LEU C 99 19.48 33.23 -5.53
CA LEU C 99 19.01 34.61 -5.48
C LEU C 99 18.01 34.89 -6.61
N ILE C 100 18.31 34.43 -7.81
CA ILE C 100 17.39 34.59 -8.94
C ILE C 100 16.05 33.91 -8.68
N ALA C 101 16.09 32.67 -8.22
CA ALA C 101 14.88 31.86 -8.03
C ALA C 101 14.09 32.30 -6.80
N GLY C 102 14.79 32.73 -5.76
CA GLY C 102 14.16 33.09 -4.50
C GLY C 102 14.04 31.89 -3.57
N GLY C 103 14.88 30.90 -3.77
CA GLY C 103 14.87 29.70 -2.96
C GLY C 103 16.09 28.83 -3.21
N THR C 104 16.21 27.75 -2.43
CA THR C 104 17.35 26.86 -2.50
C THR C 104 17.26 25.87 -3.66
N GLY C 105 16.18 25.97 -4.44
CA GLY C 105 15.88 25.00 -5.49
C GLY C 105 17.03 24.60 -6.39
N PRO C 106 17.60 25.59 -7.11
CA PRO C 106 18.72 25.32 -8.02
C PRO C 106 19.87 24.63 -7.32
N MET C 107 20.30 25.14 -6.18
CA MET C 107 21.40 24.55 -5.43
C MET C 107 21.04 23.13 -5.03
N ASP C 108 19.81 22.93 -4.56
CA ASP C 108 19.33 21.61 -4.19
C ASP C 108 19.45 20.64 -5.35
N GLU C 109 18.91 21.03 -6.50
CA GLU C 109 18.85 20.13 -7.64
C GLU C 109 20.20 19.89 -8.31
N TYR C 110 21.02 20.94 -8.39
CA TYR C 110 22.27 20.87 -9.15
C TYR C 110 23.49 20.49 -8.32
N LEU C 111 23.39 20.65 -6.99
CA LEU C 111 24.57 20.52 -6.13
C LEU C 111 24.34 19.67 -4.88
N ILE C 112 23.31 20.01 -4.10
CA ILE C 112 23.12 19.37 -2.79
C ILE C 112 22.80 17.89 -2.95
N ALA C 113 21.89 17.58 -3.86
CA ALA C 113 21.50 16.20 -4.10
C ALA C 113 22.71 15.39 -4.53
N GLY C 114 23.25 14.61 -3.59
CA GLY C 114 24.38 13.74 -3.87
C GLY C 114 25.73 14.30 -3.48
N ILE C 115 25.73 15.44 -2.79
CA ILE C 115 27.00 16.08 -2.42
C ILE C 115 27.80 15.20 -1.46
N ASP C 116 27.09 14.53 -0.55
CA ASP C 116 27.73 13.60 0.39
C ASP C 116 28.43 12.49 -0.38
N GLU C 117 27.71 11.88 -1.33
CA GLU C 117 28.26 10.81 -2.14
C GLU C 117 29.54 11.25 -2.85
N ILE C 118 29.48 12.43 -3.46
CA ILE C 118 30.61 12.96 -4.22
C ILE C 118 31.80 13.23 -3.30
N ASN C 119 31.55 13.93 -2.20
CA ASN C 119 32.60 14.23 -1.25
C ASN C 119 33.23 12.97 -0.65
N ARG C 120 32.40 11.98 -0.35
CA ARG C 120 32.88 10.73 0.23
C ARG C 120 33.68 9.95 -0.79
N THR C 121 33.12 9.81 -1.99
CA THR C 121 33.75 9.03 -3.05
C THR C 121 35.10 9.61 -3.45
N PHE C 122 35.11 10.89 -3.76
CA PHE C 122 36.33 11.54 -4.27
C PHE C 122 37.19 12.09 -3.15
N GLU C 123 36.82 11.80 -1.91
CA GLU C 123 37.65 12.10 -0.75
C GLU C 123 37.90 13.60 -0.59
N LEU C 124 36.86 14.39 -0.78
CA LEU C 124 36.93 15.85 -0.62
C LEU C 124 36.35 16.23 0.73
N SER C 125 37.10 17.02 1.51
CA SER C 125 36.66 17.41 2.84
C SER C 125 35.60 18.51 2.76
N PRO C 126 34.42 18.29 3.37
CA PRO C 126 33.36 19.31 3.42
C PRO C 126 33.83 20.63 4.02
N SER C 127 34.81 20.56 4.92
CA SER C 127 35.28 21.73 5.64
C SER C 127 35.97 22.73 4.71
N TRP C 128 36.65 22.21 3.68
CA TRP C 128 37.28 23.06 2.67
C TRP C 128 36.25 24.01 2.09
N TYR C 129 35.14 23.45 1.64
CA TYR C 129 34.07 24.21 1.02
C TYR C 129 33.38 25.10 2.04
N ILE C 130 33.22 24.61 3.26
CA ILE C 130 32.72 25.46 4.34
C ILE C 130 33.61 26.69 4.50
N GLU C 131 34.92 26.47 4.42
CA GLU C 131 35.88 27.57 4.54
C GLU C 131 35.75 28.53 3.35
N ALA C 132 35.60 27.97 2.15
CA ALA C 132 35.36 28.80 0.96
C ALA C 132 34.11 29.66 1.12
N LEU C 133 33.03 29.04 1.58
CA LEU C 133 31.76 29.72 1.74
C LEU C 133 31.83 30.81 2.81
N LYS C 134 32.40 30.48 3.97
CA LYS C 134 32.58 31.45 5.04
C LYS C 134 33.29 32.70 4.54
N TYR C 135 34.23 32.50 3.62
CA TYR C 135 35.02 33.60 3.07
C TYR C 135 34.20 34.41 2.07
N ILE C 136 33.56 33.71 1.13
CA ILE C 136 32.67 34.36 0.18
C ILE C 136 31.67 35.24 0.92
N LYS C 137 31.16 34.69 2.03
CA LYS C 137 30.19 35.39 2.87
C LYS C 137 30.77 36.69 3.42
N ALA C 138 32.06 36.67 3.72
CA ALA C 138 32.72 37.85 4.29
C ALA C 138 33.07 38.89 3.24
N ASN C 139 33.40 38.41 2.04
CA ASN C 139 33.91 39.31 1.00
C ASN C 139 32.97 39.76 -0.10
N HIS C 140 31.72 39.31 -0.11
CA HIS C 140 30.83 39.62 -1.23
C HIS C 140 30.36 41.09 -1.28
N GLY C 141 30.56 41.82 -0.18
CA GLY C 141 30.31 43.25 -0.16
C GLY C 141 28.85 43.66 -0.21
N LEU C 142 27.94 42.70 -0.36
CA LEU C 142 26.51 42.98 -0.37
C LEU C 142 26.06 43.63 0.94
N SER C 143 24.89 44.25 0.89
CA SER C 143 24.26 44.80 2.10
C SER C 143 22.75 44.73 1.98
N GLY C 144 22.06 44.95 3.09
CA GLY C 144 20.61 44.93 3.10
C GLY C 144 20.03 43.54 2.86
N ASP C 145 18.75 43.52 2.48
CA ASP C 145 18.03 42.27 2.24
C ASP C 145 18.76 41.40 1.23
N ALA C 146 19.49 42.04 0.33
CA ALA C 146 20.33 41.33 -0.63
C ALA C 146 21.31 40.42 0.11
N ALA C 147 22.14 41.03 0.94
CA ALA C 147 23.12 40.31 1.73
C ALA C 147 22.46 39.28 2.63
N VAL C 148 21.37 39.65 3.29
CA VAL C 148 20.65 38.72 4.16
C VAL C 148 20.22 37.47 3.38
N GLU C 149 19.58 37.68 2.23
CA GLU C 149 19.12 36.56 1.40
C GLU C 149 20.29 35.71 0.92
N ALA C 150 21.33 36.36 0.39
CA ALA C 150 22.50 35.63 -0.11
C ALA C 150 23.15 34.79 1.00
N ASN C 151 23.33 35.39 2.16
CA ASN C 151 23.92 34.69 3.29
C ASN C 151 23.07 33.53 3.76
N SER C 152 21.75 33.64 3.58
CA SER C 152 20.87 32.52 3.89
C SER C 152 21.24 31.30 3.05
N TYR C 153 21.46 31.51 1.76
CA TYR C 153 21.86 30.43 0.86
C TYR C 153 23.26 29.93 1.15
N LEU C 154 24.19 30.87 1.41
CA LEU C 154 25.53 30.49 1.82
C LEU C 154 25.51 29.57 3.05
N ASP C 155 24.80 30.01 4.09
CA ASP C 155 24.69 29.23 5.33
C ASP C 155 23.93 27.93 5.09
N TYR C 156 23.00 27.94 4.15
CA TYR C 156 22.32 26.71 3.74
C TYR C 156 23.31 25.70 3.16
N ALA C 157 24.14 26.17 2.23
CA ALA C 157 25.20 25.33 1.68
C ALA C 157 26.12 24.84 2.79
N ILE C 158 26.46 25.73 3.71
CA ILE C 158 27.27 25.36 4.87
C ILE C 158 26.59 24.27 5.70
N ASN C 159 25.28 24.40 5.92
CA ASN C 159 24.53 23.42 6.68
C ASN C 159 24.45 22.07 5.96
N ALA C 160 24.34 22.13 4.63
CA ALA C 160 24.34 20.92 3.82
C ALA C 160 25.66 20.18 3.93
N LEU C 161 26.71 20.88 4.33
CA LEU C 161 28.06 20.32 4.40
C LEU C 161 28.44 19.87 5.82
N SER C 162 27.58 20.15 6.78
CA SER C 162 27.85 19.81 8.19
C SER C 162 26.65 19.16 8.84
N MET D 1 9.11 22.36 -11.00
CA MET D 1 8.74 22.69 -12.41
C MET D 1 9.23 24.12 -12.59
N PHE D 2 8.88 24.75 -13.71
CA PHE D 2 9.48 26.05 -14.03
C PHE D 2 8.54 27.23 -13.83
N ASP D 3 9.09 28.30 -13.25
CA ASP D 3 8.48 29.61 -13.27
C ASP D 3 9.32 30.50 -14.19
N ALA D 4 9.00 31.79 -14.24
CA ALA D 4 9.72 32.72 -15.10
C ALA D 4 11.20 32.79 -14.74
N PHE D 5 11.51 32.54 -13.47
CA PHE D 5 12.89 32.64 -12.98
C PHE D 5 13.69 31.36 -13.29
N THR D 6 13.17 30.24 -12.82
CA THR D 6 13.90 28.98 -12.90
C THR D 6 14.03 28.46 -14.32
N LYS D 7 13.16 28.90 -15.22
CA LYS D 7 13.27 28.54 -16.62
C LYS D 7 14.59 29.08 -17.17
N VAL D 8 14.81 30.37 -16.94
CA VAL D 8 16.02 31.03 -17.39
C VAL D 8 17.22 30.43 -16.67
N VAL D 9 17.09 30.21 -15.36
CA VAL D 9 18.14 29.53 -14.60
C VAL D 9 18.51 28.19 -15.23
N SER D 10 17.50 27.40 -15.56
CA SER D 10 17.72 26.08 -16.15
C SER D 10 18.39 26.22 -17.51
N GLN D 11 17.94 27.18 -18.31
CA GLN D 11 18.58 27.48 -19.58
C GLN D 11 20.05 27.84 -19.36
N ALA D 12 20.31 28.62 -18.32
CA ALA D 12 21.66 29.10 -18.04
C ALA D 12 22.57 27.98 -17.54
N ASP D 13 22.05 27.11 -16.68
CA ASP D 13 22.85 26.05 -16.09
C ASP D 13 23.42 25.10 -17.14
N THR D 14 22.63 24.79 -18.16
CA THR D 14 23.05 23.87 -19.21
C THR D 14 24.23 24.42 -20.02
N ARG D 15 24.40 25.74 -19.99
CA ARG D 15 25.51 26.40 -20.69
C ARG D 15 26.66 26.69 -19.73
N GLY D 16 26.46 26.37 -18.45
CA GLY D 16 27.47 26.64 -17.44
C GLY D 16 27.76 28.13 -17.32
N GLU D 17 26.70 28.94 -17.31
CA GLU D 17 26.84 30.39 -17.33
C GLU D 17 25.91 31.06 -16.32
N MET D 18 26.31 32.24 -15.87
CA MET D 18 25.48 33.05 -15.00
C MET D 18 24.58 33.92 -15.86
N LEU D 19 23.41 34.27 -15.33
CA LEU D 19 22.48 35.13 -16.05
C LEU D 19 23.17 36.43 -16.46
N SER D 20 23.02 36.78 -17.74
CA SER D 20 23.51 38.06 -18.22
C SER D 20 22.70 39.17 -17.58
N THR D 21 23.19 40.40 -17.67
CA THR D 21 22.50 41.53 -17.07
C THR D 21 21.17 41.77 -17.77
N ALA D 22 21.13 41.47 -19.07
CA ALA D 22 19.90 41.62 -19.85
C ALA D 22 18.84 40.63 -19.37
N GLN D 23 19.26 39.37 -19.22
CA GLN D 23 18.38 38.33 -18.72
C GLN D 23 17.79 38.70 -17.36
N ILE D 24 18.61 39.33 -16.52
CA ILE D 24 18.16 39.79 -15.21
C ILE D 24 17.19 40.97 -15.36
N ASP D 25 17.57 41.96 -16.17
CA ASP D 25 16.74 43.14 -16.38
C ASP D 25 15.35 42.75 -16.88
N ALA D 26 15.30 41.79 -17.78
CA ALA D 26 14.02 41.27 -18.26
C ALA D 26 13.17 40.78 -17.09
N LEU D 27 13.77 39.95 -16.24
CA LEU D 27 13.07 39.41 -15.07
C LEU D 27 12.65 40.53 -14.12
N SER D 28 13.50 41.54 -13.97
CA SER D 28 13.15 42.72 -13.19
C SER D 28 11.93 43.40 -13.79
N GLN D 29 11.91 43.52 -15.11
CA GLN D 29 10.75 44.10 -15.79
C GLN D 29 9.51 43.27 -15.55
N MET D 30 9.66 41.94 -15.55
CA MET D 30 8.55 41.07 -15.19
C MET D 30 8.08 41.32 -13.77
N VAL D 31 9.03 41.45 -12.85
CA VAL D 31 8.72 41.73 -11.44
C VAL D 31 7.99 43.06 -11.29
N ALA D 32 8.42 44.06 -12.05
CA ALA D 32 7.81 45.39 -12.01
C ALA D 32 6.30 45.36 -12.27
N GLU D 33 5.84 44.34 -13.01
CA GLU D 33 4.45 44.26 -13.44
C GLU D 33 3.68 43.11 -12.77
N SER D 34 4.22 42.59 -11.68
CA SER D 34 3.68 41.38 -11.06
C SER D 34 2.31 41.58 -10.37
N ASN D 35 2.05 42.79 -9.91
CA ASN D 35 0.78 43.09 -9.26
C ASN D 35 -0.39 42.79 -10.20
N LYS D 36 -0.25 43.22 -11.45
CA LYS D 36 -1.24 42.97 -12.49
C LYS D 36 -1.47 41.47 -12.66
N ARG D 37 -0.35 40.75 -12.81
CA ARG D 37 -0.36 39.29 -12.92
C ARG D 37 -1.21 38.66 -11.83
N LEU D 38 -0.95 39.04 -10.58
CA LEU D 38 -1.73 38.48 -9.48
C LEU D 38 -3.18 39.00 -9.49
N ASP D 39 -3.39 40.23 -9.95
CA ASP D 39 -4.75 40.74 -10.11
C ASP D 39 -5.56 39.87 -11.06
N VAL D 40 -4.96 39.46 -12.18
CA VAL D 40 -5.67 38.59 -13.10
C VAL D 40 -5.84 37.18 -12.53
N VAL D 41 -4.83 36.65 -11.86
CA VAL D 41 -5.01 35.38 -11.17
C VAL D 41 -6.26 35.46 -10.30
N ASN D 42 -6.31 36.50 -9.47
CA ASN D 42 -7.45 36.73 -8.60
C ASN D 42 -8.75 36.86 -9.36
N ARG D 43 -8.74 37.65 -10.44
CA ARG D 43 -9.95 37.90 -11.20
C ARG D 43 -10.48 36.65 -11.92
N ILE D 44 -9.61 35.90 -12.57
CA ILE D 44 -10.04 34.66 -13.21
C ILE D 44 -10.51 33.67 -12.16
N THR D 45 -9.71 33.49 -11.11
CA THR D 45 -10.05 32.54 -10.05
C THR D 45 -11.41 32.84 -9.42
N SER D 46 -11.63 34.11 -9.10
CA SER D 46 -12.86 34.52 -8.42
C SER D 46 -14.08 34.26 -9.29
N ASN D 47 -13.89 34.30 -10.60
CA ASN D 47 -14.96 34.04 -11.56
C ASN D 47 -15.04 32.62 -12.10
N ALA D 48 -14.26 31.73 -11.51
CA ALA D 48 -14.11 30.37 -12.02
C ALA D 48 -15.41 29.69 -12.46
N SER D 49 -16.33 29.47 -11.51
CA SER D 49 -17.58 28.79 -11.79
C SER D 49 -18.37 29.47 -12.92
N THR D 50 -18.40 30.80 -12.89
CA THR D 50 -19.12 31.57 -13.90
C THR D 50 -18.51 31.35 -15.28
N ILE D 51 -17.19 31.50 -15.35
CA ILE D 51 -16.45 31.28 -16.60
C ILE D 51 -16.74 29.89 -17.14
N VAL D 52 -16.55 28.88 -16.31
CA VAL D 52 -16.78 27.49 -16.73
C VAL D 52 -18.21 27.25 -17.19
N SER D 53 -19.18 27.62 -16.36
CA SER D 53 -20.59 27.33 -16.65
C SER D 53 -21.10 28.12 -17.86
N ASN D 54 -20.69 29.37 -17.99
CA ASN D 54 -21.07 30.18 -19.15
C ASN D 54 -20.52 29.57 -20.43
N ALA D 55 -19.22 29.25 -20.41
CA ALA D 55 -18.56 28.63 -21.55
C ALA D 55 -19.25 27.31 -21.91
N ALA D 56 -19.55 26.51 -20.90
CA ALA D 56 -20.24 25.24 -21.10
C ALA D 56 -21.61 25.41 -21.75
N ARG D 57 -22.42 26.28 -21.17
CA ARG D 57 -23.76 26.56 -21.71
C ARG D 57 -23.69 27.04 -23.15
N SER D 58 -22.76 27.96 -23.42
CA SER D 58 -22.53 28.42 -24.79
C SER D 58 -22.20 27.22 -25.68
N LEU D 59 -21.17 26.47 -25.30
CA LEU D 59 -20.71 25.30 -26.04
C LEU D 59 -21.85 24.33 -26.36
N PHE D 60 -22.70 24.06 -25.37
CA PHE D 60 -23.81 23.15 -25.57
C PHE D 60 -24.90 23.79 -26.42
N ALA D 61 -25.02 25.11 -26.32
CA ALA D 61 -25.96 25.83 -27.18
C ALA D 61 -25.54 25.75 -28.66
N GLU D 62 -24.26 25.95 -28.96
CA GLU D 62 -23.81 25.88 -30.35
C GLU D 62 -23.61 24.44 -30.83
N GLN D 63 -23.40 23.51 -29.90
CA GLN D 63 -23.11 22.13 -30.25
C GLN D 63 -24.03 21.18 -29.48
N PRO D 64 -25.33 21.18 -29.84
CA PRO D 64 -26.34 20.40 -29.13
C PRO D 64 -26.18 18.88 -29.29
N GLN D 65 -25.36 18.46 -30.25
CA GLN D 65 -25.08 17.04 -30.42
C GLN D 65 -24.37 16.47 -29.19
N LEU D 66 -23.70 17.33 -28.44
CA LEU D 66 -22.95 16.92 -27.25
C LEU D 66 -23.89 16.49 -26.12
N ILE D 67 -25.02 17.17 -25.98
CA ILE D 67 -25.95 16.91 -24.88
C ILE D 67 -27.18 16.11 -25.30
N ALA D 68 -27.33 15.87 -26.60
CA ALA D 68 -28.38 14.99 -27.08
C ALA D 68 -28.10 13.58 -26.56
N PRO D 69 -29.14 12.76 -26.37
CA PRO D 69 -28.90 11.38 -25.94
C PRO D 69 -27.93 10.67 -26.88
N GLY D 70 -26.83 10.18 -26.32
CA GLY D 70 -25.78 9.53 -27.11
C GLY D 70 -24.60 10.46 -27.31
N GLY D 71 -24.78 11.74 -26.97
CA GLY D 71 -23.68 12.69 -27.02
C GLY D 71 -22.70 12.39 -25.91
N ASN D 72 -21.45 12.80 -26.08
CA ASN D 72 -20.42 12.48 -25.09
C ASN D 72 -20.61 13.25 -23.78
N ALA D 73 -21.44 14.28 -23.80
CA ALA D 73 -21.71 15.08 -22.61
C ALA D 73 -23.10 14.80 -22.03
N TYR D 74 -23.80 13.83 -22.62
CA TYR D 74 -25.12 13.44 -22.13
C TYR D 74 -24.98 12.51 -20.93
N THR D 75 -25.99 12.49 -20.06
CA THR D 75 -25.93 11.89 -18.73
C THR D 75 -25.12 12.78 -17.78
N SER D 76 -25.54 12.80 -16.52
CA SER D 76 -24.96 13.74 -15.55
C SER D 76 -23.52 13.40 -15.18
N THR D 77 -23.14 12.12 -15.28
CA THR D 77 -21.77 11.72 -14.95
C THR D 77 -20.80 12.34 -15.96
N ARG D 78 -21.18 12.27 -17.23
CA ARG D 78 -20.34 12.78 -18.30
C ARG D 78 -20.40 14.30 -18.35
N MET D 79 -21.56 14.86 -18.02
CA MET D 79 -21.71 16.31 -17.93
C MET D 79 -20.83 16.84 -16.80
N ALA D 80 -20.82 16.12 -15.68
CA ALA D 80 -19.97 16.48 -14.55
C ALA D 80 -18.51 16.42 -14.94
N ALA D 81 -18.09 15.28 -15.50
CA ALA D 81 -16.71 15.12 -15.97
C ALA D 81 -16.33 16.24 -16.92
N CYS D 82 -17.24 16.53 -17.86
CA CYS D 82 -17.06 17.59 -18.84
C CYS D 82 -16.81 18.95 -18.16
N LEU D 83 -17.74 19.35 -17.29
CA LEU D 83 -17.57 20.59 -16.52
C LEU D 83 -16.23 20.61 -15.78
N ARG D 84 -15.88 19.49 -15.16
CA ARG D 84 -14.65 19.43 -14.40
C ARG D 84 -13.42 19.54 -15.30
N ASP D 85 -13.48 18.97 -16.50
CA ASP D 85 -12.37 19.11 -17.45
C ASP D 85 -12.13 20.58 -17.75
N MET D 86 -13.22 21.30 -18.02
CA MET D 86 -13.16 22.73 -18.23
C MET D 86 -12.52 23.41 -17.03
N GLU D 87 -13.04 23.11 -15.85
CA GLU D 87 -12.50 23.68 -14.60
C GLU D 87 -11.00 23.40 -14.44
N ILE D 88 -10.60 22.17 -14.69
CA ILE D 88 -9.20 21.76 -14.57
C ILE D 88 -8.33 22.58 -15.51
N ILE D 89 -8.70 22.57 -16.79
CA ILE D 89 -7.94 23.32 -17.80
C ILE D 89 -7.80 24.77 -17.38
N LEU D 90 -8.91 25.38 -16.96
CA LEU D 90 -8.84 26.76 -16.47
C LEU D 90 -7.86 26.88 -15.30
N ARG D 91 -7.96 25.96 -14.35
CA ARG D 91 -7.09 25.96 -13.18
C ARG D 91 -5.61 25.94 -13.56
N TYR D 92 -5.22 24.99 -14.40
CA TYR D 92 -3.83 24.89 -14.82
C TYR D 92 -3.40 26.10 -15.65
N VAL D 93 -4.33 26.69 -16.38
CA VAL D 93 -4.03 27.97 -17.04
C VAL D 93 -3.72 29.07 -16.03
N THR D 94 -4.54 29.18 -14.99
CA THR D 94 -4.26 30.15 -13.92
C THR D 94 -2.91 29.85 -13.27
N TYR D 95 -2.59 28.57 -13.11
CA TYR D 95 -1.27 28.17 -12.65
C TYR D 95 -0.18 28.72 -13.57
N ALA D 96 -0.39 28.58 -14.88
CA ALA D 96 0.55 29.12 -15.85
C ALA D 96 0.69 30.64 -15.71
N VAL D 97 -0.42 31.35 -15.62
CA VAL D 97 -0.38 32.81 -15.44
C VAL D 97 0.37 33.18 -14.17
N PHE D 98 0.10 32.44 -13.09
CA PHE D 98 0.73 32.68 -11.80
C PHE D 98 2.23 32.42 -11.86
N ALA D 99 2.61 31.29 -12.46
CA ALA D 99 4.00 30.85 -12.51
C ALA D 99 4.84 31.70 -13.45
N GLY D 100 4.21 32.25 -14.48
CA GLY D 100 4.92 33.00 -15.51
C GLY D 100 5.61 32.06 -16.48
N ASP D 101 5.17 30.81 -16.50
CA ASP D 101 5.72 29.81 -17.41
C ASP D 101 4.67 28.73 -17.71
N ALA D 102 4.72 28.17 -18.90
CA ALA D 102 3.69 27.25 -19.38
C ALA D 102 3.96 25.81 -18.95
N SER D 103 5.05 25.59 -18.22
CA SER D 103 5.49 24.23 -17.90
C SER D 103 4.46 23.42 -17.13
N VAL D 104 3.83 24.04 -16.14
CA VAL D 104 2.84 23.33 -15.32
C VAL D 104 1.71 22.80 -16.19
N LEU D 105 1.19 23.69 -17.04
CA LEU D 105 0.07 23.38 -17.91
C LEU D 105 0.48 22.28 -18.88
N GLU D 106 1.69 22.39 -19.43
CA GLU D 106 2.21 21.36 -20.32
C GLU D 106 2.27 20.01 -19.62
N ASP D 107 3.05 19.95 -18.56
CA ASP D 107 3.45 18.68 -17.97
C ASP D 107 2.37 18.00 -17.14
N ARG D 108 1.57 18.79 -16.42
CA ARG D 108 0.61 18.22 -15.48
C ARG D 108 -0.82 18.13 -16.01
N CYS D 109 -1.08 18.64 -17.21
CA CYS D 109 -2.44 18.71 -17.73
C CYS D 109 -2.57 18.26 -19.18
N LEU D 110 -1.95 19.00 -20.09
CA LEU D 110 -2.17 18.80 -21.53
C LEU D 110 -1.49 17.55 -22.08
N ASN D 111 -0.32 17.23 -21.55
CA ASN D 111 0.45 16.08 -22.02
C ASN D 111 -0.32 14.77 -21.89
N GLY D 112 -0.65 14.18 -23.04
CA GLY D 112 -1.34 12.90 -23.08
C GLY D 112 -2.85 13.01 -22.95
N LEU D 113 -3.37 14.22 -23.16
CA LEU D 113 -4.79 14.50 -22.95
C LEU D 113 -5.61 14.19 -24.21
N ARG D 114 -4.98 14.43 -25.36
CA ARG D 114 -5.61 14.15 -26.65
C ARG D 114 -5.84 12.66 -26.83
N GLU D 115 -4.80 11.89 -26.55
CA GLU D 115 -4.87 10.44 -26.66
C GLU D 115 -5.94 9.93 -25.70
N THR D 116 -6.00 10.55 -24.52
CA THR D 116 -7.03 10.23 -23.54
C THR D 116 -8.41 10.46 -24.15
N TYR D 117 -8.66 11.67 -24.65
CA TYR D 117 -9.92 11.99 -25.28
C TYR D 117 -10.23 11.07 -26.47
N LEU D 118 -9.20 10.70 -27.21
CA LEU D 118 -9.37 9.83 -28.36
C LEU D 118 -9.86 8.47 -27.89
N ALA D 119 -9.15 7.90 -26.91
CA ALA D 119 -9.50 6.60 -26.35
C ALA D 119 -10.91 6.62 -25.78
N LEU D 120 -11.30 7.75 -25.20
CA LEU D 120 -12.62 7.87 -24.58
C LEU D 120 -13.73 8.03 -25.60
N GLY D 121 -13.43 8.64 -26.73
CA GLY D 121 -14.43 8.97 -27.73
C GLY D 121 -14.93 10.40 -27.56
N THR D 122 -14.25 11.15 -26.70
CA THR D 122 -14.58 12.55 -26.46
C THR D 122 -14.02 13.39 -27.60
N PRO D 123 -14.86 14.25 -28.21
CA PRO D 123 -14.34 15.07 -29.31
C PRO D 123 -13.52 16.26 -28.82
N GLY D 124 -12.21 16.15 -28.97
CA GLY D 124 -11.29 17.16 -28.48
C GLY D 124 -11.55 18.54 -29.06
N SER D 125 -12.06 18.56 -30.29
CA SER D 125 -12.39 19.82 -30.94
C SER D 125 -13.39 20.63 -30.10
N SER D 126 -14.44 19.96 -29.64
CA SER D 126 -15.44 20.60 -28.78
C SER D 126 -14.80 21.14 -27.51
N VAL D 127 -13.90 20.34 -26.93
CA VAL D 127 -13.14 20.76 -25.75
C VAL D 127 -12.45 22.08 -26.08
N ALA D 128 -11.75 22.09 -27.21
CA ALA D 128 -11.04 23.29 -27.64
C ALA D 128 -11.97 24.50 -27.75
N VAL D 129 -13.15 24.31 -28.37
CA VAL D 129 -14.12 25.41 -28.45
C VAL D 129 -14.48 25.92 -27.05
N GLY D 130 -14.74 24.97 -26.13
CA GLY D 130 -14.99 25.31 -24.74
C GLY D 130 -13.87 26.17 -24.16
N VAL D 131 -12.63 25.72 -24.33
CA VAL D 131 -11.48 26.47 -23.86
C VAL D 131 -11.44 27.86 -24.49
N GLY D 132 -11.78 27.95 -25.78
CA GLY D 132 -11.85 29.23 -26.46
C GLY D 132 -12.81 30.18 -25.78
N LYS D 133 -14.03 29.70 -25.53
CA LYS D 133 -15.02 30.50 -24.81
C LYS D 133 -14.51 30.92 -23.43
N MET D 134 -13.91 29.98 -22.72
CA MET D 134 -13.30 30.31 -21.43
C MET D 134 -12.24 31.40 -21.56
N LYS D 135 -11.44 31.32 -22.62
CA LYS D 135 -10.41 32.34 -22.89
C LYS D 135 -11.06 33.71 -23.04
N GLU D 136 -12.05 33.79 -23.93
CA GLU D 136 -12.78 35.03 -24.16
C GLU D 136 -13.33 35.62 -22.86
N ALA D 137 -14.10 34.81 -22.14
CA ALA D 137 -14.70 35.25 -20.88
C ALA D 137 -13.64 35.75 -19.89
N ALA D 138 -12.64 34.91 -19.64
CA ALA D 138 -11.57 35.26 -18.71
C ALA D 138 -10.90 36.57 -19.09
N LEU D 139 -10.52 36.70 -20.35
CA LEU D 139 -9.85 37.91 -20.81
C LEU D 139 -10.74 39.14 -20.70
N ALA D 140 -12.03 39.00 -20.98
CA ALA D 140 -12.96 40.10 -20.76
C ALA D 140 -12.98 40.49 -19.28
N ILE D 141 -12.97 39.49 -18.40
CA ILE D 141 -12.94 39.73 -16.96
C ILE D 141 -11.64 40.39 -16.48
N VAL D 142 -10.52 39.96 -17.04
CA VAL D 142 -9.23 40.52 -16.65
C VAL D 142 -9.14 42.02 -16.97
N ASN D 143 -9.79 42.45 -18.04
CA ASN D 143 -9.70 43.85 -18.48
C ASN D 143 -10.49 44.81 -17.60
N ASP D 144 -11.83 44.74 -17.65
CA ASP D 144 -12.71 45.37 -16.66
C ASP D 144 -12.08 46.50 -15.81
N PRO D 145 -12.06 47.73 -16.34
CA PRO D 145 -11.43 48.86 -15.63
C PRO D 145 -11.99 49.12 -14.23
N ALA D 146 -13.14 48.53 -13.90
CA ALA D 146 -13.78 48.77 -12.61
C ALA D 146 -12.98 48.21 -11.44
N GLY D 147 -12.96 48.96 -10.34
CA GLY D 147 -12.41 48.50 -9.08
C GLY D 147 -10.94 48.11 -9.13
N ILE D 148 -10.14 48.89 -9.86
CA ILE D 148 -8.72 48.60 -9.97
C ILE D 148 -7.93 49.84 -10.39
N THR D 149 -6.67 49.90 -9.98
CA THR D 149 -5.79 50.98 -10.38
C THR D 149 -5.53 50.88 -11.88
N PRO D 150 -5.85 51.94 -12.65
CA PRO D 150 -5.75 51.79 -14.10
C PRO D 150 -4.31 51.76 -14.62
N GLY D 151 -4.11 51.05 -15.72
CA GLY D 151 -2.80 50.91 -16.34
C GLY D 151 -2.87 49.99 -17.53
N ASP D 152 -1.75 49.83 -18.21
CA ASP D 152 -1.68 48.94 -19.37
C ASP D 152 -1.21 47.54 -18.97
N CYS D 153 -1.96 46.54 -19.42
CA CYS D 153 -1.64 45.15 -19.11
C CYS D 153 -1.82 44.29 -20.36
N SER D 154 -1.50 44.89 -21.51
CA SER D 154 -1.70 44.24 -22.79
C SER D 154 -0.84 42.98 -22.94
N ALA D 155 0.43 43.09 -22.55
CA ALA D 155 1.37 41.99 -22.67
C ALA D 155 0.90 40.79 -21.87
N LEU D 156 0.44 41.06 -20.65
CA LEU D 156 -0.07 40.02 -19.77
C LEU D 156 -1.26 39.31 -20.41
N ALA D 157 -2.21 40.09 -20.93
CA ALA D 157 -3.38 39.56 -21.62
C ALA D 157 -2.95 38.65 -22.76
N SER D 158 -1.98 39.12 -23.54
CA SER D 158 -1.38 38.31 -24.59
C SER D 158 -0.86 36.97 -24.04
N GLU D 159 -0.05 37.04 -22.99
CA GLU D 159 0.48 35.84 -22.34
C GLU D 159 -0.64 34.87 -21.94
N ILE D 160 -1.66 35.39 -21.28
CA ILE D 160 -2.82 34.59 -20.89
C ILE D 160 -3.45 33.88 -22.10
N ALA D 161 -3.74 34.68 -23.13
CA ALA D 161 -4.27 34.14 -24.37
C ALA D 161 -3.37 33.03 -24.90
N SER D 162 -2.05 33.24 -24.78
CA SER D 162 -1.08 32.22 -25.15
C SER D 162 -1.36 30.88 -24.46
N TYR D 163 -1.45 30.91 -23.13
CA TYR D 163 -1.70 29.70 -22.35
C TYR D 163 -3.02 29.04 -22.77
N PHE D 164 -4.07 29.85 -22.90
CA PHE D 164 -5.35 29.31 -23.36
C PHE D 164 -5.22 28.63 -24.73
N ASP D 165 -4.53 29.30 -25.65
CA ASP D 165 -4.30 28.76 -26.99
C ASP D 165 -3.56 27.44 -26.92
N ARG D 166 -2.56 27.38 -26.03
CA ARG D 166 -1.84 26.14 -25.78
C ARG D 166 -2.82 25.02 -25.43
N ALA D 167 -3.68 25.26 -24.45
CA ALA D 167 -4.68 24.27 -24.07
C ALA D 167 -5.58 23.86 -25.23
N CYS D 168 -6.18 24.85 -25.89
CA CYS D 168 -7.08 24.59 -27.01
C CYS D 168 -6.39 23.79 -28.11
N ALA D 169 -5.11 24.08 -28.33
CA ALA D 169 -4.32 23.37 -29.33
C ALA D 169 -4.05 21.94 -28.89
N ALA D 170 -3.67 21.78 -27.63
CA ALA D 170 -3.30 20.48 -27.09
C ALA D 170 -4.43 19.46 -27.14
N VAL D 171 -5.65 19.88 -26.87
CA VAL D 171 -6.76 18.94 -26.73
C VAL D 171 -7.29 18.40 -28.06
N SER D 172 -7.37 19.24 -29.08
CA SER D 172 -7.92 18.82 -30.38
C SER D 172 -7.01 17.80 -31.03
N MET E 1 -22.68 -2.48 -12.90
CA MET E 1 -24.00 -1.82 -12.72
C MET E 1 -24.80 -2.58 -11.69
N LYS E 2 -25.38 -1.88 -10.71
CA LYS E 2 -26.08 -2.56 -9.63
C LYS E 2 -27.37 -3.24 -10.06
N THR E 3 -27.28 -4.54 -10.33
CA THR E 3 -28.44 -5.39 -10.52
C THR E 3 -28.18 -6.64 -9.70
N PRO E 4 -29.23 -7.43 -9.42
CA PRO E 4 -29.05 -8.67 -8.66
C PRO E 4 -28.03 -9.64 -9.27
N LEU E 5 -28.19 -9.93 -10.56
CA LEU E 5 -27.30 -10.85 -11.26
C LEU E 5 -25.85 -10.35 -11.22
N THR E 6 -25.67 -9.09 -11.61
CA THR E 6 -24.33 -8.51 -11.69
C THR E 6 -23.64 -8.47 -10.33
N GLU E 7 -24.41 -8.15 -9.29
CA GLU E 7 -23.87 -8.12 -7.93
C GLU E 7 -23.52 -9.53 -7.47
N ALA E 8 -24.39 -10.49 -7.80
CA ALA E 8 -24.12 -11.88 -7.51
C ALA E 8 -22.80 -12.31 -8.15
N VAL E 9 -22.64 -12.02 -9.43
CA VAL E 9 -21.41 -12.36 -10.15
C VAL E 9 -20.20 -11.61 -9.59
N SER E 10 -20.37 -10.33 -9.28
CA SER E 10 -19.28 -9.54 -8.72
C SER E 10 -18.80 -10.13 -7.41
N VAL E 11 -19.76 -10.49 -6.56
CA VAL E 11 -19.46 -11.16 -5.30
C VAL E 11 -18.68 -12.45 -5.58
N ALA E 12 -19.26 -13.31 -6.41
CA ALA E 12 -18.62 -14.57 -6.76
C ALA E 12 -17.20 -14.35 -7.28
N ASP E 13 -17.04 -13.32 -8.10
CA ASP E 13 -15.76 -13.04 -8.76
C ASP E 13 -14.71 -12.50 -7.80
N SER E 14 -15.14 -11.62 -6.89
CA SER E 14 -14.22 -11.06 -5.91
C SER E 14 -13.73 -12.09 -4.89
N GLN E 15 -14.27 -13.31 -4.97
CA GLN E 15 -13.90 -14.39 -4.06
C GLN E 15 -13.27 -15.55 -4.84
N GLY E 16 -13.10 -15.36 -6.14
CA GLY E 16 -12.58 -16.42 -6.99
C GLY E 16 -13.44 -17.66 -6.93
N ARG E 17 -14.75 -17.45 -6.75
CA ARG E 17 -15.68 -18.54 -6.50
C ARG E 17 -16.65 -18.77 -7.65
N PHE E 18 -17.02 -20.04 -7.84
CA PHE E 18 -18.13 -20.39 -8.71
C PHE E 18 -19.43 -19.93 -8.06
N LEU E 19 -20.44 -19.65 -8.87
CA LEU E 19 -21.76 -19.32 -8.36
C LEU E 19 -22.33 -20.51 -7.59
N SER E 20 -22.80 -20.27 -6.37
CA SER E 20 -23.44 -21.30 -5.56
C SER E 20 -24.93 -21.03 -5.42
N SER E 21 -25.59 -21.74 -4.51
CA SER E 21 -27.02 -21.64 -4.32
C SER E 21 -27.46 -20.23 -3.95
N THR E 22 -26.54 -19.47 -3.35
CA THR E 22 -26.82 -18.10 -2.95
C THR E 22 -27.15 -17.23 -4.17
N GLU E 23 -26.19 -17.14 -5.08
CA GLU E 23 -26.38 -16.37 -6.32
C GLU E 23 -27.58 -16.89 -7.10
N ILE E 24 -27.81 -18.19 -7.05
CA ILE E 24 -28.96 -18.79 -7.72
C ILE E 24 -30.26 -18.27 -7.10
N GLN E 25 -30.32 -18.25 -5.78
CA GLN E 25 -31.48 -17.69 -5.07
C GLN E 25 -31.67 -16.22 -5.43
N VAL E 26 -30.59 -15.45 -5.44
CA VAL E 26 -30.63 -14.07 -5.90
C VAL E 26 -31.29 -13.98 -7.28
N ALA E 27 -30.81 -14.79 -8.21
CA ALA E 27 -31.35 -14.83 -9.56
C ALA E 27 -32.84 -15.17 -9.57
N PHE E 28 -33.21 -16.21 -8.83
CA PHE E 28 -34.62 -16.60 -8.74
C PHE E 28 -35.47 -15.43 -8.27
N GLY E 29 -34.99 -14.74 -7.24
CA GLY E 29 -35.65 -13.53 -6.77
C GLY E 29 -35.83 -12.54 -7.90
N ARG E 30 -34.72 -12.25 -8.59
CA ARG E 30 -34.75 -11.31 -9.70
C ARG E 30 -35.79 -11.68 -10.76
N PHE E 31 -35.75 -12.93 -11.22
CA PHE E 31 -36.63 -13.37 -12.29
C PHE E 31 -38.10 -13.39 -11.84
N ARG E 32 -38.34 -13.79 -10.59
CA ARG E 32 -39.69 -13.74 -10.05
C ARG E 32 -40.18 -12.29 -10.06
N GLN E 33 -39.33 -11.38 -9.61
CA GLN E 33 -39.67 -9.96 -9.56
C GLN E 33 -39.87 -9.36 -10.96
N ALA E 34 -39.03 -9.78 -11.90
CA ALA E 34 -39.05 -9.23 -13.25
C ALA E 34 -40.41 -9.40 -13.95
N LYS E 35 -41.16 -10.42 -13.56
CA LYS E 35 -42.47 -10.67 -14.14
C LYS E 35 -43.37 -9.44 -13.97
N ALA E 36 -43.29 -8.82 -12.80
CA ALA E 36 -44.03 -7.59 -12.52
C ALA E 36 -43.22 -6.39 -13.01
N GLY E 37 -41.92 -6.43 -12.78
CA GLY E 37 -41.04 -5.34 -13.16
C GLY E 37 -41.11 -4.92 -14.63
N LEU E 38 -40.89 -5.87 -15.53
CA LEU E 38 -40.94 -5.61 -16.96
C LEU E 38 -42.30 -5.05 -17.38
N GLU E 39 -43.35 -5.67 -16.87
CA GLU E 39 -44.72 -5.20 -17.08
C GLU E 39 -44.85 -3.74 -16.67
N ALA E 40 -44.38 -3.43 -15.47
CA ALA E 40 -44.42 -2.07 -14.95
C ALA E 40 -43.68 -1.12 -15.88
N ALA E 41 -42.44 -1.46 -16.22
CA ALA E 41 -41.63 -0.64 -17.10
C ALA E 41 -42.34 -0.42 -18.43
N LYS E 42 -43.01 -1.47 -18.91
CA LYS E 42 -43.80 -1.37 -20.12
C LYS E 42 -44.97 -0.40 -19.95
N ALA E 43 -45.64 -0.49 -18.79
CA ALA E 43 -46.78 0.37 -18.51
C ALA E 43 -46.39 1.84 -18.43
N LEU E 44 -45.38 2.15 -17.63
CA LEU E 44 -44.93 3.52 -17.44
C LEU E 44 -44.49 4.18 -18.74
N THR E 45 -43.99 3.37 -19.67
CA THR E 45 -43.56 3.85 -20.98
C THR E 45 -44.75 4.42 -21.76
N SER E 46 -45.92 3.83 -21.55
CA SER E 46 -47.13 4.26 -22.25
C SER E 46 -47.74 5.51 -21.61
N LYS E 47 -47.30 5.83 -20.40
CA LYS E 47 -47.85 6.97 -19.66
C LYS E 47 -46.86 8.13 -19.62
N ALA E 48 -45.78 8.00 -20.39
CA ALA E 48 -44.67 8.95 -20.36
C ALA E 48 -45.13 10.39 -20.58
N ASP E 49 -45.69 10.66 -21.76
CA ASP E 49 -46.13 12.02 -22.13
C ASP E 49 -46.96 12.68 -21.03
N SER E 50 -48.08 12.05 -20.68
CA SER E 50 -49.02 12.61 -19.73
C SER E 50 -48.39 12.77 -18.35
N LEU E 51 -47.63 11.76 -17.90
CA LEU E 51 -46.97 11.84 -16.60
C LEU E 51 -45.95 12.97 -16.56
N ILE E 52 -45.16 13.11 -17.62
CA ILE E 52 -44.15 14.15 -17.68
C ILE E 52 -44.77 15.54 -17.72
N SER E 53 -45.77 15.72 -18.59
CA SER E 53 -46.46 17.01 -18.68
C SER E 53 -47.13 17.37 -17.35
N GLY E 54 -47.85 16.41 -16.78
CA GLY E 54 -48.51 16.61 -15.49
C GLY E 54 -47.52 16.92 -14.39
N ALA E 55 -46.39 16.20 -14.39
CA ALA E 55 -45.33 16.43 -13.41
C ALA E 55 -44.78 17.84 -13.54
N ALA E 56 -44.40 18.21 -14.76
CA ALA E 56 -43.88 19.54 -15.03
C ALA E 56 -44.87 20.60 -14.55
N GLN E 57 -46.14 20.40 -14.89
CA GLN E 57 -47.19 21.32 -14.47
C GLN E 57 -47.29 21.38 -12.95
N ALA E 58 -47.17 20.23 -12.29
CA ALA E 58 -47.18 20.17 -10.84
C ALA E 58 -46.05 21.01 -10.26
N VAL E 59 -44.87 20.87 -10.85
CA VAL E 59 -43.72 21.68 -10.45
C VAL E 59 -44.03 23.16 -10.63
N TYR E 60 -44.53 23.51 -11.82
CA TYR E 60 -44.87 24.91 -12.09
C TYR E 60 -45.90 25.44 -11.09
N ASN E 61 -46.85 24.58 -10.71
CA ASN E 61 -47.86 24.94 -9.72
C ASN E 61 -47.24 25.19 -8.35
N LYS E 62 -46.38 24.27 -7.90
CA LYS E 62 -45.73 24.42 -6.60
C LYS E 62 -44.79 25.61 -6.56
N PHE E 63 -44.06 25.83 -7.64
CA PHE E 63 -43.08 26.91 -7.73
C PHE E 63 -43.35 27.81 -8.93
N PRO E 64 -44.33 28.72 -8.80
CA PRO E 64 -44.70 29.59 -9.93
C PRO E 64 -43.55 30.46 -10.44
N TYR E 65 -42.67 30.91 -9.55
CA TYR E 65 -41.60 31.82 -9.92
C TYR E 65 -40.70 31.26 -11.02
N THR E 66 -40.66 29.92 -11.13
CA THR E 66 -39.85 29.28 -12.16
C THR E 66 -40.39 29.57 -13.55
N THR E 67 -41.65 29.95 -13.64
CA THR E 67 -42.27 30.31 -14.92
C THR E 67 -42.25 31.83 -15.14
N GLN E 68 -41.73 32.56 -14.17
CA GLN E 68 -41.78 34.02 -14.19
C GLN E 68 -40.38 34.64 -14.20
N MET E 69 -39.47 34.04 -13.44
CA MET E 69 -38.12 34.59 -13.32
C MET E 69 -37.31 34.42 -14.59
N GLN E 70 -36.53 35.45 -14.92
CA GLN E 70 -35.60 35.39 -16.03
C GLN E 70 -34.35 34.66 -15.56
N GLY E 71 -33.56 34.19 -16.52
CA GLY E 71 -32.32 33.48 -16.23
C GLY E 71 -32.32 32.13 -16.91
N PRO E 72 -31.12 31.64 -17.27
CA PRO E 72 -31.07 30.36 -18.00
C PRO E 72 -31.57 29.18 -17.16
N ASN E 73 -31.60 29.31 -15.84
CA ASN E 73 -31.97 28.19 -14.98
C ASN E 73 -33.48 28.04 -14.76
N TYR E 74 -34.25 28.99 -15.25
CA TYR E 74 -35.71 28.98 -15.06
C TYR E 74 -36.48 28.67 -16.35
N ALA E 75 -37.78 28.45 -16.20
CA ALA E 75 -38.64 28.06 -17.33
C ALA E 75 -39.67 29.13 -17.65
N ALA E 76 -39.21 30.36 -17.88
CA ALA E 76 -40.08 31.47 -18.22
C ALA E 76 -40.28 31.57 -19.73
N ASP E 77 -39.52 30.78 -20.47
CA ASP E 77 -39.63 30.73 -21.92
C ASP E 77 -39.77 29.29 -22.39
N GLN E 78 -39.87 29.10 -23.71
CA GLN E 78 -40.01 27.76 -24.28
C GLN E 78 -38.74 26.95 -24.06
N ARG E 79 -37.60 27.61 -24.28
CA ARG E 79 -36.29 27.03 -24.07
C ARG E 79 -36.19 26.40 -22.69
N GLY E 80 -36.72 27.09 -21.70
CA GLY E 80 -36.67 26.62 -20.32
C GLY E 80 -37.63 25.48 -20.05
N LYS E 81 -38.84 25.59 -20.58
CA LYS E 81 -39.87 24.58 -20.33
C LYS E 81 -39.51 23.23 -20.99
N ASP E 82 -38.92 23.30 -22.19
CA ASP E 82 -38.50 22.08 -22.86
C ASP E 82 -37.41 21.33 -22.08
N LYS E 83 -36.46 22.07 -21.51
CA LYS E 83 -35.41 21.47 -20.68
C LYS E 83 -36.03 20.73 -19.50
N CYS E 84 -37.01 21.36 -18.86
CA CYS E 84 -37.69 20.76 -17.71
C CYS E 84 -38.41 19.49 -18.12
N ALA E 85 -39.27 19.59 -19.13
CA ALA E 85 -39.97 18.42 -19.65
C ALA E 85 -38.99 17.29 -19.95
N ARG E 86 -37.92 17.63 -20.66
CA ARG E 86 -36.86 16.67 -20.98
C ARG E 86 -36.31 16.01 -19.71
N ASP E 87 -35.93 16.82 -18.73
CA ASP E 87 -35.34 16.32 -17.48
C ASP E 87 -36.28 15.34 -16.75
N ILE E 88 -37.54 15.75 -16.60
CA ILE E 88 -38.53 14.86 -15.97
C ILE E 88 -38.64 13.57 -16.78
N GLY E 89 -38.62 13.71 -18.10
CA GLY E 89 -38.55 12.56 -18.98
C GLY E 89 -37.38 11.66 -18.67
N TYR E 90 -36.20 12.25 -18.49
CA TYR E 90 -35.02 11.49 -18.10
C TYR E 90 -35.27 10.71 -16.82
N TYR E 91 -35.76 11.39 -15.78
CA TYR E 91 -36.07 10.70 -14.53
C TYR E 91 -37.00 9.49 -14.74
N LEU E 92 -38.14 9.73 -15.38
CA LEU E 92 -39.11 8.66 -15.62
C LEU E 92 -38.50 7.48 -16.38
N ARG E 93 -37.77 7.80 -17.45
CA ARG E 93 -37.08 6.79 -18.23
C ARG E 93 -36.11 6.00 -17.35
N MET E 94 -35.38 6.70 -16.49
CA MET E 94 -34.48 6.01 -15.56
C MET E 94 -35.25 5.05 -14.67
N VAL E 95 -36.41 5.50 -14.17
CA VAL E 95 -37.26 4.61 -13.38
C VAL E 95 -37.63 3.34 -14.16
N THR E 96 -38.06 3.51 -15.41
CA THR E 96 -38.34 2.33 -16.25
C THR E 96 -37.10 1.43 -16.36
N TYR E 97 -35.95 2.03 -16.65
CA TYR E 97 -34.70 1.27 -16.73
C TYR E 97 -34.43 0.48 -15.45
N CYS E 98 -34.66 1.11 -14.31
CA CYS E 98 -34.49 0.45 -13.03
C CYS E 98 -35.45 -0.72 -12.89
N LEU E 99 -36.71 -0.51 -13.28
CA LEU E 99 -37.68 -1.60 -13.27
C LEU E 99 -37.24 -2.76 -14.15
N ILE E 100 -36.67 -2.44 -15.31
CA ILE E 100 -36.16 -3.46 -16.22
C ILE E 100 -34.91 -4.15 -15.66
N ALA E 101 -34.04 -3.40 -15.01
CA ALA E 101 -32.78 -3.94 -14.49
C ALA E 101 -32.99 -4.64 -13.15
N GLY E 102 -34.04 -4.27 -12.43
CA GLY E 102 -34.30 -4.82 -11.12
C GLY E 102 -33.39 -4.20 -10.07
N GLY E 103 -32.94 -2.98 -10.34
CA GLY E 103 -32.07 -2.27 -9.43
C GLY E 103 -31.91 -0.80 -9.79
N THR E 104 -31.23 -0.06 -8.91
CA THR E 104 -31.00 1.36 -9.13
C THR E 104 -29.83 1.59 -10.07
N GLY E 105 -29.28 0.51 -10.62
CA GLY E 105 -28.09 0.58 -11.45
C GLY E 105 -28.13 1.65 -12.53
N PRO E 106 -29.06 1.52 -13.49
CA PRO E 106 -29.19 2.47 -14.59
C PRO E 106 -29.28 3.93 -14.11
N MET E 107 -30.16 4.19 -13.16
CA MET E 107 -30.33 5.54 -12.63
C MET E 107 -29.06 6.00 -11.94
N ASP E 108 -28.37 5.08 -11.26
CA ASP E 108 -27.11 5.40 -10.62
C ASP E 108 -26.05 5.78 -11.65
N GLU E 109 -25.96 4.99 -12.72
CA GLU E 109 -24.94 5.20 -13.74
C GLU E 109 -25.22 6.45 -14.57
N TYR E 110 -26.49 6.70 -14.87
CA TYR E 110 -26.86 7.75 -15.82
C TYR E 110 -27.27 9.08 -15.19
N LEU E 111 -27.77 9.04 -13.95
CA LEU E 111 -28.37 10.23 -13.34
C LEU E 111 -27.78 10.62 -11.99
N ILE E 112 -27.67 9.66 -11.07
CA ILE E 112 -27.26 9.99 -9.70
C ILE E 112 -25.79 10.40 -9.67
N ALA E 113 -24.95 9.68 -10.41
CA ALA E 113 -23.55 10.04 -10.52
C ALA E 113 -23.42 11.42 -11.15
N GLY E 114 -23.21 12.44 -10.31
CA GLY E 114 -23.01 13.79 -10.77
C GLY E 114 -24.21 14.69 -10.61
N ILE E 115 -25.28 14.19 -10.00
CA ILE E 115 -26.51 14.97 -9.85
C ILE E 115 -26.27 16.26 -9.06
N ASP E 116 -25.54 16.14 -7.95
CA ASP E 116 -25.27 17.29 -7.10
C ASP E 116 -24.49 18.34 -7.86
N GLU E 117 -23.47 17.90 -8.60
CA GLU E 117 -22.63 18.80 -9.37
C GLU E 117 -23.45 19.54 -10.43
N ILE E 118 -24.31 18.80 -11.14
CA ILE E 118 -25.14 19.38 -12.18
C ILE E 118 -26.15 20.37 -11.60
N ASN E 119 -26.90 19.93 -10.59
CA ASN E 119 -27.89 20.80 -9.97
C ASN E 119 -27.25 22.01 -9.31
N ARG E 120 -26.08 21.82 -8.73
CA ARG E 120 -25.35 22.90 -8.08
C ARG E 120 -24.75 23.85 -9.12
N THR E 121 -24.29 23.30 -10.22
CA THR E 121 -23.68 24.09 -11.29
C THR E 121 -24.68 25.01 -12.00
N PHE E 122 -25.79 24.43 -12.45
CA PHE E 122 -26.76 25.15 -13.26
C PHE E 122 -27.88 25.82 -12.45
N GLU E 123 -27.69 25.89 -11.13
CA GLU E 123 -28.69 26.48 -10.24
C GLU E 123 -30.07 25.85 -10.41
N LEU E 124 -30.12 24.52 -10.42
CA LEU E 124 -31.37 23.78 -10.50
C LEU E 124 -31.74 23.26 -9.12
N SER E 125 -32.94 23.57 -8.66
CA SER E 125 -33.36 23.16 -7.32
C SER E 125 -33.81 21.71 -7.31
N PRO E 126 -33.29 20.90 -6.37
CA PRO E 126 -33.72 19.50 -6.24
C PRO E 126 -35.21 19.36 -5.87
N SER E 127 -35.72 20.37 -5.19
CA SER E 127 -37.11 20.37 -4.75
C SER E 127 -38.09 20.26 -5.92
N TRP E 128 -37.76 20.94 -7.01
CA TRP E 128 -38.57 20.88 -8.23
C TRP E 128 -38.74 19.43 -8.67
N TYR E 129 -37.61 18.75 -8.82
CA TYR E 129 -37.60 17.37 -9.28
C TYR E 129 -38.25 16.44 -8.27
N ILE E 130 -38.07 16.73 -6.97
CA ILE E 130 -38.79 15.97 -5.95
C ILE E 130 -40.30 16.11 -6.11
N GLU E 131 -40.76 17.33 -6.36
CA GLU E 131 -42.19 17.56 -6.63
C GLU E 131 -42.65 16.75 -7.84
N ALA E 132 -41.89 16.85 -8.93
CA ALA E 132 -42.16 16.07 -10.13
C ALA E 132 -42.28 14.57 -9.83
N LEU E 133 -41.30 14.06 -9.08
CA LEU E 133 -41.28 12.65 -8.72
C LEU E 133 -42.50 12.28 -7.88
N LYS E 134 -42.85 13.14 -6.93
CA LYS E 134 -44.05 12.94 -6.12
C LYS E 134 -45.29 12.83 -7.00
N TYR E 135 -45.43 13.77 -7.94
CA TYR E 135 -46.55 13.72 -8.88
C TYR E 135 -46.59 12.39 -9.67
N ILE E 136 -45.47 12.06 -10.31
CA ILE E 136 -45.36 10.82 -11.07
C ILE E 136 -45.74 9.63 -10.20
N LYS E 137 -45.21 9.61 -8.99
CA LYS E 137 -45.49 8.53 -8.04
C LYS E 137 -46.98 8.47 -7.73
N ALA E 138 -47.60 9.64 -7.56
CA ALA E 138 -49.02 9.71 -7.22
C ALA E 138 -49.96 9.49 -8.41
N ASN E 139 -49.48 9.71 -9.64
CA ASN E 139 -50.32 9.61 -10.83
C ASN E 139 -50.08 8.42 -11.78
N HIS E 140 -49.18 7.50 -11.45
CA HIS E 140 -48.78 6.48 -12.44
C HIS E 140 -49.80 5.35 -12.63
N GLY E 141 -50.66 5.13 -11.64
CA GLY E 141 -51.74 4.16 -11.77
C GLY E 141 -51.33 2.71 -11.91
N LEU E 142 -50.17 2.35 -11.37
CA LEU E 142 -49.72 0.96 -11.35
C LEU E 142 -50.30 0.28 -10.12
N SER E 143 -50.19 -1.04 -10.07
CA SER E 143 -50.66 -1.80 -8.91
C SER E 143 -49.80 -3.04 -8.69
N GLY E 144 -49.95 -3.68 -7.54
CA GLY E 144 -49.18 -4.87 -7.22
C GLY E 144 -47.72 -4.54 -7.03
N ASP E 145 -46.86 -5.55 -7.15
CA ASP E 145 -45.42 -5.37 -6.95
C ASP E 145 -44.83 -4.36 -7.92
N ALA E 146 -45.52 -4.14 -9.03
CA ALA E 146 -45.13 -3.13 -10.01
C ALA E 146 -44.99 -1.76 -9.35
N ALA E 147 -46.11 -1.28 -8.81
CA ALA E 147 -46.17 0.03 -8.18
C ALA E 147 -45.15 0.14 -7.05
N VAL E 148 -45.02 -0.93 -6.28
CA VAL E 148 -44.12 -0.92 -5.13
C VAL E 148 -42.67 -0.79 -5.60
N GLU E 149 -42.26 -1.67 -6.51
CA GLU E 149 -40.89 -1.66 -7.02
C GLU E 149 -40.59 -0.33 -7.72
N ALA E 150 -41.57 0.18 -8.46
CA ALA E 150 -41.42 1.48 -9.11
C ALA E 150 -41.26 2.59 -8.07
N ASN E 151 -42.11 2.54 -7.04
CA ASN E 151 -42.11 3.54 -5.99
C ASN E 151 -40.81 3.50 -5.20
N SER E 152 -40.22 2.32 -5.08
CA SER E 152 -38.89 2.22 -4.45
C SER E 152 -37.89 3.08 -5.20
N TYR E 153 -37.92 3.03 -6.52
CA TYR E 153 -36.99 3.80 -7.35
C TYR E 153 -37.33 5.28 -7.33
N LEU E 154 -38.61 5.60 -7.41
CA LEU E 154 -39.05 6.99 -7.30
C LEU E 154 -38.57 7.59 -5.98
N ASP E 155 -38.85 6.88 -4.89
CA ASP E 155 -38.43 7.32 -3.56
C ASP E 155 -36.91 7.36 -3.46
N TYR E 156 -36.24 6.41 -4.12
CA TYR E 156 -34.78 6.41 -4.17
C TYR E 156 -34.28 7.71 -4.81
N ALA E 157 -34.84 8.06 -5.96
CA ALA E 157 -34.50 9.29 -6.63
C ALA E 157 -34.78 10.49 -5.72
N ILE E 158 -35.93 10.46 -5.06
CA ILE E 158 -36.29 11.51 -4.10
C ILE E 158 -35.20 11.63 -3.03
N ASN E 159 -34.78 10.50 -2.47
CA ASN E 159 -33.74 10.51 -1.43
C ASN E 159 -32.40 10.99 -1.98
N ALA E 160 -32.12 10.65 -3.23
CA ALA E 160 -30.89 11.09 -3.88
C ALA E 160 -30.82 12.62 -4.02
N LEU E 161 -31.98 13.27 -3.88
CA LEU E 161 -32.07 14.72 -4.02
C LEU E 161 -32.20 15.43 -2.66
N SER E 162 -32.25 14.64 -1.59
CA SER E 162 -32.51 15.19 -0.24
C SER E 162 -31.40 14.83 0.73
N MET F 1 -20.10 -4.32 -15.57
CA MET F 1 -20.51 -5.33 -16.59
C MET F 1 -22.01 -5.27 -16.82
N PHE F 2 -22.47 -5.95 -17.86
CA PHE F 2 -23.90 -6.03 -18.17
C PHE F 2 -24.45 -7.41 -17.86
N ASP F 3 -25.77 -7.49 -17.72
CA ASP F 3 -26.48 -8.76 -17.78
C ASP F 3 -27.47 -8.66 -18.94
N ALA F 4 -28.38 -9.61 -19.04
CA ALA F 4 -29.35 -9.64 -20.12
C ALA F 4 -30.22 -8.39 -20.11
N PHE F 5 -30.39 -7.80 -18.93
CA PHE F 5 -31.27 -6.66 -18.78
C PHE F 5 -30.56 -5.34 -19.06
N THR F 6 -29.48 -5.07 -18.34
CA THR F 6 -28.78 -3.80 -18.45
C THR F 6 -28.08 -3.62 -19.79
N LYS F 7 -27.92 -4.71 -20.53
CA LYS F 7 -27.32 -4.65 -21.86
C LYS F 7 -28.27 -3.94 -22.82
N VAL F 8 -29.56 -4.27 -22.71
CA VAL F 8 -30.59 -3.65 -23.54
C VAL F 8 -30.82 -2.21 -23.08
N VAL F 9 -30.88 -2.02 -21.76
CA VAL F 9 -31.03 -0.69 -21.17
C VAL F 9 -29.91 0.23 -21.64
N SER F 10 -28.68 -0.25 -21.52
CA SER F 10 -27.53 0.56 -21.91
C SER F 10 -27.50 0.81 -23.41
N GLN F 11 -28.24 0.01 -24.17
CA GLN F 11 -28.35 0.22 -25.61
C GLN F 11 -29.42 1.28 -25.89
N ALA F 12 -30.55 1.16 -25.22
CA ALA F 12 -31.64 2.11 -25.40
C ALA F 12 -31.26 3.50 -24.89
N ASP F 13 -30.48 3.55 -23.81
CA ASP F 13 -30.11 4.82 -23.18
C ASP F 13 -29.35 5.74 -24.12
N THR F 14 -28.49 5.17 -24.97
CA THR F 14 -27.63 5.98 -25.84
C THR F 14 -28.45 6.64 -26.93
N ARG F 15 -29.69 6.19 -27.09
CA ARG F 15 -30.62 6.75 -28.06
C ARG F 15 -31.64 7.64 -27.38
N GLY F 16 -31.63 7.63 -26.05
CA GLY F 16 -32.57 8.44 -25.27
C GLY F 16 -33.98 7.92 -25.37
N GLU F 17 -34.13 6.59 -25.42
CA GLU F 17 -35.42 5.96 -25.63
C GLU F 17 -35.71 4.89 -24.60
N MET F 18 -36.98 4.66 -24.34
CA MET F 18 -37.41 3.58 -23.46
C MET F 18 -37.38 2.31 -24.30
N LEU F 19 -37.40 1.16 -23.67
CA LEU F 19 -37.37 -0.10 -24.41
C LEU F 19 -38.67 -0.31 -25.18
N SER F 20 -38.54 -0.79 -26.41
CA SER F 20 -39.69 -1.17 -27.21
C SER F 20 -40.36 -2.35 -26.52
N THR F 21 -41.65 -2.50 -26.72
CA THR F 21 -42.39 -3.59 -26.08
C THR F 21 -41.83 -4.95 -26.49
N ALA F 22 -41.26 -5.02 -27.70
CA ALA F 22 -40.72 -6.27 -28.21
C ALA F 22 -39.49 -6.70 -27.41
N GLN F 23 -38.70 -5.73 -26.99
CA GLN F 23 -37.54 -5.98 -26.15
C GLN F 23 -37.97 -6.52 -24.79
N ILE F 24 -38.92 -5.83 -24.17
CA ILE F 24 -39.50 -6.28 -22.90
C ILE F 24 -40.09 -7.68 -23.08
N ASP F 25 -40.74 -7.91 -24.22
CA ASP F 25 -41.30 -9.23 -24.52
C ASP F 25 -40.19 -10.29 -24.53
N ALA F 26 -39.12 -10.01 -25.27
CA ALA F 26 -37.97 -10.91 -25.32
C ALA F 26 -37.42 -11.19 -23.92
N LEU F 27 -37.30 -10.14 -23.12
CA LEU F 27 -36.78 -10.30 -21.76
C LEU F 27 -37.72 -11.15 -20.88
N SER F 28 -39.03 -10.88 -20.95
CA SER F 28 -40.01 -11.70 -20.25
C SER F 28 -39.90 -13.14 -20.74
N GLN F 29 -39.65 -13.29 -22.04
CA GLN F 29 -39.48 -14.60 -22.64
C GLN F 29 -38.28 -15.32 -22.03
N MET F 30 -37.18 -14.58 -21.87
CA MET F 30 -36.00 -15.11 -21.20
C MET F 30 -36.32 -15.49 -19.75
N VAL F 31 -37.05 -14.61 -19.06
CA VAL F 31 -37.47 -14.87 -17.69
C VAL F 31 -38.28 -16.15 -17.61
N ALA F 32 -39.16 -16.36 -18.59
CA ALA F 32 -39.99 -17.56 -18.62
C ALA F 32 -39.17 -18.85 -18.60
N GLU F 33 -37.93 -18.80 -19.09
CA GLU F 33 -37.08 -19.99 -19.16
C GLU F 33 -35.84 -19.88 -18.27
N SER F 34 -35.93 -19.06 -17.22
CA SER F 34 -34.78 -18.80 -16.36
C SER F 34 -34.41 -19.98 -15.48
N ASN F 35 -35.42 -20.75 -15.07
CA ASN F 35 -35.18 -21.94 -14.26
C ASN F 35 -34.20 -22.88 -14.96
N LYS F 36 -34.37 -23.02 -16.26
CA LYS F 36 -33.49 -23.86 -17.07
C LYS F 36 -32.06 -23.31 -17.00
N ARG F 37 -31.92 -22.00 -17.22
CA ARG F 37 -30.62 -21.35 -17.14
C ARG F 37 -29.94 -21.63 -15.81
N LEU F 38 -30.66 -21.40 -14.72
CA LEU F 38 -30.08 -21.66 -13.40
C LEU F 38 -29.85 -23.15 -13.16
N ASP F 39 -30.65 -24.00 -13.81
CA ASP F 39 -30.38 -25.44 -13.79
C ASP F 39 -29.03 -25.74 -14.42
N VAL F 40 -28.75 -25.16 -15.59
CA VAL F 40 -27.44 -25.38 -16.22
C VAL F 40 -26.32 -24.77 -15.39
N VAL F 41 -26.54 -23.59 -14.81
CA VAL F 41 -25.56 -23.00 -13.92
C VAL F 41 -25.21 -23.99 -12.81
N ASN F 42 -26.25 -24.46 -12.10
CA ASN F 42 -26.08 -25.43 -11.04
C ASN F 42 -25.39 -26.70 -11.52
N ARG F 43 -25.80 -27.21 -12.67
CA ARG F 43 -25.28 -28.46 -13.19
C ARG F 43 -23.81 -28.36 -13.59
N ILE F 44 -23.46 -27.33 -14.37
CA ILE F 44 -22.08 -27.12 -14.78
C ILE F 44 -21.22 -26.87 -13.54
N THR F 45 -21.68 -25.99 -12.65
CA THR F 45 -20.97 -25.71 -11.42
C THR F 45 -20.72 -26.99 -10.62
N SER F 46 -21.77 -27.80 -10.48
CA SER F 46 -21.69 -29.02 -9.68
C SER F 46 -20.63 -30.00 -10.17
N ASN F 47 -20.29 -29.95 -11.46
CA ASN F 47 -19.31 -30.85 -12.05
C ASN F 47 -18.04 -30.12 -12.51
N ALA F 48 -17.78 -28.99 -11.86
CA ALA F 48 -16.65 -28.12 -12.22
C ALA F 48 -15.32 -28.87 -12.25
N SER F 49 -15.06 -29.67 -11.21
CA SER F 49 -13.79 -30.38 -11.11
C SER F 49 -13.61 -31.43 -12.21
N THR F 50 -14.61 -32.30 -12.37
CA THR F 50 -14.53 -33.36 -13.38
C THR F 50 -14.46 -32.79 -14.80
N ILE F 51 -15.26 -31.77 -15.08
CA ILE F 51 -15.23 -31.13 -16.39
C ILE F 51 -13.81 -30.68 -16.76
N VAL F 52 -13.09 -30.13 -15.79
CA VAL F 52 -11.74 -29.64 -16.01
C VAL F 52 -10.73 -30.79 -16.07
N SER F 53 -10.80 -31.70 -15.10
CA SER F 53 -9.82 -32.78 -15.01
C SER F 53 -9.93 -33.75 -16.19
N ASN F 54 -11.16 -34.08 -16.59
CA ASN F 54 -11.39 -34.94 -17.74
C ASN F 54 -10.81 -34.31 -19.01
N ALA F 55 -11.13 -33.04 -19.22
CA ALA F 55 -10.65 -32.31 -20.39
C ALA F 55 -9.13 -32.22 -20.39
N ALA F 56 -8.56 -31.90 -19.23
CA ALA F 56 -7.12 -31.81 -19.07
C ALA F 56 -6.44 -33.12 -19.43
N ARG F 57 -6.88 -34.20 -18.79
CA ARG F 57 -6.34 -35.52 -19.07
C ARG F 57 -6.48 -35.87 -20.54
N SER F 58 -7.67 -35.61 -21.09
CA SER F 58 -7.94 -35.86 -22.50
C SER F 58 -7.05 -35.01 -23.41
N LEU F 59 -6.75 -33.80 -22.97
CA LEU F 59 -5.89 -32.90 -23.74
C LEU F 59 -4.44 -33.38 -23.71
N PHE F 60 -3.99 -33.81 -22.53
CA PHE F 60 -2.62 -34.28 -22.38
C PHE F 60 -2.41 -35.60 -23.11
N ALA F 61 -3.44 -36.45 -23.11
CA ALA F 61 -3.36 -37.72 -23.82
C ALA F 61 -3.19 -37.53 -25.33
N GLU F 62 -3.81 -36.48 -25.87
CA GLU F 62 -3.76 -36.22 -27.30
C GLU F 62 -2.56 -35.36 -27.71
N GLN F 63 -2.01 -34.62 -26.75
CA GLN F 63 -0.87 -33.75 -26.99
C GLN F 63 0.20 -34.00 -25.93
N PRO F 64 0.93 -35.13 -26.04
CA PRO F 64 1.86 -35.53 -24.99
C PRO F 64 3.05 -34.59 -24.83
N GLN F 65 3.26 -33.69 -25.78
CA GLN F 65 4.42 -32.80 -25.74
C GLN F 65 4.24 -31.71 -24.68
N LEU F 66 2.99 -31.46 -24.29
CA LEU F 66 2.69 -30.41 -23.34
C LEU F 66 3.15 -30.77 -21.93
N ILE F 67 3.14 -32.05 -21.61
CA ILE F 67 3.51 -32.52 -20.28
C ILE F 67 4.85 -33.23 -20.26
N ALA F 68 5.39 -33.55 -21.43
CA ALA F 68 6.73 -34.09 -21.52
C ALA F 68 7.70 -33.03 -21.01
N PRO F 69 8.85 -33.45 -20.45
CA PRO F 69 9.87 -32.49 -20.00
C PRO F 69 10.17 -31.44 -21.08
N GLY F 70 10.13 -30.17 -20.68
CA GLY F 70 10.30 -29.07 -21.60
C GLY F 70 8.97 -28.54 -22.11
N GLY F 71 7.91 -29.31 -21.87
CA GLY F 71 6.57 -28.90 -22.25
C GLY F 71 6.06 -27.81 -21.34
N ASN F 72 5.12 -27.01 -21.82
CA ASN F 72 4.65 -25.85 -21.07
C ASN F 72 3.81 -26.24 -19.85
N ALA F 73 3.33 -27.48 -19.82
CA ALA F 73 2.55 -27.98 -18.69
C ALA F 73 3.36 -28.93 -17.81
N TYR F 74 4.64 -29.09 -18.13
CA TYR F 74 5.55 -29.92 -17.35
C TYR F 74 5.90 -29.21 -16.04
N THR F 75 6.28 -29.97 -15.02
CA THR F 75 6.41 -29.50 -13.64
C THR F 75 5.03 -29.25 -13.03
N SER F 76 4.93 -29.37 -11.71
CA SER F 76 3.66 -29.26 -11.02
C SER F 76 3.16 -27.81 -10.96
N THR F 77 4.10 -26.87 -10.87
CA THR F 77 3.77 -25.46 -10.78
C THR F 77 3.05 -24.96 -12.03
N ARG F 78 3.42 -25.51 -13.18
CA ARG F 78 2.81 -25.10 -14.44
C ARG F 78 1.52 -25.88 -14.70
N MET F 79 1.53 -27.16 -14.37
CA MET F 79 0.32 -27.98 -14.45
C MET F 79 -0.79 -27.32 -13.64
N ALA F 80 -0.44 -26.91 -12.42
CA ALA F 80 -1.38 -26.20 -11.56
C ALA F 80 -1.95 -24.97 -12.27
N ALA F 81 -1.06 -24.18 -12.87
CA ALA F 81 -1.46 -22.98 -13.59
C ALA F 81 -2.38 -23.31 -14.75
N CYS F 82 -2.09 -24.40 -15.44
CA CYS F 82 -2.90 -24.86 -16.57
C CYS F 82 -4.31 -25.25 -16.11
N LEU F 83 -4.39 -26.17 -15.15
CA LEU F 83 -5.66 -26.58 -14.57
C LEU F 83 -6.44 -25.35 -14.09
N ARG F 84 -5.72 -24.43 -13.46
CA ARG F 84 -6.31 -23.22 -12.93
C ARG F 84 -6.87 -22.33 -14.06
N ASP F 85 -6.12 -22.19 -15.15
CA ASP F 85 -6.60 -21.44 -16.30
C ASP F 85 -7.92 -22.05 -16.81
N MET F 86 -7.91 -23.37 -16.98
CA MET F 86 -9.11 -24.08 -17.40
C MET F 86 -10.29 -23.77 -16.48
N GLU F 87 -10.08 -23.96 -15.18
CA GLU F 87 -11.10 -23.70 -14.17
C GLU F 87 -11.63 -22.25 -14.27
N ILE F 88 -10.70 -21.30 -14.36
CA ILE F 88 -11.04 -19.89 -14.48
C ILE F 88 -11.96 -19.63 -15.67
N ILE F 89 -11.54 -20.11 -16.84
CA ILE F 89 -12.34 -19.95 -18.04
C ILE F 89 -13.74 -20.54 -17.84
N LEU F 90 -13.81 -21.78 -17.36
CA LEU F 90 -15.10 -22.42 -17.11
C LEU F 90 -15.97 -21.55 -16.20
N ARG F 91 -15.35 -21.04 -15.14
CA ARG F 91 -16.03 -20.18 -14.18
C ARG F 91 -16.63 -18.96 -14.88
N TYR F 92 -15.81 -18.22 -15.59
CA TYR F 92 -16.30 -17.02 -16.29
C TYR F 92 -17.39 -17.36 -17.32
N VAL F 93 -17.25 -18.49 -17.98
CA VAL F 93 -18.31 -18.94 -18.88
C VAL F 93 -19.62 -19.14 -18.11
N THR F 94 -19.55 -19.80 -16.95
CA THR F 94 -20.76 -19.95 -16.12
C THR F 94 -21.29 -18.59 -15.64
N TYR F 95 -20.40 -17.64 -15.38
CA TYR F 95 -20.83 -16.27 -15.11
C TYR F 95 -21.61 -15.72 -16.30
N ALA F 96 -21.09 -15.97 -17.51
CA ALA F 96 -21.78 -15.54 -18.72
C ALA F 96 -23.15 -16.19 -18.87
N VAL F 97 -23.24 -17.49 -18.59
CA VAL F 97 -24.53 -18.18 -18.62
C VAL F 97 -25.49 -17.60 -17.59
N PHE F 98 -24.99 -17.36 -16.39
CA PHE F 98 -25.80 -16.81 -15.30
C PHE F 98 -26.32 -15.41 -15.61
N ALA F 99 -25.42 -14.52 -16.02
CA ALA F 99 -25.77 -13.14 -16.33
C ALA F 99 -26.68 -13.06 -17.54
N GLY F 100 -26.55 -14.02 -18.45
CA GLY F 100 -27.24 -13.96 -19.72
C GLY F 100 -26.58 -12.95 -20.65
N ASP F 101 -25.32 -12.63 -20.37
CA ASP F 101 -24.55 -11.71 -21.20
C ASP F 101 -23.06 -12.03 -21.09
N ALA F 102 -22.34 -11.84 -22.19
CA ALA F 102 -20.96 -12.32 -22.30
C ALA F 102 -19.92 -11.34 -21.77
N SER F 103 -20.33 -10.10 -21.50
CA SER F 103 -19.39 -9.02 -21.17
C SER F 103 -18.47 -9.34 -19.99
N VAL F 104 -18.95 -10.12 -19.03
CA VAL F 104 -18.14 -10.50 -17.88
C VAL F 104 -17.01 -11.43 -18.32
N LEU F 105 -17.29 -12.24 -19.32
CA LEU F 105 -16.29 -13.14 -19.90
C LEU F 105 -15.34 -12.34 -20.78
N GLU F 106 -15.88 -11.33 -21.47
CA GLU F 106 -15.06 -10.48 -22.33
C GLU F 106 -14.05 -9.68 -21.53
N ASP F 107 -14.55 -8.79 -20.68
CA ASP F 107 -13.72 -7.78 -20.05
C ASP F 107 -12.78 -8.34 -18.99
N ARG F 108 -13.31 -9.19 -18.11
CA ARG F 108 -12.55 -9.65 -16.95
C ARG F 108 -11.63 -10.84 -17.25
N CYS F 109 -12.00 -11.67 -18.24
CA CYS F 109 -11.28 -12.90 -18.51
C CYS F 109 -10.50 -12.88 -19.83
N LEU F 110 -11.21 -12.90 -20.94
CA LEU F 110 -10.58 -13.11 -22.25
C LEU F 110 -9.79 -11.91 -22.76
N ASN F 111 -10.00 -10.74 -22.16
CA ASN F 111 -9.33 -9.53 -22.61
C ASN F 111 -7.84 -9.58 -22.31
N GLY F 112 -7.03 -9.64 -23.37
CA GLY F 112 -5.58 -9.62 -23.25
C GLY F 112 -4.95 -10.98 -23.11
N LEU F 113 -5.77 -12.02 -22.98
CA LEU F 113 -5.30 -13.37 -22.69
C LEU F 113 -4.37 -13.92 -23.77
N ARG F 114 -4.71 -13.67 -25.03
CA ARG F 114 -3.90 -14.10 -26.16
C ARG F 114 -2.47 -13.60 -26.00
N GLU F 115 -2.33 -12.30 -25.82
CA GLU F 115 -1.03 -11.65 -25.72
C GLU F 115 -0.28 -12.17 -24.49
N THR F 116 -1.03 -12.50 -23.44
CA THR F 116 -0.47 -13.04 -22.22
C THR F 116 0.18 -14.39 -22.49
N TYR F 117 -0.60 -15.33 -23.02
CA TYR F 117 -0.07 -16.64 -23.39
C TYR F 117 1.08 -16.46 -24.37
N LEU F 118 0.96 -15.48 -25.26
CA LEU F 118 2.03 -15.16 -26.20
C LEU F 118 3.32 -14.85 -25.46
N ALA F 119 3.25 -13.90 -24.53
CA ALA F 119 4.40 -13.53 -23.72
C ALA F 119 4.96 -14.73 -22.95
N LEU F 120 4.05 -15.56 -22.43
CA LEU F 120 4.45 -16.74 -21.67
C LEU F 120 5.00 -17.88 -22.52
N GLY F 121 4.80 -17.81 -23.83
CA GLY F 121 5.18 -18.90 -24.70
C GLY F 121 4.26 -20.10 -24.49
N THR F 122 3.03 -19.81 -24.04
CA THR F 122 2.02 -20.83 -23.82
C THR F 122 1.20 -21.02 -25.11
N PRO F 123 0.87 -22.27 -25.46
CA PRO F 123 0.09 -22.47 -26.68
C PRO F 123 -1.40 -22.21 -26.45
N GLY F 124 -1.86 -21.04 -26.88
CA GLY F 124 -3.23 -20.62 -26.64
C GLY F 124 -4.26 -21.51 -27.34
N SER F 125 -3.87 -22.09 -28.47
CA SER F 125 -4.78 -22.93 -29.22
C SER F 125 -4.99 -24.27 -28.52
N SER F 126 -4.01 -24.70 -27.74
CA SER F 126 -4.18 -25.87 -26.90
C SER F 126 -5.18 -25.55 -25.80
N VAL F 127 -5.09 -24.33 -25.27
CA VAL F 127 -6.11 -23.83 -24.35
C VAL F 127 -7.45 -23.89 -25.06
N ALA F 128 -7.47 -23.44 -26.31
CA ALA F 128 -8.68 -23.49 -27.11
C ALA F 128 -9.21 -24.92 -27.24
N VAL F 129 -8.32 -25.90 -27.43
CA VAL F 129 -8.72 -27.31 -27.42
C VAL F 129 -9.37 -27.67 -26.10
N GLY F 130 -8.68 -27.38 -24.99
CA GLY F 130 -9.20 -27.66 -23.67
C GLY F 130 -10.60 -27.10 -23.47
N VAL F 131 -10.77 -25.83 -23.84
CA VAL F 131 -12.07 -25.17 -23.74
C VAL F 131 -13.09 -25.89 -24.63
N GLY F 132 -12.66 -26.22 -25.85
CA GLY F 132 -13.49 -26.99 -26.77
C GLY F 132 -13.93 -28.29 -26.13
N LYS F 133 -13.04 -28.90 -25.35
CA LYS F 133 -13.35 -30.15 -24.65
C LYS F 133 -14.23 -29.93 -23.43
N MET F 134 -14.07 -28.80 -22.74
CA MET F 134 -14.93 -28.51 -21.61
C MET F 134 -16.36 -28.17 -22.04
N LYS F 135 -16.50 -27.46 -23.16
CA LYS F 135 -17.81 -27.09 -23.70
C LYS F 135 -18.73 -28.30 -23.84
N GLU F 136 -18.27 -29.27 -24.64
CA GLU F 136 -19.04 -30.47 -24.93
C GLU F 136 -19.41 -31.23 -23.66
N ALA F 137 -18.46 -31.34 -22.74
CA ALA F 137 -18.72 -31.98 -21.46
C ALA F 137 -19.85 -31.25 -20.75
N ALA F 138 -19.72 -29.92 -20.66
CA ALA F 138 -20.74 -29.09 -20.02
C ALA F 138 -22.12 -29.32 -20.64
N LEU F 139 -22.21 -29.23 -21.97
CA LEU F 139 -23.49 -29.42 -22.64
C LEU F 139 -24.03 -30.82 -22.40
N ALA F 140 -23.16 -31.81 -22.42
CA ALA F 140 -23.57 -33.17 -22.09
C ALA F 140 -24.14 -33.22 -20.68
N ILE F 141 -23.48 -32.55 -19.75
CA ILE F 141 -23.94 -32.48 -18.36
C ILE F 141 -25.29 -31.77 -18.29
N VAL F 142 -25.45 -30.72 -19.08
CA VAL F 142 -26.68 -29.93 -19.06
C VAL F 142 -27.87 -30.64 -19.73
N ASN F 143 -27.59 -31.40 -20.79
CA ASN F 143 -28.64 -32.08 -21.53
C ASN F 143 -29.15 -33.38 -20.90
N ASP F 144 -28.60 -33.75 -19.74
CA ASP F 144 -29.02 -34.96 -19.05
C ASP F 144 -30.50 -34.84 -18.64
N PRO F 145 -31.35 -35.76 -19.11
CA PRO F 145 -32.78 -35.68 -18.74
C PRO F 145 -33.10 -36.37 -17.41
N ALA F 146 -32.07 -36.80 -16.68
CA ALA F 146 -32.26 -37.47 -15.39
C ALA F 146 -32.43 -36.46 -14.27
N GLY F 147 -33.34 -36.77 -13.34
CA GLY F 147 -33.55 -35.95 -12.16
C GLY F 147 -33.94 -34.51 -12.45
N ILE F 148 -34.82 -34.31 -13.44
CA ILE F 148 -35.25 -32.97 -13.80
C ILE F 148 -36.56 -33.00 -14.60
N THR F 149 -37.31 -31.90 -14.53
CA THR F 149 -38.51 -31.75 -15.34
C THR F 149 -38.12 -31.77 -16.81
N PRO F 150 -38.72 -32.69 -17.59
CA PRO F 150 -38.42 -32.69 -19.04
C PRO F 150 -38.90 -31.43 -19.74
N GLY F 151 -38.12 -30.99 -20.74
CA GLY F 151 -38.46 -29.81 -21.51
C GLY F 151 -37.39 -29.55 -22.56
N ASP F 152 -37.51 -28.41 -23.24
CA ASP F 152 -36.58 -28.05 -24.31
C ASP F 152 -35.61 -26.96 -23.84
N CYS F 153 -34.32 -27.17 -24.10
CA CYS F 153 -33.26 -26.28 -23.64
C CYS F 153 -32.24 -26.01 -24.74
N SER F 154 -32.72 -26.00 -25.98
CA SER F 154 -31.84 -25.93 -27.13
C SER F 154 -31.19 -24.56 -27.29
N ALA F 155 -32.02 -23.51 -27.30
CA ALA F 155 -31.53 -22.15 -27.44
C ALA F 155 -30.51 -21.84 -26.36
N LEU F 156 -30.80 -22.33 -25.16
CA LEU F 156 -29.93 -22.17 -24.01
C LEU F 156 -28.58 -22.85 -24.23
N ALA F 157 -28.63 -24.11 -24.67
CA ALA F 157 -27.42 -24.86 -24.98
C ALA F 157 -26.61 -24.14 -26.06
N SER F 158 -27.34 -23.58 -27.02
CA SER F 158 -26.71 -22.78 -28.08
C SER F 158 -25.98 -21.59 -27.47
N GLU F 159 -26.67 -20.85 -26.60
CA GLU F 159 -26.07 -19.73 -25.90
C GLU F 159 -24.81 -20.13 -25.12
N ILE F 160 -24.87 -21.28 -24.45
CA ILE F 160 -23.72 -21.83 -23.72
C ILE F 160 -22.54 -22.06 -24.66
N ALA F 161 -22.81 -22.79 -25.74
CA ALA F 161 -21.80 -23.07 -26.76
C ALA F 161 -21.24 -21.77 -27.31
N SER F 162 -22.08 -20.76 -27.46
CA SER F 162 -21.64 -19.44 -27.89
C SER F 162 -20.53 -18.88 -26.99
N TYR F 163 -20.77 -18.94 -25.68
CA TYR F 163 -19.80 -18.43 -24.71
C TYR F 163 -18.51 -19.25 -24.76
N PHE F 164 -18.63 -20.57 -24.76
CA PHE F 164 -17.44 -21.40 -24.88
C PHE F 164 -16.64 -21.06 -26.14
N ASP F 165 -17.35 -20.88 -27.26
CA ASP F 165 -16.73 -20.47 -28.51
C ASP F 165 -16.04 -19.12 -28.34
N ARG F 166 -16.71 -18.22 -27.63
CA ARG F 166 -16.13 -16.93 -27.27
C ARG F 166 -14.77 -17.15 -26.61
N ALA F 167 -14.75 -17.99 -25.59
CA ALA F 167 -13.52 -18.31 -24.88
C ALA F 167 -12.44 -18.87 -25.80
N CYS F 168 -12.80 -19.88 -26.59
CA CYS F 168 -11.85 -20.52 -27.50
C CYS F 168 -11.26 -19.54 -28.49
N ALA F 169 -12.10 -18.71 -29.08
CA ALA F 169 -11.67 -17.77 -30.12
C ALA F 169 -10.69 -16.72 -29.59
N ALA F 170 -10.76 -16.45 -28.29
CA ALA F 170 -10.00 -15.35 -27.70
C ALA F 170 -8.55 -15.73 -27.34
N VAL F 171 -8.28 -17.02 -27.25
CA VAL F 171 -6.93 -17.50 -26.92
C VAL F 171 -6.20 -18.00 -28.17
N SER F 172 -6.97 -18.39 -29.19
CA SER F 172 -6.39 -18.97 -30.39
C SER F 172 -5.73 -17.91 -31.27
N MET G 1 -20.90 -15.20 6.63
CA MET G 1 -21.02 -16.47 5.87
C MET G 1 -21.66 -16.25 4.50
N LYS G 2 -21.33 -17.14 3.56
CA LYS G 2 -21.97 -17.13 2.24
C LYS G 2 -23.45 -17.46 2.37
N THR G 3 -24.27 -16.43 2.52
CA THR G 3 -25.72 -16.60 2.51
C THR G 3 -26.33 -15.38 1.81
N PRO G 4 -27.54 -15.53 1.26
CA PRO G 4 -28.16 -14.42 0.52
C PRO G 4 -28.30 -13.16 1.36
N LEU G 5 -28.84 -13.29 2.57
CA LEU G 5 -29.12 -12.14 3.42
C LEU G 5 -27.85 -11.40 3.85
N THR G 6 -26.91 -12.14 4.45
CA THR G 6 -25.69 -11.53 4.96
C THR G 6 -24.86 -10.90 3.84
N GLU G 7 -24.85 -11.53 2.68
CA GLU G 7 -24.14 -10.98 1.54
C GLU G 7 -24.83 -9.75 0.97
N ALA G 8 -26.16 -9.83 0.88
CA ALA G 8 -26.96 -8.67 0.48
C ALA G 8 -26.62 -7.49 1.36
N VAL G 9 -26.60 -7.72 2.67
CA VAL G 9 -26.21 -6.67 3.60
C VAL G 9 -24.76 -6.24 3.38
N SER G 10 -23.87 -7.23 3.22
CA SER G 10 -22.44 -6.96 3.08
C SER G 10 -22.13 -6.03 1.92
N VAL G 11 -22.63 -6.37 0.73
CA VAL G 11 -22.36 -5.56 -0.45
C VAL G 11 -22.89 -4.13 -0.26
N ALA G 12 -24.09 -4.02 0.29
CA ALA G 12 -24.69 -2.72 0.55
C ALA G 12 -23.85 -1.94 1.55
N ASP G 13 -23.33 -2.63 2.55
CA ASP G 13 -22.56 -1.99 3.60
C ASP G 13 -21.19 -1.54 3.09
N SER G 14 -20.56 -2.36 2.25
CA SER G 14 -19.26 -2.01 1.68
C SER G 14 -19.41 -0.80 0.74
N GLN G 15 -20.62 -0.63 0.22
CA GLN G 15 -20.93 0.52 -0.62
C GLN G 15 -21.37 1.70 0.24
N GLY G 16 -21.72 1.42 1.49
CA GLY G 16 -22.23 2.43 2.40
C GLY G 16 -23.62 2.87 1.98
N ARG G 17 -24.41 1.91 1.50
CA ARG G 17 -25.72 2.20 0.92
C ARG G 17 -26.87 1.57 1.70
N PHE G 18 -27.98 2.30 1.78
CA PHE G 18 -29.24 1.71 2.20
C PHE G 18 -29.57 0.59 1.23
N LEU G 19 -30.28 -0.42 1.71
CA LEU G 19 -30.72 -1.52 0.85
C LEU G 19 -31.71 -0.99 -0.18
N SER G 20 -31.83 -1.70 -1.29
CA SER G 20 -32.78 -1.35 -2.34
C SER G 20 -33.57 -2.58 -2.75
N SER G 21 -34.21 -2.52 -3.92
CA SER G 21 -35.02 -3.63 -4.39
C SER G 21 -34.17 -4.88 -4.67
N THR G 22 -32.88 -4.66 -4.93
CA THR G 22 -31.95 -5.76 -5.21
C THR G 22 -31.84 -6.71 -4.02
N GLU G 23 -31.40 -6.17 -2.89
CA GLU G 23 -31.27 -6.96 -1.67
C GLU G 23 -32.62 -7.53 -1.25
N ILE G 24 -33.68 -6.78 -1.54
CA ILE G 24 -35.04 -7.24 -1.27
C ILE G 24 -35.35 -8.47 -2.13
N GLN G 25 -34.95 -8.43 -3.39
CA GLN G 25 -35.13 -9.57 -4.28
C GLN G 25 -34.32 -10.77 -3.80
N VAL G 26 -33.09 -10.51 -3.38
CA VAL G 26 -32.26 -11.55 -2.76
C VAL G 26 -33.03 -12.19 -1.62
N ALA G 27 -33.53 -11.35 -0.72
CA ALA G 27 -34.30 -11.83 0.42
C ALA G 27 -35.49 -12.67 -0.02
N PHE G 28 -36.28 -12.16 -0.96
CA PHE G 28 -37.43 -12.89 -1.50
C PHE G 28 -37.02 -14.28 -1.97
N GLY G 29 -35.94 -14.34 -2.76
CA GLY G 29 -35.40 -15.61 -3.21
C GLY G 29 -35.06 -16.52 -2.04
N ARG G 30 -34.34 -15.98 -1.06
CA ARG G 30 -33.96 -16.76 0.12
C ARG G 30 -35.18 -17.33 0.85
N PHE G 31 -36.19 -16.50 1.05
CA PHE G 31 -37.39 -16.92 1.78
C PHE G 31 -38.22 -17.93 0.98
N ARG G 32 -38.29 -17.74 -0.33
CA ARG G 32 -38.96 -18.69 -1.20
C ARG G 32 -38.20 -20.02 -1.20
N GLN G 33 -36.88 -19.95 -1.11
CA GLN G 33 -36.05 -21.16 -1.04
C GLN G 33 -36.15 -21.86 0.32
N ALA G 34 -36.18 -21.07 1.38
CA ALA G 34 -36.19 -21.61 2.74
C ALA G 34 -37.36 -22.57 2.99
N LYS G 35 -38.48 -22.33 2.33
CA LYS G 35 -39.67 -23.16 2.51
C LYS G 35 -39.37 -24.62 2.17
N ALA G 36 -38.54 -24.84 1.16
CA ALA G 36 -38.14 -26.19 0.76
C ALA G 36 -36.87 -26.62 1.51
N GLY G 37 -35.94 -25.68 1.67
CA GLY G 37 -34.68 -25.94 2.33
C GLY G 37 -34.81 -26.43 3.76
N LEU G 38 -35.61 -25.72 4.56
CA LEU G 38 -35.84 -26.11 5.96
C LEU G 38 -36.43 -27.52 6.03
N GLU G 39 -37.43 -27.77 5.19
CA GLU G 39 -38.06 -29.08 5.09
C GLU G 39 -37.00 -30.15 4.81
N ALA G 40 -36.16 -29.90 3.80
CA ALA G 40 -35.07 -30.81 3.47
C ALA G 40 -34.17 -31.07 4.67
N ALA G 41 -33.75 -29.99 5.32
CA ALA G 41 -32.90 -30.09 6.50
C ALA G 41 -33.56 -30.98 7.55
N LYS G 42 -34.87 -30.83 7.71
CA LYS G 42 -35.66 -31.67 8.61
C LYS G 42 -35.58 -33.15 8.22
N ALA G 43 -35.96 -33.42 6.97
CA ALA G 43 -36.02 -34.77 6.44
C ALA G 43 -34.67 -35.47 6.59
N LEU G 44 -33.60 -34.77 6.23
CA LEU G 44 -32.25 -35.31 6.37
C LEU G 44 -31.92 -35.60 7.83
N THR G 45 -32.37 -34.73 8.72
CA THR G 45 -32.12 -34.90 10.15
C THR G 45 -32.77 -36.18 10.64
N SER G 46 -34.05 -36.35 10.37
CA SER G 46 -34.75 -37.54 10.85
C SER G 46 -34.21 -38.86 10.26
N LYS G 47 -33.37 -38.76 9.23
CA LYS G 47 -32.80 -39.96 8.60
C LYS G 47 -31.27 -40.02 8.75
N ALA G 48 -30.73 -39.21 9.65
CA ALA G 48 -29.29 -39.08 9.83
C ALA G 48 -28.58 -40.41 10.11
N ASP G 49 -29.00 -41.08 11.17
CA ASP G 49 -28.38 -42.32 11.63
C ASP G 49 -28.28 -43.36 10.52
N SER G 50 -29.31 -43.43 9.69
CA SER G 50 -29.35 -44.38 8.59
C SER G 50 -28.38 -44.00 7.48
N LEU G 51 -28.45 -42.73 7.08
CA LEU G 51 -27.59 -42.20 6.02
C LEU G 51 -26.11 -42.36 6.35
N ILE G 52 -25.74 -42.03 7.57
CA ILE G 52 -24.34 -42.13 7.98
C ILE G 52 -23.85 -43.57 7.92
N SER G 53 -24.64 -44.50 8.47
CA SER G 53 -24.28 -45.91 8.47
C SER G 53 -24.13 -46.44 7.06
N GLY G 54 -25.16 -46.20 6.25
CA GLY G 54 -25.13 -46.62 4.86
C GLY G 54 -23.93 -46.07 4.14
N ALA G 55 -23.67 -44.77 4.33
CA ALA G 55 -22.53 -44.11 3.72
C ALA G 55 -21.22 -44.77 4.14
N ALA G 56 -21.08 -45.01 5.43
CA ALA G 56 -19.90 -45.69 5.97
C ALA G 56 -19.71 -47.03 5.28
N GLN G 57 -20.77 -47.84 5.25
CA GLN G 57 -20.68 -49.16 4.65
C GLN G 57 -20.35 -49.07 3.16
N ALA G 58 -20.90 -48.04 2.49
CA ALA G 58 -20.58 -47.80 1.08
C ALA G 58 -19.08 -47.54 0.91
N VAL G 59 -18.55 -46.62 1.72
CA VAL G 59 -17.12 -46.34 1.71
C VAL G 59 -16.32 -47.61 1.93
N TYR G 60 -16.67 -48.36 2.96
CA TYR G 60 -15.99 -49.61 3.28
C TYR G 60 -16.05 -50.57 2.09
N ASN G 61 -17.21 -50.63 1.43
CA ASN G 61 -17.37 -51.49 0.26
C ASN G 61 -16.43 -51.09 -0.88
N LYS G 62 -16.45 -49.81 -1.24
CA LYS G 62 -15.62 -49.35 -2.35
C LYS G 62 -14.11 -49.46 -2.06
N PHE G 63 -13.73 -49.21 -0.81
CA PHE G 63 -12.34 -49.29 -0.39
C PHE G 63 -12.20 -50.27 0.77
N PRO G 64 -12.20 -51.58 0.47
CA PRO G 64 -12.15 -52.61 1.51
C PRO G 64 -10.90 -52.51 2.39
N TYR G 65 -9.79 -52.09 1.80
CA TYR G 65 -8.51 -52.03 2.51
C TYR G 65 -8.59 -51.13 3.74
N THR G 66 -9.51 -50.17 3.72
CA THR G 66 -9.68 -49.25 4.84
C THR G 66 -10.19 -49.97 6.09
N THR G 67 -10.58 -51.23 5.93
CA THR G 67 -11.08 -52.03 7.05
C THR G 67 -10.12 -53.19 7.38
N GLN G 68 -8.98 -53.23 6.72
CA GLN G 68 -7.99 -54.28 6.94
C GLN G 68 -6.66 -53.71 7.39
N MET G 69 -6.34 -52.52 6.89
CA MET G 69 -5.03 -51.91 7.14
C MET G 69 -4.93 -51.32 8.54
N GLN G 70 -3.85 -51.66 9.25
CA GLN G 70 -3.58 -51.11 10.56
C GLN G 70 -3.15 -49.65 10.39
N GLY G 71 -2.92 -48.97 11.51
CA GLY G 71 -2.55 -47.56 11.48
C GLY G 71 -3.75 -46.71 11.82
N PRO G 72 -3.50 -45.53 12.41
CA PRO G 72 -4.63 -44.78 12.97
C PRO G 72 -5.47 -44.07 11.91
N ASN G 73 -4.96 -43.95 10.69
CA ASN G 73 -5.71 -43.29 9.62
C ASN G 73 -6.73 -44.21 8.97
N TYR G 74 -6.80 -45.46 9.44
CA TYR G 74 -7.72 -46.44 8.88
C TYR G 74 -8.78 -46.88 9.89
N ALA G 75 -9.81 -47.55 9.38
CA ALA G 75 -10.92 -48.03 10.20
C ALA G 75 -10.93 -49.54 10.30
N ALA G 76 -9.78 -50.11 10.68
CA ALA G 76 -9.64 -51.55 10.82
C ALA G 76 -10.14 -52.02 12.19
N ASP G 77 -10.36 -51.06 13.09
CA ASP G 77 -10.82 -51.38 14.45
C ASP G 77 -12.03 -50.51 14.83
N GLN G 78 -12.39 -50.56 16.11
CA GLN G 78 -13.55 -49.82 16.63
C GLN G 78 -13.37 -48.31 16.49
N ARG G 79 -12.29 -47.82 17.08
CA ARG G 79 -11.99 -46.38 17.11
C ARG G 79 -12.06 -45.76 15.72
N GLY G 80 -11.48 -46.43 14.74
CA GLY G 80 -11.45 -45.93 13.38
C GLY G 80 -12.84 -45.83 12.77
N LYS G 81 -13.63 -46.89 12.92
CA LYS G 81 -15.01 -46.89 12.44
C LYS G 81 -15.78 -45.75 13.08
N ASP G 82 -15.56 -45.55 14.38
CA ASP G 82 -16.15 -44.43 15.09
C ASP G 82 -15.76 -43.09 14.47
N LYS G 83 -14.46 -42.89 14.26
CA LYS G 83 -13.96 -41.68 13.60
C LYS G 83 -14.65 -41.46 12.25
N CYS G 84 -14.72 -42.53 11.46
CA CYS G 84 -15.36 -42.48 10.15
C CYS G 84 -16.82 -42.04 10.23
N ALA G 85 -17.62 -42.77 11.00
CA ALA G 85 -19.03 -42.44 11.13
C ALA G 85 -19.21 -41.02 11.65
N ARG G 86 -18.33 -40.62 12.57
CA ARG G 86 -18.33 -39.26 13.10
C ARG G 86 -18.12 -38.24 11.97
N ASP G 87 -17.05 -38.42 11.20
CA ASP G 87 -16.74 -37.53 10.09
C ASP G 87 -17.90 -37.42 9.09
N ILE G 88 -18.44 -38.58 8.70
CA ILE G 88 -19.58 -38.62 7.79
C ILE G 88 -20.76 -37.84 8.40
N GLY G 89 -21.00 -38.06 9.69
CA GLY G 89 -22.01 -37.31 10.41
C GLY G 89 -21.80 -35.82 10.31
N TYR G 90 -20.57 -35.38 10.59
CA TYR G 90 -20.21 -33.97 10.44
C TYR G 90 -20.55 -33.46 9.04
N TYR G 91 -20.06 -34.18 8.03
CA TYR G 91 -20.34 -33.82 6.65
C TYR G 91 -21.84 -33.65 6.39
N LEU G 92 -22.65 -34.58 6.88
CA LEU G 92 -24.10 -34.48 6.72
C LEU G 92 -24.68 -33.26 7.45
N ARG G 93 -24.23 -33.07 8.68
CA ARG G 93 -24.70 -31.95 9.49
C ARG G 93 -24.40 -30.63 8.79
N MET G 94 -23.24 -30.54 8.16
CA MET G 94 -22.92 -29.36 7.36
C MET G 94 -23.94 -29.13 6.25
N VAL G 95 -24.35 -30.21 5.58
CA VAL G 95 -25.37 -30.13 4.54
C VAL G 95 -26.65 -29.55 5.13
N THR G 96 -27.09 -30.11 6.26
CA THR G 96 -28.27 -29.56 6.93
C THR G 96 -28.12 -28.06 7.19
N TYR G 97 -27.01 -27.68 7.83
CA TYR G 97 -26.73 -26.27 8.10
C TYR G 97 -26.80 -25.43 6.83
N CYS G 98 -26.25 -25.94 5.74
CA CYS G 98 -26.27 -25.23 4.48
C CYS G 98 -27.69 -25.04 3.97
N LEU G 99 -28.52 -26.06 4.13
CA LEU G 99 -29.94 -25.92 3.80
C LEU G 99 -30.61 -24.87 4.69
N ILE G 100 -30.27 -24.88 5.98
CA ILE G 100 -30.81 -23.88 6.90
C ILE G 100 -30.38 -22.46 6.52
N ALA G 101 -29.10 -22.28 6.22
CA ALA G 101 -28.53 -20.97 5.98
C ALA G 101 -28.85 -20.44 4.59
N GLY G 102 -29.01 -21.34 3.63
CA GLY G 102 -29.28 -20.97 2.26
C GLY G 102 -27.99 -20.75 1.47
N GLY G 103 -26.89 -21.32 1.95
CA GLY G 103 -25.61 -21.20 1.28
C GLY G 103 -24.55 -22.12 1.85
N THR G 104 -23.39 -22.13 1.21
CA THR G 104 -22.30 -23.00 1.63
C THR G 104 -21.53 -22.43 2.83
N GLY G 105 -22.00 -21.30 3.35
CA GLY G 105 -21.33 -20.59 4.43
C GLY G 105 -20.91 -21.45 5.61
N PRO G 106 -21.86 -22.17 6.23
CA PRO G 106 -21.54 -23.05 7.35
C PRO G 106 -20.48 -24.09 7.00
N MET G 107 -20.71 -24.83 5.92
CA MET G 107 -19.76 -25.85 5.48
C MET G 107 -18.40 -25.21 5.21
N ASP G 108 -18.41 -24.00 4.64
CA ASP G 108 -17.17 -23.27 4.39
C ASP G 108 -16.42 -23.00 5.68
N GLU G 109 -17.09 -22.35 6.62
CA GLU G 109 -16.43 -21.92 7.86
C GLU G 109 -16.08 -23.09 8.78
N TYR G 110 -16.91 -24.13 8.79
CA TYR G 110 -16.75 -25.22 9.75
C TYR G 110 -15.99 -26.44 9.22
N LEU G 111 -15.82 -26.54 7.90
CA LEU G 111 -15.28 -27.77 7.31
C LEU G 111 -14.31 -27.54 6.14
N ILE G 112 -14.70 -26.73 5.16
CA ILE G 112 -13.87 -26.54 3.97
C ILE G 112 -12.55 -25.85 4.33
N ALA G 113 -12.61 -24.85 5.20
CA ALA G 113 -11.42 -24.15 5.63
C ALA G 113 -10.48 -25.11 6.35
N GLY G 114 -9.45 -25.56 5.63
CA GLY G 114 -8.42 -26.40 6.21
C GLY G 114 -8.57 -27.89 5.94
N ILE G 115 -9.60 -28.28 5.19
CA ILE G 115 -9.85 -29.70 4.93
C ILE G 115 -8.64 -30.34 4.25
N ASP G 116 -8.00 -29.60 3.36
CA ASP G 116 -6.81 -30.08 2.67
C ASP G 116 -5.70 -30.37 3.67
N GLU G 117 -5.49 -29.44 4.58
CA GLU G 117 -4.43 -29.57 5.58
C GLU G 117 -4.67 -30.79 6.47
N ILE G 118 -5.92 -30.94 6.93
CA ILE G 118 -6.28 -32.07 7.77
C ILE G 118 -6.14 -33.39 7.02
N ASN G 119 -6.72 -33.45 5.82
CA ASN G 119 -6.64 -34.66 5.02
C ASN G 119 -5.20 -35.06 4.72
N ARG G 120 -4.37 -34.07 4.39
CA ARG G 120 -2.96 -34.35 4.13
C ARG G 120 -2.27 -34.83 5.40
N THR G 121 -2.47 -34.07 6.48
CA THR G 121 -1.80 -34.35 7.75
C THR G 121 -2.16 -35.72 8.33
N PHE G 122 -3.45 -36.06 8.28
CA PHE G 122 -3.93 -37.29 8.91
C PHE G 122 -4.12 -38.45 7.93
N GLU G 123 -3.56 -38.29 6.73
CA GLU G 123 -3.58 -39.34 5.71
C GLU G 123 -4.98 -39.85 5.39
N LEU G 124 -5.95 -38.95 5.38
CA LEU G 124 -7.32 -39.29 5.03
C LEU G 124 -7.55 -39.04 3.54
N SER G 125 -8.04 -40.06 2.84
CA SER G 125 -8.24 -39.96 1.40
C SER G 125 -9.59 -39.30 1.06
N PRO G 126 -9.56 -38.18 0.30
CA PRO G 126 -10.83 -37.55 -0.10
C PRO G 126 -11.80 -38.46 -0.85
N SER G 127 -11.29 -39.46 -1.55
CA SER G 127 -12.12 -40.39 -2.31
C SER G 127 -13.16 -41.08 -1.42
N TRP G 128 -12.74 -41.41 -0.20
CA TRP G 128 -13.62 -42.01 0.79
C TRP G 128 -14.84 -41.13 1.02
N TYR G 129 -14.58 -39.87 1.33
CA TYR G 129 -15.65 -38.92 1.64
C TYR G 129 -16.50 -38.62 0.41
N ILE G 130 -15.86 -38.53 -0.75
CA ILE G 130 -16.58 -38.33 -2.00
C ILE G 130 -17.56 -39.48 -2.22
N GLU G 131 -17.10 -40.70 -1.98
CA GLU G 131 -17.99 -41.86 -2.06
C GLU G 131 -19.13 -41.72 -1.05
N ALA G 132 -18.77 -41.42 0.20
CA ALA G 132 -19.75 -41.23 1.26
C ALA G 132 -20.83 -40.22 0.87
N LEU G 133 -20.42 -39.13 0.24
CA LEU G 133 -21.36 -38.11 -0.22
C LEU G 133 -22.20 -38.60 -1.40
N LYS G 134 -21.54 -39.25 -2.36
CA LYS G 134 -22.23 -39.83 -3.50
C LYS G 134 -23.35 -40.75 -3.05
N TYR G 135 -23.09 -41.57 -2.05
CA TYR G 135 -24.13 -42.42 -1.47
C TYR G 135 -25.28 -41.59 -0.92
N ILE G 136 -24.94 -40.54 -0.19
CA ILE G 136 -25.93 -39.70 0.47
C ILE G 136 -26.86 -39.05 -0.55
N LYS G 137 -26.29 -38.58 -1.66
CA LYS G 137 -27.11 -38.07 -2.76
C LYS G 137 -28.16 -39.11 -3.18
N ALA G 138 -27.69 -40.34 -3.35
CA ALA G 138 -28.56 -41.41 -3.84
C ALA G 138 -29.60 -41.85 -2.82
N ASN G 139 -29.23 -41.81 -1.54
CA ASN G 139 -30.10 -42.34 -0.50
C ASN G 139 -30.89 -41.34 0.37
N HIS G 140 -30.77 -40.04 0.15
CA HIS G 140 -31.44 -39.07 1.04
C HIS G 140 -32.96 -39.00 0.85
N GLY G 141 -33.44 -39.38 -0.32
CA GLY G 141 -34.86 -39.48 -0.56
C GLY G 141 -35.64 -38.18 -0.72
N LEU G 142 -34.93 -37.05 -0.66
CA LEU G 142 -35.56 -35.74 -0.81
C LEU G 142 -36.18 -35.60 -2.20
N SER G 143 -37.03 -34.59 -2.38
CA SER G 143 -37.69 -34.33 -3.66
C SER G 143 -37.88 -32.84 -3.90
N GLY G 144 -38.06 -32.47 -5.17
CA GLY G 144 -38.32 -31.09 -5.54
C GLY G 144 -37.12 -30.18 -5.37
N ASP G 145 -37.37 -28.88 -5.35
CA ASP G 145 -36.33 -27.88 -5.17
C ASP G 145 -35.53 -28.15 -3.89
N ALA G 146 -36.16 -28.84 -2.96
CA ALA G 146 -35.52 -29.22 -1.71
C ALA G 146 -34.35 -30.18 -1.97
N ALA G 147 -34.53 -31.06 -2.96
CA ALA G 147 -33.52 -32.06 -3.27
C ALA G 147 -32.38 -31.46 -4.09
N VAL G 148 -32.74 -30.53 -4.97
CA VAL G 148 -31.77 -29.90 -5.87
C VAL G 148 -30.79 -29.04 -5.09
N GLU G 149 -31.30 -28.34 -4.09
CA GLU G 149 -30.46 -27.48 -3.26
C GLU G 149 -29.55 -28.34 -2.38
N ALA G 150 -30.09 -29.40 -1.82
CA ALA G 150 -29.32 -30.30 -0.99
C ALA G 150 -28.18 -30.92 -1.78
N ASN G 151 -28.47 -31.31 -3.02
CA ASN G 151 -27.46 -31.90 -3.88
C ASN G 151 -26.39 -30.90 -4.30
N SER G 152 -26.75 -29.63 -4.38
CA SER G 152 -25.81 -28.60 -4.78
C SER G 152 -24.70 -28.46 -3.73
N TYR G 153 -25.06 -28.68 -2.47
CA TYR G 153 -24.09 -28.62 -1.37
C TYR G 153 -23.24 -29.89 -1.33
N LEU G 154 -23.86 -31.03 -1.60
CA LEU G 154 -23.15 -32.30 -1.64
C LEU G 154 -22.10 -32.25 -2.74
N ASP G 155 -22.49 -31.77 -3.91
CA ASP G 155 -21.59 -31.66 -5.04
C ASP G 155 -20.54 -30.57 -4.81
N TYR G 156 -20.89 -29.60 -3.96
CA TYR G 156 -19.94 -28.56 -3.59
C TYR G 156 -18.87 -29.16 -2.69
N ALA G 157 -19.28 -30.04 -1.78
CA ALA G 157 -18.35 -30.70 -0.88
C ALA G 157 -17.43 -31.63 -1.67
N ILE G 158 -18.01 -32.34 -2.65
CA ILE G 158 -17.22 -33.22 -3.50
C ILE G 158 -16.18 -32.43 -4.27
N ASN G 159 -16.62 -31.36 -4.93
CA ASN G 159 -15.71 -30.47 -5.66
C ASN G 159 -14.58 -29.99 -4.76
N ALA G 160 -14.91 -29.62 -3.54
CA ALA G 160 -13.90 -29.18 -2.58
C ALA G 160 -12.92 -30.31 -2.24
N LEU G 161 -13.36 -31.55 -2.44
CA LEU G 161 -12.55 -32.71 -2.10
C LEU G 161 -11.70 -33.17 -3.29
N SER G 162 -12.07 -32.73 -4.48
CA SER G 162 -11.38 -33.13 -5.71
C SER G 162 -10.79 -31.92 -6.43
N MET H 1 -20.99 -10.83 10.60
CA MET H 1 -22.40 -10.72 11.05
C MET H 1 -23.16 -12.04 10.84
N PHE H 2 -24.21 -12.22 11.62
CA PHE H 2 -25.14 -13.34 11.43
C PHE H 2 -26.43 -12.83 10.82
N ASP H 3 -27.19 -13.74 10.22
CA ASP H 3 -28.59 -13.49 9.93
C ASP H 3 -29.41 -14.40 10.83
N ALA H 4 -30.72 -14.44 10.62
CA ALA H 4 -31.59 -15.24 11.47
C ALA H 4 -31.26 -16.73 11.43
N PHE H 5 -30.76 -17.20 10.30
CA PHE H 5 -30.49 -18.63 10.10
C PHE H 5 -29.12 -19.05 10.66
N THR H 6 -28.07 -18.43 10.15
CA THR H 6 -26.71 -18.78 10.52
C THR H 6 -26.48 -18.61 12.01
N LYS H 7 -27.26 -17.73 12.64
CA LYS H 7 -27.18 -17.53 14.07
C LYS H 7 -27.59 -18.80 14.81
N VAL H 8 -28.71 -19.39 14.39
CA VAL H 8 -29.18 -20.64 14.98
C VAL H 8 -28.23 -21.77 14.61
N VAL H 9 -27.75 -21.75 13.37
CA VAL H 9 -26.76 -22.73 12.93
C VAL H 9 -25.52 -22.75 13.84
N SER H 10 -24.95 -21.57 14.10
CA SER H 10 -23.76 -21.47 14.94
C SER H 10 -24.01 -22.08 16.32
N GLN H 11 -25.13 -21.72 16.92
CA GLN H 11 -25.53 -22.27 18.21
C GLN H 11 -25.59 -23.79 18.14
N ALA H 12 -26.24 -24.30 17.09
CA ALA H 12 -26.32 -25.75 16.91
C ALA H 12 -24.94 -26.36 16.66
N ASP H 13 -24.06 -25.62 16.00
CA ASP H 13 -22.73 -26.14 15.68
C ASP H 13 -21.84 -26.24 16.91
N THR H 14 -21.92 -25.25 17.79
CA THR H 14 -21.14 -25.27 19.03
C THR H 14 -21.36 -26.55 19.84
N ARG H 15 -22.54 -27.16 19.68
CA ARG H 15 -22.89 -28.38 20.40
C ARG H 15 -22.75 -29.63 19.53
N GLY H 16 -22.51 -29.42 18.24
CA GLY H 16 -22.38 -30.52 17.30
C GLY H 16 -23.72 -31.20 17.08
N GLU H 17 -24.76 -30.40 16.93
CA GLU H 17 -26.12 -30.91 16.77
C GLU H 17 -26.81 -30.35 15.53
N MET H 18 -27.91 -31.00 15.17
CA MET H 18 -28.72 -30.56 14.05
C MET H 18 -29.90 -29.79 14.63
N LEU H 19 -30.40 -28.80 13.90
CA LEU H 19 -31.51 -27.99 14.38
C LEU H 19 -32.69 -28.88 14.71
N SER H 20 -33.18 -28.77 15.95
CA SER H 20 -34.38 -29.49 16.34
C SER H 20 -35.54 -28.95 15.51
N THR H 21 -36.55 -29.79 15.31
CA THR H 21 -37.68 -29.43 14.47
C THR H 21 -38.36 -28.16 14.95
N ALA H 22 -38.29 -27.91 16.25
CA ALA H 22 -38.86 -26.71 16.85
C ALA H 22 -38.19 -25.46 16.28
N GLN H 23 -36.87 -25.46 16.27
CA GLN H 23 -36.08 -24.33 15.75
C GLN H 23 -36.45 -24.08 14.29
N ILE H 24 -36.48 -25.16 13.51
CA ILE H 24 -36.84 -25.06 12.10
C ILE H 24 -38.25 -24.50 11.95
N ASP H 25 -39.17 -24.95 12.80
CA ASP H 25 -40.54 -24.44 12.79
C ASP H 25 -40.54 -22.94 13.04
N ALA H 26 -39.80 -22.51 14.06
CA ALA H 26 -39.67 -21.08 14.34
C ALA H 26 -39.15 -20.32 13.13
N LEU H 27 -38.09 -20.85 12.53
CA LEU H 27 -37.55 -20.26 11.32
C LEU H 27 -38.61 -20.21 10.22
N SER H 28 -39.42 -21.26 10.12
CA SER H 28 -40.50 -21.30 9.13
C SER H 28 -41.54 -20.23 9.42
N GLN H 29 -41.80 -19.99 10.71
CA GLN H 29 -42.65 -18.87 11.10
C GLN H 29 -42.05 -17.58 10.58
N MET H 30 -40.75 -17.38 10.83
CA MET H 30 -40.07 -16.19 10.33
C MET H 30 -40.21 -16.07 8.80
N VAL H 31 -40.02 -17.18 8.11
CA VAL H 31 -40.17 -17.20 6.66
C VAL H 31 -41.56 -16.75 6.24
N ALA H 32 -42.58 -17.34 6.88
CA ALA H 32 -43.97 -17.04 6.54
C ALA H 32 -44.28 -15.54 6.48
N GLU H 33 -43.80 -14.79 7.47
CA GLU H 33 -44.09 -13.37 7.57
C GLU H 33 -42.87 -12.52 7.23
N SER H 34 -42.29 -12.77 6.06
CA SER H 34 -41.08 -12.08 5.62
C SER H 34 -41.38 -11.02 4.57
N ASN H 35 -42.58 -11.07 3.99
CA ASN H 35 -43.01 -10.02 3.08
C ASN H 35 -43.19 -8.72 3.84
N LYS H 36 -43.75 -8.83 5.03
CA LYS H 36 -43.90 -7.68 5.92
C LYS H 36 -42.52 -7.13 6.25
N ARG H 37 -41.63 -8.03 6.65
CA ARG H 37 -40.27 -7.67 7.03
C ARG H 37 -39.61 -6.79 5.98
N LEU H 38 -39.74 -7.20 4.71
CA LEU H 38 -39.16 -6.44 3.62
C LEU H 38 -39.98 -5.20 3.31
N ASP H 39 -41.28 -5.28 3.53
CA ASP H 39 -42.14 -4.11 3.39
C ASP H 39 -41.67 -2.98 4.30
N VAL H 40 -41.34 -3.29 5.56
CA VAL H 40 -40.85 -2.23 6.44
C VAL H 40 -39.47 -1.72 6.02
N VAL H 41 -38.60 -2.63 5.58
CA VAL H 41 -37.27 -2.23 5.13
C VAL H 41 -37.45 -1.22 3.99
N ASN H 42 -38.31 -1.58 3.05
CA ASN H 42 -38.63 -0.73 1.90
C ASN H 42 -39.22 0.61 2.32
N ARG H 43 -40.21 0.56 3.20
CA ARG H 43 -40.89 1.78 3.66
C ARG H 43 -39.97 2.71 4.44
N ILE H 44 -39.25 2.17 5.42
CA ILE H 44 -38.29 2.94 6.20
C ILE H 44 -37.19 3.49 5.31
N THR H 45 -36.65 2.64 4.43
CA THR H 45 -35.60 3.06 3.51
C THR H 45 -36.09 4.20 2.63
N SER H 46 -37.30 4.05 2.10
CA SER H 46 -37.86 5.03 1.17
C SER H 46 -38.09 6.41 1.78
N ASN H 47 -37.88 6.54 3.10
CA ASN H 47 -38.09 7.82 3.80
C ASN H 47 -36.90 8.21 4.68
N ALA H 48 -35.73 7.66 4.35
CA ALA H 48 -34.51 7.87 5.14
C ALA H 48 -34.23 9.35 5.41
N SER H 49 -34.04 10.10 4.33
CA SER H 49 -33.68 11.51 4.42
C SER H 49 -34.67 12.30 5.27
N THR H 50 -35.96 12.00 5.11
CA THR H 50 -36.99 12.74 5.80
C THR H 50 -37.04 12.38 7.28
N ILE H 51 -36.94 11.09 7.58
CA ILE H 51 -36.87 10.64 8.97
C ILE H 51 -35.70 11.35 9.67
N VAL H 52 -34.52 11.23 9.08
CA VAL H 52 -33.31 11.82 9.65
C VAL H 52 -33.42 13.34 9.80
N SER H 53 -33.81 14.02 8.72
CA SER H 53 -33.88 15.48 8.74
C SER H 53 -34.95 15.99 9.70
N ASN H 54 -36.08 15.30 9.78
CA ASN H 54 -37.14 15.67 10.71
C ASN H 54 -36.67 15.52 12.16
N ALA H 55 -36.17 14.34 12.48
CA ALA H 55 -35.63 14.08 13.81
C ALA H 55 -34.56 15.10 14.17
N ALA H 56 -33.64 15.34 13.24
CA ALA H 56 -32.55 16.27 13.45
C ALA H 56 -33.06 17.69 13.70
N ARG H 57 -33.95 18.16 12.83
CA ARG H 57 -34.51 19.50 12.96
C ARG H 57 -35.20 19.69 14.30
N SER H 58 -36.08 18.76 14.67
CA SER H 58 -36.77 18.88 15.95
C SER H 58 -35.81 18.73 17.13
N LEU H 59 -34.80 17.88 16.96
CA LEU H 59 -33.76 17.70 17.97
C LEU H 59 -33.04 19.02 18.25
N PHE H 60 -32.63 19.71 17.19
CA PHE H 60 -31.96 21.00 17.35
C PHE H 60 -32.89 22.06 17.93
N ALA H 61 -34.19 21.83 17.82
CA ALA H 61 -35.19 22.76 18.36
C ALA H 61 -35.42 22.51 19.85
N GLU H 62 -35.40 21.24 20.25
CA GLU H 62 -35.44 20.92 21.68
C GLU H 62 -34.16 21.38 22.39
N GLN H 63 -33.01 21.03 21.81
CA GLN H 63 -31.72 21.32 22.42
C GLN H 63 -30.89 22.24 21.52
N PRO H 64 -31.17 23.56 21.58
CA PRO H 64 -30.46 24.53 20.73
C PRO H 64 -29.03 24.79 21.15
N GLN H 65 -28.61 24.26 22.30
CA GLN H 65 -27.21 24.42 22.72
C GLN H 65 -26.30 23.66 21.75
N LEU H 66 -26.87 22.68 21.07
CA LEU H 66 -26.12 21.87 20.11
C LEU H 66 -25.66 22.70 18.92
N ILE H 67 -26.57 23.50 18.35
CA ILE H 67 -26.28 24.27 17.15
C ILE H 67 -25.80 25.69 17.47
N ALA H 68 -25.96 26.11 18.72
CA ALA H 68 -25.42 27.39 19.15
C ALA H 68 -23.90 27.37 18.94
N PRO H 69 -23.30 28.54 18.70
CA PRO H 69 -21.84 28.57 18.49
C PRO H 69 -21.07 27.94 19.64
N GLY H 70 -20.14 27.04 19.32
CA GLY H 70 -19.39 26.32 20.32
C GLY H 70 -20.02 24.99 20.64
N GLY H 71 -21.29 24.82 20.26
CA GLY H 71 -21.98 23.56 20.44
C GLY H 71 -21.37 22.49 19.56
N ASN H 72 -21.63 21.23 19.89
CA ASN H 72 -21.01 20.12 19.17
C ASN H 72 -21.58 19.98 17.75
N ALA H 73 -22.77 20.53 17.53
CA ALA H 73 -23.42 20.47 16.22
C ALA H 73 -23.20 21.76 15.42
N TYR H 74 -22.38 22.66 15.97
CA TYR H 74 -22.05 23.91 15.29
C TYR H 74 -21.06 23.66 14.16
N THR H 75 -21.08 24.52 13.15
CA THR H 75 -20.30 24.36 11.91
C THR H 75 -20.92 23.28 11.01
N SER H 76 -20.78 23.47 9.70
CA SER H 76 -21.42 22.58 8.73
C SER H 76 -20.79 21.19 8.72
N THR H 77 -19.48 21.11 8.99
CA THR H 77 -18.78 19.84 9.01
C THR H 77 -19.33 18.90 10.09
N ARG H 78 -19.58 19.47 11.27
CA ARG H 78 -20.10 18.68 12.39
C ARG H 78 -21.61 18.46 12.26
N MET H 79 -22.32 19.43 11.68
CA MET H 79 -23.73 19.23 11.37
C MET H 79 -23.85 18.07 10.39
N ALA H 80 -22.97 18.05 9.40
CA ALA H 80 -22.94 16.98 8.42
C ALA H 80 -22.56 15.66 9.08
N ALA H 81 -21.55 15.68 9.93
CA ALA H 81 -21.16 14.50 10.70
C ALA H 81 -22.34 13.98 11.53
N CYS H 82 -23.10 14.92 12.07
CA CYS H 82 -24.25 14.63 12.92
C CYS H 82 -25.39 13.95 12.12
N LEU H 83 -25.83 14.61 11.06
CA LEU H 83 -26.83 14.03 10.17
C LEU H 83 -26.35 12.67 9.66
N ARG H 84 -25.07 12.61 9.31
CA ARG H 84 -24.46 11.36 8.85
C ARG H 84 -24.63 10.26 9.89
N ASP H 85 -24.21 10.53 11.12
CA ASP H 85 -24.35 9.57 12.20
C ASP H 85 -25.79 9.08 12.36
N MET H 86 -26.74 10.01 12.37
CA MET H 86 -28.15 9.64 12.40
C MET H 86 -28.49 8.68 11.26
N GLU H 87 -28.07 9.05 10.05
CA GLU H 87 -28.30 8.23 8.87
C GLU H 87 -27.64 6.84 8.96
N ILE H 88 -26.43 6.78 9.52
CA ILE H 88 -25.72 5.50 9.66
C ILE H 88 -26.48 4.61 10.62
N ILE H 89 -26.83 5.16 11.78
CA ILE H 89 -27.61 4.42 12.76
C ILE H 89 -28.87 3.87 12.11
N LEU H 90 -29.62 4.73 11.43
CA LEU H 90 -30.82 4.27 10.73
C LEU H 90 -30.52 3.15 9.74
N ARG H 91 -29.45 3.33 8.96
CA ARG H 91 -29.05 2.33 7.96
C ARG H 91 -28.79 0.96 8.59
N TYR H 92 -27.94 0.93 9.61
CA TYR H 92 -27.62 -0.35 10.26
C TYR H 92 -28.84 -0.93 10.99
N VAL H 93 -29.71 -0.06 11.50
CA VAL H 93 -31.00 -0.52 12.03
C VAL H 93 -31.76 -1.27 10.95
N THR H 94 -31.91 -0.66 9.77
CA THR H 94 -32.57 -1.35 8.67
C THR H 94 -31.84 -2.64 8.27
N TYR H 95 -30.50 -2.62 8.33
CA TYR H 95 -29.74 -3.85 8.11
C TYR H 95 -30.16 -4.93 9.09
N ALA H 96 -30.29 -4.56 10.36
CA ALA H 96 -30.73 -5.51 11.38
C ALA H 96 -32.14 -6.01 11.09
N VAL H 97 -33.04 -5.10 10.74
CA VAL H 97 -34.41 -5.48 10.38
C VAL H 97 -34.42 -6.47 9.21
N PHE H 98 -33.59 -6.19 8.21
CA PHE H 98 -33.48 -7.02 7.01
C PHE H 98 -32.87 -8.39 7.33
N ALA H 99 -31.82 -8.39 8.13
CA ALA H 99 -31.07 -9.61 8.43
C ALA H 99 -31.78 -10.50 9.46
N GLY H 100 -32.71 -9.91 10.20
CA GLY H 100 -33.40 -10.63 11.26
C GLY H 100 -32.46 -10.90 12.42
N ASP H 101 -31.42 -10.08 12.52
CA ASP H 101 -30.43 -10.25 13.57
C ASP H 101 -29.66 -8.94 13.78
N ALA H 102 -29.43 -8.58 15.04
CA ALA H 102 -28.85 -7.29 15.38
C ALA H 102 -27.32 -7.31 15.36
N SER H 103 -26.73 -8.46 15.10
CA SER H 103 -25.28 -8.61 15.16
C SER H 103 -24.56 -7.56 14.32
N VAL H 104 -25.07 -7.29 13.11
CA VAL H 104 -24.44 -6.33 12.23
C VAL H 104 -24.57 -4.92 12.79
N LEU H 105 -25.69 -4.65 13.43
CA LEU H 105 -25.93 -3.36 14.07
C LEU H 105 -25.04 -3.20 15.29
N GLU H 106 -24.85 -4.29 16.02
CA GLU H 106 -24.01 -4.27 17.22
C GLU H 106 -22.54 -4.08 16.85
N ASP H 107 -22.04 -4.99 16.03
CA ASP H 107 -20.61 -5.08 15.77
C ASP H 107 -20.08 -3.93 14.94
N ARG H 108 -20.68 -3.70 13.77
CA ARG H 108 -20.14 -2.76 12.80
C ARG H 108 -20.50 -1.30 13.06
N CYS H 109 -21.34 -1.03 14.06
CA CYS H 109 -21.88 0.32 14.26
C CYS H 109 -21.85 0.81 15.71
N LEU H 110 -22.56 0.11 16.59
CA LEU H 110 -22.75 0.58 17.95
C LEU H 110 -21.57 0.25 18.87
N ASN H 111 -20.71 -0.66 18.43
CA ASN H 111 -19.57 -1.09 19.25
C ASN H 111 -18.54 0.02 19.39
N GLY H 112 -18.33 0.49 20.62
CA GLY H 112 -17.33 1.50 20.91
C GLY H 112 -17.80 2.93 20.66
N LEU H 113 -19.01 3.06 20.11
CA LEU H 113 -19.54 4.37 19.74
C LEU H 113 -19.74 5.27 20.96
N ARG H 114 -20.19 4.68 22.06
CA ARG H 114 -20.34 5.40 23.32
C ARG H 114 -19.02 6.07 23.73
N GLU H 115 -17.93 5.34 23.56
CA GLU H 115 -16.60 5.85 23.92
C GLU H 115 -16.15 6.92 22.95
N THR H 116 -16.44 6.72 21.67
CA THR H 116 -16.12 7.68 20.63
C THR H 116 -16.77 9.03 20.94
N TYR H 117 -18.08 9.00 21.15
CA TYR H 117 -18.82 10.23 21.46
C TYR H 117 -18.29 10.89 22.73
N LEU H 118 -17.68 10.10 23.61
CA LEU H 118 -17.07 10.63 24.82
C LEU H 118 -15.76 11.33 24.49
N ALA H 119 -14.89 10.65 23.75
CA ALA H 119 -13.61 11.21 23.36
C ALA H 119 -13.80 12.49 22.56
N LEU H 120 -14.80 12.51 21.69
CA LEU H 120 -15.09 13.69 20.89
C LEU H 120 -15.77 14.79 21.69
N GLY H 121 -16.48 14.39 22.75
CA GLY H 121 -17.23 15.34 23.56
C GLY H 121 -18.65 15.52 23.02
N THR H 122 -19.08 14.61 22.17
CA THR H 122 -20.44 14.62 21.66
C THR H 122 -21.37 14.08 22.74
N PRO H 123 -22.49 14.78 23.01
CA PRO H 123 -23.41 14.26 24.03
C PRO H 123 -24.23 13.09 23.49
N GLY H 124 -23.84 11.87 23.86
CA GLY H 124 -24.51 10.67 23.37
C GLY H 124 -25.98 10.64 23.74
N SER H 125 -26.28 11.24 24.89
CA SER H 125 -27.65 11.28 25.39
C SER H 125 -28.52 12.25 24.60
N SER H 126 -27.95 12.83 23.54
CA SER H 126 -28.71 13.62 22.57
C SER H 126 -28.84 12.82 21.28
N VAL H 127 -27.85 11.98 21.02
CA VAL H 127 -27.89 11.06 19.89
C VAL H 127 -29.05 10.11 20.14
N ALA H 128 -29.11 9.58 21.36
CA ALA H 128 -30.21 8.71 21.77
C ALA H 128 -31.55 9.39 21.52
N VAL H 129 -31.64 10.67 21.88
CA VAL H 129 -32.85 11.44 21.65
C VAL H 129 -33.14 11.51 20.16
N GLY H 130 -32.11 11.76 19.37
CA GLY H 130 -32.24 11.77 17.93
C GLY H 130 -32.78 10.45 17.40
N VAL H 131 -32.27 9.34 17.92
CA VAL H 131 -32.74 8.03 17.51
C VAL H 131 -34.19 7.79 17.93
N GLY H 132 -34.52 8.19 19.15
CA GLY H 132 -35.86 8.01 19.69
C GLY H 132 -36.95 8.64 18.84
N LYS H 133 -36.56 9.61 18.01
CA LYS H 133 -37.50 10.29 17.12
C LYS H 133 -37.59 9.59 15.78
N MET H 134 -36.44 9.15 15.27
CA MET H 134 -36.41 8.37 14.04
C MET H 134 -37.24 7.10 14.21
N LYS H 135 -37.11 6.48 15.38
CA LYS H 135 -37.94 5.31 15.72
C LYS H 135 -39.43 5.62 15.55
N GLU H 136 -39.89 6.62 16.31
CA GLU H 136 -41.28 7.02 16.30
C GLU H 136 -41.78 7.31 14.88
N ALA H 137 -40.99 8.05 14.12
CA ALA H 137 -41.33 8.31 12.72
C ALA H 137 -41.35 7.01 11.91
N ALA H 138 -40.37 6.15 12.18
CA ALA H 138 -40.18 4.91 11.43
C ALA H 138 -41.35 3.95 11.58
N LEU H 139 -41.72 3.61 12.80
CA LEU H 139 -42.84 2.68 12.95
C LEU H 139 -44.17 3.32 12.57
N ALA H 140 -44.23 4.65 12.61
CA ALA H 140 -45.41 5.35 12.11
C ALA H 140 -45.51 5.09 10.62
N ILE H 141 -44.39 5.28 9.92
CA ILE H 141 -44.30 4.94 8.50
C ILE H 141 -44.66 3.46 8.26
N VAL H 142 -44.09 2.58 9.06
CA VAL H 142 -44.28 1.14 8.88
C VAL H 142 -45.74 0.72 9.13
N ASN H 143 -46.37 1.30 10.14
CA ASN H 143 -47.73 0.92 10.51
C ASN H 143 -48.80 1.49 9.56
N ASP H 144 -48.39 2.34 8.64
CA ASP H 144 -49.32 2.95 7.68
C ASP H 144 -50.05 1.87 6.87
N PRO H 145 -51.38 1.78 7.00
CA PRO H 145 -52.14 0.73 6.31
C PRO H 145 -52.57 1.09 4.89
N ALA H 146 -52.08 2.20 4.36
CA ALA H 146 -52.43 2.62 3.00
C ALA H 146 -51.50 1.99 1.98
N GLY H 147 -52.04 1.66 0.81
CA GLY H 147 -51.26 1.10 -0.27
C GLY H 147 -50.58 -0.21 0.07
N ILE H 148 -51.26 -1.03 0.88
CA ILE H 148 -50.68 -2.29 1.34
C ILE H 148 -51.78 -3.27 1.75
N THR H 149 -51.51 -4.56 1.58
CA THR H 149 -52.44 -5.61 1.98
C THR H 149 -52.52 -5.64 3.51
N PRO H 150 -53.70 -5.32 4.08
CA PRO H 150 -53.77 -5.26 5.55
C PRO H 150 -53.49 -6.58 6.25
N GLY H 151 -52.78 -6.50 7.36
CA GLY H 151 -52.47 -7.66 8.18
C GLY H 151 -51.81 -7.18 9.47
N ASP H 152 -51.45 -8.11 10.35
CA ASP H 152 -50.85 -7.75 11.62
C ASP H 152 -49.33 -7.83 11.52
N CYS H 153 -48.67 -6.82 12.10
CA CYS H 153 -47.22 -6.74 12.06
C CYS H 153 -46.69 -6.30 13.43
N SER H 154 -47.44 -6.63 14.47
CA SER H 154 -47.10 -6.23 15.83
C SER H 154 -45.75 -6.79 16.28
N ALA H 155 -45.54 -8.06 15.99
CA ALA H 155 -44.29 -8.73 16.34
C ALA H 155 -43.11 -7.98 15.71
N LEU H 156 -43.25 -7.67 14.43
CA LEU H 156 -42.19 -7.02 13.68
C LEU H 156 -41.95 -5.60 14.17
N ALA H 157 -43.03 -4.86 14.38
CA ALA H 157 -42.93 -3.51 14.93
C ALA H 157 -42.18 -3.58 16.26
N SER H 158 -42.54 -4.56 17.08
CA SER H 158 -41.85 -4.79 18.35
C SER H 158 -40.35 -5.03 18.12
N GLU H 159 -40.05 -5.91 17.17
CA GLU H 159 -38.65 -6.20 16.80
C GLU H 159 -37.88 -4.94 16.40
N ILE H 160 -38.52 -4.09 15.59
CA ILE H 160 -37.91 -2.85 15.12
C ILE H 160 -37.68 -1.87 16.28
N ALA H 161 -38.69 -1.74 17.13
CA ALA H 161 -38.58 -0.95 18.35
C ALA H 161 -37.38 -1.44 19.14
N SER H 162 -37.23 -2.75 19.22
CA SER H 162 -36.07 -3.37 19.85
C SER H 162 -34.75 -2.74 19.34
N TYR H 163 -34.58 -2.71 18.03
CA TYR H 163 -33.35 -2.20 17.42
C TYR H 163 -33.16 -0.71 17.64
N PHE H 164 -34.23 0.07 17.51
CA PHE H 164 -34.12 1.50 17.79
C PHE H 164 -33.70 1.74 19.25
N ASP H 165 -34.36 1.05 20.18
CA ASP H 165 -34.01 1.15 21.59
C ASP H 165 -32.57 0.69 21.82
N ARG H 166 -32.17 -0.35 21.08
CA ARG H 166 -30.80 -0.84 21.08
C ARG H 166 -29.86 0.30 20.76
N ALA H 167 -30.08 0.95 19.63
CA ALA H 167 -29.25 2.08 19.20
C ALA H 167 -29.24 3.19 20.24
N CYS H 168 -30.43 3.53 20.75
CA CYS H 168 -30.56 4.58 21.75
C CYS H 168 -29.73 4.29 23.00
N ALA H 169 -29.82 3.06 23.52
CA ALA H 169 -29.11 2.69 24.72
C ALA H 169 -27.60 2.65 24.53
N ALA H 170 -27.16 2.34 23.31
CA ALA H 170 -25.75 2.05 23.04
C ALA H 170 -24.87 3.29 22.96
N VAL H 171 -25.46 4.48 23.05
CA VAL H 171 -24.72 5.73 22.85
C VAL H 171 -24.70 6.61 24.11
N SER H 172 -25.72 6.46 24.95
CA SER H 172 -25.80 7.24 26.18
C SER H 172 -24.60 6.98 27.08
N MET I 1 21.82 -9.30 12.79
CA MET I 1 23.18 -9.05 12.23
C MET I 1 23.41 -9.83 10.96
N LYS I 2 24.55 -9.57 10.31
CA LYS I 2 24.98 -10.35 9.16
C LYS I 2 26.00 -11.39 9.62
N THR I 3 25.51 -12.59 9.90
CA THR I 3 26.36 -13.73 10.23
C THR I 3 25.76 -14.94 9.56
N PRO I 4 26.60 -15.92 9.16
CA PRO I 4 26.12 -17.12 8.48
C PRO I 4 24.92 -17.78 9.15
N LEU I 5 25.01 -18.04 10.45
CA LEU I 5 23.95 -18.71 11.18
C LEU I 5 22.67 -17.88 11.20
N THR I 6 22.78 -16.65 11.71
CA THR I 6 21.61 -15.78 11.85
C THR I 6 20.96 -15.49 10.51
N GLU I 7 21.77 -15.27 9.48
CA GLU I 7 21.25 -15.08 8.13
C GLU I 7 20.55 -16.33 7.63
N ALA I 8 21.22 -17.48 7.77
CA ALA I 8 20.64 -18.76 7.40
C ALA I 8 19.27 -18.97 8.05
N VAL I 9 19.16 -18.63 9.33
CA VAL I 9 17.89 -18.71 10.03
C VAL I 9 16.88 -17.70 9.49
N SER I 10 17.29 -16.43 9.40
CA SER I 10 16.39 -15.34 9.00
C SER I 10 15.79 -15.57 7.61
N VAL I 11 16.63 -16.04 6.69
CA VAL I 11 16.16 -16.41 5.36
C VAL I 11 15.04 -17.42 5.49
N ALA I 12 15.37 -18.61 5.99
CA ALA I 12 14.39 -19.69 6.15
C ALA I 12 13.14 -19.21 6.88
N ASP I 13 13.32 -18.32 7.85
CA ASP I 13 12.19 -17.78 8.62
C ASP I 13 11.32 -16.91 7.72
N SER I 14 11.95 -16.11 6.87
CA SER I 14 11.20 -15.25 5.95
C SER I 14 10.38 -16.08 4.95
N GLN I 15 10.82 -17.31 4.71
CA GLN I 15 10.13 -18.21 3.79
C GLN I 15 9.18 -19.14 4.54
N GLY I 16 9.12 -19.01 5.86
CA GLY I 16 8.30 -19.88 6.67
C GLY I 16 8.70 -21.34 6.49
N ARG I 17 10.00 -21.59 6.54
CA ARG I 17 10.56 -22.90 6.20
C ARG I 17 11.43 -23.47 7.30
N PHE I 18 11.42 -24.79 7.42
CA PHE I 18 12.41 -25.48 8.25
C PHE I 18 13.77 -25.34 7.59
N LEU I 19 14.82 -25.35 8.40
CA LEU I 19 16.18 -25.28 7.88
C LEU I 19 16.45 -26.52 7.04
N SER I 20 17.02 -26.32 5.85
CA SER I 20 17.32 -27.44 4.95
C SER I 20 18.82 -27.72 4.92
N SER I 21 19.27 -28.45 3.90
CA SER I 21 20.67 -28.78 3.77
C SER I 21 21.50 -27.53 3.48
N THR I 22 20.87 -26.54 2.85
CA THR I 22 21.53 -25.27 2.54
C THR I 22 22.06 -24.61 3.82
N GLU I 23 21.15 -24.34 4.76
CA GLU I 23 21.51 -23.69 6.00
C GLU I 23 22.57 -24.52 6.73
N ILE I 24 22.43 -25.83 6.64
CA ILE I 24 23.41 -26.75 7.22
C ILE I 24 24.78 -26.52 6.58
N GLN I 25 24.79 -26.37 5.27
CA GLN I 25 26.05 -26.07 4.56
C GLN I 25 26.64 -24.72 4.97
N VAL I 26 25.79 -23.70 5.07
CA VAL I 26 26.20 -22.39 5.58
C VAL I 26 26.90 -22.58 6.93
N ALA I 27 26.23 -23.30 7.83
CA ALA I 27 26.77 -23.61 9.14
C ALA I 27 28.11 -24.33 9.02
N PHE I 28 28.17 -25.35 8.18
CA PHE I 28 29.40 -26.12 7.99
C PHE I 28 30.55 -25.20 7.60
N GLY I 29 30.31 -24.29 6.68
CA GLY I 29 31.31 -23.30 6.31
C GLY I 29 31.71 -22.44 7.50
N ARG I 30 30.71 -21.92 8.20
CA ARG I 30 30.94 -21.10 9.39
C ARG I 30 31.86 -21.77 10.41
N PHE I 31 31.49 -22.97 10.83
CA PHE I 31 32.20 -23.66 11.89
C PHE I 31 33.65 -23.98 11.54
N ARG I 32 33.93 -24.12 10.24
CA ARG I 32 35.29 -24.39 9.80
C ARG I 32 36.09 -23.09 9.68
N GLN I 33 35.45 -22.03 9.19
CA GLN I 33 36.10 -20.72 9.17
C GLN I 33 36.37 -20.23 10.59
N ALA I 34 35.49 -20.62 11.50
CA ALA I 34 35.60 -20.25 12.90
C ALA I 34 36.96 -20.62 13.48
N LYS I 35 37.47 -21.80 13.10
CA LYS I 35 38.74 -22.29 13.62
C LYS I 35 39.85 -21.26 13.49
N ALA I 36 39.90 -20.59 12.33
CA ALA I 36 40.91 -19.56 12.08
C ALA I 36 40.47 -18.21 12.68
N GLY I 37 39.23 -17.81 12.40
CA GLY I 37 38.75 -16.51 12.85
C GLY I 37 38.80 -16.29 14.35
N LEU I 38 38.38 -17.30 15.10
CA LEU I 38 38.32 -17.23 16.56
C LEU I 38 39.72 -16.95 17.13
N GLU I 39 40.72 -17.62 16.57
CA GLU I 39 42.10 -17.46 17.04
C GLU I 39 42.68 -16.13 16.51
N ALA I 40 42.26 -15.73 15.32
CA ALA I 40 42.64 -14.44 14.76
C ALA I 40 42.25 -13.32 15.73
N ALA I 41 40.98 -13.31 16.13
CA ALA I 41 40.49 -12.34 17.09
C ALA I 41 41.32 -12.35 18.37
N LYS I 42 41.77 -13.53 18.75
CA LYS I 42 42.61 -13.71 19.93
C LYS I 42 43.93 -12.97 19.76
N ALA I 43 44.63 -13.31 18.68
CA ALA I 43 45.91 -12.67 18.37
C ALA I 43 45.76 -11.16 18.31
N LEU I 44 44.68 -10.69 17.68
CA LEU I 44 44.43 -9.25 17.59
C LEU I 44 44.13 -8.63 18.94
N THR I 45 43.37 -9.34 19.78
CA THR I 45 43.09 -8.85 21.12
C THR I 45 44.39 -8.74 21.91
N SER I 46 45.27 -9.73 21.75
CA SER I 46 46.55 -9.71 22.44
C SER I 46 47.43 -8.50 22.07
N LYS I 47 47.31 -8.02 20.84
CA LYS I 47 48.13 -6.92 20.33
C LYS I 47 47.37 -5.58 20.29
N ALA I 48 46.24 -5.53 20.97
CA ALA I 48 45.32 -4.38 20.91
C ALA I 48 46.02 -3.02 21.09
N ASP I 49 46.59 -2.82 22.29
CA ASP I 49 47.19 -1.54 22.67
C ASP I 49 48.26 -1.08 21.67
N SER I 50 49.16 -1.99 21.32
CA SER I 50 50.23 -1.69 20.37
C SER I 50 49.69 -1.24 19.02
N LEU I 51 48.76 -2.01 18.48
CA LEU I 51 48.17 -1.72 17.18
C LEU I 51 47.47 -0.36 17.20
N ILE I 52 46.66 -0.14 18.22
CA ILE I 52 45.95 1.14 18.37
C ILE I 52 46.94 2.30 18.45
N SER I 53 47.93 2.17 19.32
CA SER I 53 48.95 3.21 19.48
C SER I 53 49.66 3.52 18.16
N GLY I 54 50.22 2.48 17.55
CA GLY I 54 50.93 2.63 16.29
C GLY I 54 50.06 3.23 15.20
N ALA I 55 48.81 2.78 15.13
CA ALA I 55 47.86 3.29 14.15
C ALA I 55 47.61 4.79 14.37
N ALA I 56 47.34 5.17 15.62
CA ALA I 56 47.12 6.58 15.94
C ALA I 56 48.34 7.41 15.54
N GLN I 57 49.53 6.93 15.92
CA GLN I 57 50.76 7.63 15.57
C GLN I 57 50.91 7.72 14.04
N ALA I 58 50.51 6.66 13.34
CA ALA I 58 50.56 6.66 11.88
C ALA I 58 49.63 7.74 11.32
N VAL I 59 48.42 7.82 11.86
CA VAL I 59 47.49 8.88 11.49
C VAL I 59 48.14 10.25 11.70
N TYR I 60 48.71 10.46 12.88
CA TYR I 60 49.38 11.73 13.19
C TYR I 60 50.54 12.00 12.25
N ASN I 61 51.26 10.95 11.87
CA ASN I 61 52.37 11.08 10.94
C ASN I 61 51.92 11.53 9.56
N LYS I 62 50.94 10.83 8.99
CA LYS I 62 50.47 11.15 7.65
C LYS I 62 49.71 12.48 7.59
N PHE I 63 48.97 12.77 8.65
CA PHE I 63 48.19 14.01 8.74
C PHE I 63 48.59 14.82 9.96
N PRO I 64 49.76 15.48 9.89
CA PRO I 64 50.33 16.21 11.03
C PRO I 64 49.45 17.33 11.58
N TYR I 65 48.70 17.98 10.69
CA TYR I 65 47.87 19.12 11.09
C TYR I 65 46.82 18.74 12.13
N THR I 66 46.60 17.44 12.33
CA THR I 66 45.66 16.98 13.33
C THR I 66 46.22 17.14 14.74
N THR I 67 47.54 17.21 14.85
CA THR I 67 48.20 17.35 16.15
C THR I 67 48.53 18.81 16.44
N GLN I 68 48.08 19.70 15.56
CA GLN I 68 48.49 21.11 15.62
C GLN I 68 47.29 22.05 15.57
N MET I 69 46.28 21.71 14.76
CA MET I 69 45.11 22.58 14.60
C MET I 69 44.26 22.63 15.87
N GLN I 70 43.83 23.82 16.23
CA GLN I 70 42.87 23.99 17.31
C GLN I 70 41.48 23.67 16.77
N GLY I 71 40.63 23.11 17.62
CA GLY I 71 39.29 22.73 17.23
C GLY I 71 38.87 21.47 17.95
N PRO I 72 37.56 21.31 18.21
CA PRO I 72 37.14 20.16 19.01
C PRO I 72 37.30 18.83 18.27
N ASN I 73 37.52 18.91 16.95
CA ASN I 73 37.61 17.72 16.11
C ASN I 73 39.04 17.29 15.81
N TYR I 74 39.99 17.76 16.62
CA TYR I 74 41.40 17.44 16.41
C TYR I 74 42.08 16.91 17.67
N ALA I 75 43.18 16.20 17.45
CA ALA I 75 43.98 15.63 18.54
C ALA I 75 45.19 16.51 18.84
N ALA I 76 44.98 17.82 18.82
CA ALA I 76 46.04 18.77 19.13
C ALA I 76 46.24 18.90 20.64
N ASP I 77 45.26 18.40 21.39
CA ASP I 77 45.34 18.37 22.85
C ASP I 77 45.11 16.94 23.33
N GLN I 78 45.17 16.74 24.65
CA GLN I 78 45.08 15.40 25.22
C GLN I 78 43.72 14.77 24.93
N ARG I 79 42.66 15.54 25.22
CA ARG I 79 41.29 15.17 24.94
C ARG I 79 41.14 14.50 23.57
N GLY I 80 41.55 15.22 22.53
CA GLY I 80 41.44 14.73 21.17
C GLY I 80 42.27 13.49 20.89
N LYS I 81 43.47 13.43 21.46
CA LYS I 81 44.32 12.27 21.30
C LYS I 81 43.65 11.04 21.89
N ASP I 82 43.06 11.19 23.06
CA ASP I 82 42.31 10.10 23.68
C ASP I 82 41.06 9.74 22.86
N LYS I 83 40.37 10.74 22.32
CA LYS I 83 39.26 10.48 21.40
C LYS I 83 39.71 9.60 20.22
N CYS I 84 40.79 10.03 19.56
CA CYS I 84 41.37 9.28 18.46
C CYS I 84 41.66 7.83 18.85
N ALA I 85 42.47 7.68 19.89
CA ALA I 85 42.83 6.35 20.39
C ALA I 85 41.58 5.52 20.64
N ARG I 86 40.60 6.12 21.30
CA ARG I 86 39.33 5.46 21.59
C ARG I 86 38.67 4.94 20.31
N ASP I 87 38.51 5.82 19.33
CA ASP I 87 37.90 5.43 18.06
C ASP I 87 38.63 4.29 17.36
N ILE I 88 39.96 4.41 17.25
CA ILE I 88 40.76 3.35 16.64
C ILE I 88 40.56 2.04 17.40
N GLY I 89 40.53 2.14 18.72
CA GLY I 89 40.24 0.99 19.56
C GLY I 89 38.90 0.38 19.21
N TYR I 90 37.87 1.22 19.09
CA TYR I 90 36.55 0.74 18.68
C TYR I 90 36.66 -0.03 17.37
N TYR I 91 37.28 0.57 16.36
CA TYR I 91 37.46 -0.09 15.07
C TYR I 91 38.08 -1.49 15.22
N LEU I 92 39.24 -1.54 15.87
CA LEU I 92 39.93 -2.82 16.05
C LEU I 92 39.04 -3.84 16.77
N ARG I 93 38.35 -3.37 17.81
CA ARG I 93 37.44 -4.22 18.56
C ARG I 93 36.34 -4.76 17.65
N MET I 94 35.78 -3.90 16.81
CA MET I 94 34.76 -4.32 15.86
C MET I 94 35.34 -5.40 14.93
N VAL I 95 36.55 -5.19 14.45
CA VAL I 95 37.20 -6.20 13.61
C VAL I 95 37.25 -7.55 14.33
N THR I 96 37.74 -7.54 15.57
CA THR I 96 37.74 -8.78 16.36
C THR I 96 36.34 -9.38 16.42
N TYR I 97 35.34 -8.56 16.75
CA TYR I 97 33.96 -9.01 16.80
C TYR I 97 33.52 -9.67 15.48
N CYS I 98 33.89 -9.06 14.36
CA CYS I 98 33.56 -9.62 13.06
C CYS I 98 34.21 -10.98 12.88
N LEU I 99 35.46 -11.10 13.31
CA LEU I 99 36.13 -12.40 13.31
C LEU I 99 35.41 -13.41 14.20
N ILE I 100 34.95 -12.96 15.38
CA ILE I 100 34.21 -13.82 16.29
C ILE I 100 32.90 -14.29 15.65
N ALA I 101 32.18 -13.37 15.03
CA ALA I 101 30.87 -13.68 14.45
C ALA I 101 30.97 -14.36 13.09
N GLY I 102 32.05 -14.10 12.37
CA GLY I 102 32.21 -14.64 11.03
C GLY I 102 31.41 -13.83 10.03
N GLY I 103 31.24 -12.54 10.31
CA GLY I 103 30.48 -11.66 9.44
C GLY I 103 30.60 -10.21 9.86
N THR I 104 30.23 -9.32 8.95
CA THR I 104 30.36 -7.89 9.18
C THR I 104 29.31 -7.35 10.15
N GLY I 105 28.35 -8.20 10.52
CA GLY I 105 27.21 -7.81 11.34
C GLY I 105 27.51 -6.87 12.50
N PRO I 106 28.37 -7.30 13.44
CA PRO I 106 28.74 -6.46 14.57
C PRO I 106 29.17 -5.06 14.15
N MET I 107 30.07 -4.98 13.18
CA MET I 107 30.57 -3.70 12.69
C MET I 107 29.43 -2.89 12.07
N ASP I 108 28.56 -3.57 11.33
CA ASP I 108 27.41 -2.91 10.70
C ASP I 108 26.50 -2.29 11.74
N GLU I 109 26.16 -3.07 12.76
CA GLU I 109 25.24 -2.63 13.79
C GLU I 109 25.85 -1.54 14.67
N TYR I 110 27.10 -1.74 15.07
CA TYR I 110 27.73 -0.88 16.08
C TYR I 110 28.46 0.32 15.50
N LEU I 111 28.88 0.26 14.24
CA LEU I 111 29.81 1.24 13.70
C LEU I 111 29.41 1.82 12.34
N ILE I 112 29.15 0.97 11.36
CA ILE I 112 28.93 1.42 9.98
C ILE I 112 27.64 2.22 9.84
N ALA I 113 26.56 1.71 10.43
CA ALA I 113 25.28 2.39 10.37
C ALA I 113 25.37 3.77 11.01
N GLY I 114 25.42 4.80 10.18
CA GLY I 114 25.44 6.17 10.65
C GLY I 114 26.82 6.79 10.74
N ILE I 115 27.85 6.06 10.33
CA ILE I 115 29.22 6.57 10.41
C ILE I 115 29.36 7.84 9.59
N ASP I 116 28.68 7.89 8.46
CA ASP I 116 28.72 9.05 7.58
C ASP I 116 28.17 10.29 8.28
N GLU I 117 27.07 10.13 9.01
CA GLU I 117 26.46 11.24 9.73
C GLU I 117 27.41 11.75 10.81
N ILE I 118 28.04 10.82 11.52
CA ILE I 118 28.97 11.16 12.59
C ILE I 118 30.19 11.89 12.05
N ASN I 119 30.85 11.31 11.06
CA ASN I 119 32.04 11.91 10.47
C ASN I 119 31.77 13.30 9.92
N ARG I 120 30.54 13.51 9.47
CA ARG I 120 30.14 14.75 8.82
C ARG I 120 29.71 15.77 9.87
N THR I 121 29.05 15.31 10.92
CA THR I 121 28.58 16.19 11.98
C THR I 121 29.71 16.72 12.84
N PHE I 122 30.68 15.86 13.15
CA PHE I 122 31.80 16.23 14.01
C PHE I 122 33.08 16.55 13.23
N GLU I 123 32.94 16.64 11.91
CA GLU I 123 34.07 17.00 11.04
C GLU I 123 35.26 16.07 11.22
N LEU I 124 35.01 14.77 11.13
CA LEU I 124 36.07 13.77 11.19
C LEU I 124 36.32 13.24 9.78
N SER I 125 37.57 13.30 9.33
CA SER I 125 37.90 12.86 7.97
C SER I 125 38.09 11.35 7.88
N PRO I 126 37.35 10.67 6.98
CA PRO I 126 37.49 9.22 6.83
C PRO I 126 38.92 8.77 6.55
N SER I 127 39.71 9.63 5.91
CA SER I 127 41.09 9.30 5.54
C SER I 127 41.92 8.92 6.75
N TRP I 128 41.64 9.55 7.88
CA TRP I 128 42.33 9.26 9.12
C TRP I 128 42.13 7.80 9.50
N TYR I 129 40.87 7.39 9.52
CA TYR I 129 40.52 6.04 9.91
C TYR I 129 40.98 5.04 8.86
N ILE I 130 40.91 5.45 7.59
CA ILE I 130 41.45 4.63 6.51
C ILE I 130 42.93 4.38 6.76
N GLU I 131 43.64 5.42 7.15
CA GLU I 131 45.07 5.30 7.45
C GLU I 131 45.30 4.37 8.64
N ALA I 132 44.53 4.57 9.71
CA ALA I 132 44.62 3.70 10.88
C ALA I 132 44.41 2.24 10.49
N LEU I 133 43.35 2.00 9.71
CA LEU I 133 43.02 0.65 9.24
C LEU I 133 44.14 0.07 8.39
N LYS I 134 44.68 0.89 7.50
CA LYS I 134 45.84 0.49 6.70
C LYS I 134 46.99 0.05 7.61
N TYR I 135 47.33 0.90 8.58
CA TYR I 135 48.42 0.59 9.49
C TYR I 135 48.16 -0.71 10.24
N ILE I 136 46.93 -0.87 10.72
CA ILE I 136 46.56 -2.10 11.43
C ILE I 136 46.66 -3.33 10.52
N LYS I 137 46.24 -3.17 9.27
CA LYS I 137 46.32 -4.24 8.29
C LYS I 137 47.77 -4.65 8.04
N ALA I 138 48.68 -3.69 8.13
CA ALA I 138 50.09 -3.92 7.80
C ALA I 138 50.92 -4.39 9.00
N ASN I 139 50.29 -4.53 10.16
CA ASN I 139 51.03 -4.78 11.40
C ASN I 139 50.45 -5.86 12.33
N HIS I 140 49.29 -6.42 11.98
CA HIS I 140 48.67 -7.40 12.87
C HIS I 140 49.42 -8.74 12.91
N GLY I 141 50.32 -8.95 11.96
CA GLY I 141 51.17 -10.14 11.94
C GLY I 141 50.39 -11.45 11.81
N LEU I 142 49.16 -11.37 11.35
CA LEU I 142 48.35 -12.55 11.09
C LEU I 142 48.77 -13.20 9.79
N SER I 143 48.32 -14.42 9.57
CA SER I 143 48.57 -15.14 8.32
C SER I 143 47.46 -16.17 8.09
N GLY I 144 47.37 -16.68 6.87
CA GLY I 144 46.35 -17.66 6.53
C GLY I 144 44.97 -17.05 6.49
N ASP I 145 43.95 -17.89 6.63
CA ASP I 145 42.56 -17.45 6.58
C ASP I 145 42.25 -16.38 7.61
N ALA I 146 42.97 -16.40 8.72
CA ALA I 146 42.86 -15.37 9.75
C ALA I 146 43.12 -14.00 9.12
N ALA I 147 44.29 -13.88 8.51
CA ALA I 147 44.70 -12.64 7.88
C ALA I 147 43.72 -12.24 6.79
N VAL I 148 43.37 -13.19 5.93
CA VAL I 148 42.48 -12.92 4.80
C VAL I 148 41.12 -12.39 5.28
N GLU I 149 40.52 -13.10 6.22
CA GLU I 149 39.21 -12.72 6.74
C GLU I 149 39.27 -11.38 7.46
N ALA I 150 40.22 -11.27 8.40
CA ALA I 150 40.40 -10.03 9.14
C ALA I 150 40.60 -8.87 8.18
N ASN I 151 41.43 -9.09 7.17
CA ASN I 151 41.70 -8.07 6.18
C ASN I 151 40.49 -7.79 5.31
N SER I 152 39.64 -8.79 5.10
CA SER I 152 38.38 -8.56 4.40
C SER I 152 37.53 -7.58 5.20
N TYR I 153 37.47 -7.80 6.51
CA TYR I 153 36.78 -6.85 7.39
C TYR I 153 37.43 -5.47 7.40
N LEU I 154 38.76 -5.43 7.47
CA LEU I 154 39.48 -4.16 7.42
C LEU I 154 39.17 -3.41 6.12
N ASP I 155 39.23 -4.12 5.00
CA ASP I 155 38.96 -3.53 3.70
C ASP I 155 37.50 -3.11 3.60
N TYR I 156 36.62 -3.88 4.24
CA TYR I 156 35.20 -3.52 4.30
C TYR I 156 35.00 -2.19 5.04
N ALA I 157 35.62 -2.06 6.20
CA ALA I 157 35.58 -0.79 6.93
C ALA I 157 36.18 0.33 6.10
N ILE I 158 37.33 0.06 5.48
CA ILE I 158 37.96 1.03 4.58
C ILE I 158 37.01 1.39 3.44
N ASN I 159 36.23 0.43 2.97
CA ASN I 159 35.27 0.67 1.90
C ASN I 159 34.09 1.52 2.37
N ALA I 160 33.64 1.25 3.59
CA ALA I 160 32.53 2.00 4.18
C ALA I 160 32.89 3.48 4.36
N LEU I 161 34.17 3.76 4.44
CA LEU I 161 34.66 5.12 4.67
C LEU I 161 34.95 5.86 3.36
N SER I 162 35.16 5.10 2.29
CA SER I 162 35.53 5.68 1.01
C SER I 162 34.41 5.55 -0.01
N MET J 1 18.28 -11.16 15.63
CA MET J 1 18.50 -12.27 16.59
C MET J 1 19.99 -12.44 16.90
N PHE J 2 20.29 -13.30 17.87
CA PHE J 2 21.66 -13.66 18.21
C PHE J 2 21.88 -15.13 17.93
N ASP J 3 23.11 -15.47 17.56
CA ASP J 3 23.57 -16.85 17.58
C ASP J 3 24.55 -17.00 18.73
N ALA J 4 25.23 -18.14 18.82
CA ALA J 4 26.14 -18.39 19.93
C ALA J 4 27.27 -17.35 19.96
N PHE J 5 27.68 -16.89 18.79
CA PHE J 5 28.77 -15.93 18.68
C PHE J 5 28.36 -14.51 19.05
N THR J 6 27.44 -13.94 18.26
CA THR J 6 27.07 -12.54 18.41
C THR J 6 26.43 -12.25 19.77
N LYS J 7 25.91 -13.28 20.41
CA LYS J 7 25.40 -13.16 21.78
C LYS J 7 26.54 -12.67 22.68
N VAL J 8 27.60 -13.47 22.72
CA VAL J 8 28.79 -13.11 23.48
C VAL J 8 29.34 -11.78 23.00
N VAL J 9 29.42 -11.62 21.69
CA VAL J 9 29.91 -10.35 21.11
C VAL J 9 29.15 -9.15 21.65
N SER J 10 27.83 -9.23 21.66
CA SER J 10 26.99 -8.11 22.08
C SER J 10 27.16 -7.87 23.58
N GLN J 11 27.05 -8.95 24.35
CA GLN J 11 27.26 -8.87 25.80
C GLN J 11 28.61 -8.23 26.10
N ALA J 12 29.61 -8.53 25.27
CA ALA J 12 30.93 -7.93 25.40
C ALA J 12 30.93 -6.47 24.95
N ASP J 13 30.21 -6.19 23.87
CA ASP J 13 30.17 -4.85 23.30
C ASP J 13 29.55 -3.85 24.27
N THR J 14 28.49 -4.26 24.96
CA THR J 14 27.86 -3.37 25.93
C THR J 14 28.80 -2.99 27.08
N ARG J 15 29.84 -3.80 27.30
CA ARG J 15 30.85 -3.47 28.30
C ARG J 15 31.99 -2.68 27.67
N GLY J 16 32.11 -2.78 26.35
CA GLY J 16 33.20 -2.13 25.64
C GLY J 16 34.48 -2.93 25.72
N GLU J 17 34.35 -4.25 25.72
CA GLU J 17 35.48 -5.16 25.92
C GLU J 17 35.66 -6.17 24.80
N MET J 18 36.91 -6.52 24.55
CA MET J 18 37.23 -7.60 23.64
C MET J 18 36.83 -8.90 24.32
N LEU J 19 36.61 -9.95 23.54
CA LEU J 19 36.31 -11.25 24.13
C LEU J 19 37.52 -11.72 24.93
N SER J 20 37.27 -12.27 26.11
CA SER J 20 38.34 -12.90 26.88
C SER J 20 38.69 -14.23 26.22
N THR J 21 39.96 -14.62 26.29
CA THR J 21 40.45 -15.82 25.63
C THR J 21 39.64 -17.05 26.04
N ALA J 22 39.21 -17.07 27.30
CA ALA J 22 38.40 -18.17 27.82
C ALA J 22 37.04 -18.20 27.12
N GLN J 23 36.45 -17.02 26.95
CA GLN J 23 35.16 -16.90 26.26
C GLN J 23 35.27 -17.40 24.82
N ILE J 24 36.45 -17.26 24.24
CA ILE J 24 36.70 -17.70 22.88
C ILE J 24 36.94 -19.21 22.84
N ASP J 25 37.69 -19.71 23.82
CA ASP J 25 37.89 -21.15 23.97
C ASP J 25 36.54 -21.85 24.14
N ALA J 26 35.66 -21.22 24.94
CA ALA J 26 34.31 -21.72 25.14
C ALA J 26 33.60 -21.91 23.79
N LEU J 27 33.80 -20.95 22.89
CA LEU J 27 33.16 -21.00 21.58
C LEU J 27 33.81 -22.05 20.68
N SER J 28 35.13 -22.13 20.71
CA SER J 28 35.84 -23.19 19.99
C SER J 28 35.33 -24.56 20.44
N GLN J 29 35.07 -24.69 21.73
CA GLN J 29 34.49 -25.90 22.28
C GLN J 29 33.17 -26.24 21.58
N MET J 30 32.34 -25.23 21.34
CA MET J 30 31.08 -25.42 20.65
C MET J 30 31.33 -25.80 19.19
N VAL J 31 32.24 -25.07 18.54
CA VAL J 31 32.61 -25.36 17.16
C VAL J 31 32.99 -26.82 17.03
N ALA J 32 33.78 -27.31 17.99
CA ALA J 32 34.27 -28.69 17.97
C ALA J 32 33.17 -29.76 17.95
N GLU J 33 31.94 -29.39 18.33
CA GLU J 33 30.83 -30.35 18.38
C GLU J 33 29.67 -29.96 17.47
N SER J 34 29.95 -29.12 16.46
CA SER J 34 28.89 -28.56 15.61
C SER J 34 28.26 -29.58 14.67
N ASN J 35 29.04 -30.58 14.28
CA ASN J 35 28.53 -31.64 13.41
C ASN J 35 27.34 -32.33 14.06
N LYS J 36 27.44 -32.57 15.36
CA LYS J 36 26.36 -33.19 16.11
C LYS J 36 25.13 -32.28 16.08
N ARG J 37 25.35 -31.00 16.36
CA ARG J 37 24.30 -29.99 16.32
C ARG J 37 23.54 -30.03 15.00
N LEU J 38 24.27 -29.93 13.90
CA LEU J 38 23.64 -30.00 12.59
C LEU J 38 22.99 -31.36 12.33
N ASP J 39 23.58 -32.42 12.88
CA ASP J 39 22.93 -33.73 12.82
C ASP J 39 21.55 -33.70 13.45
N VAL J 40 21.43 -33.15 14.66
CA VAL J 40 20.10 -33.08 15.29
C VAL J 40 19.17 -32.16 14.53
N VAL J 41 19.69 -31.03 14.03
CA VAL J 41 18.85 -30.14 13.22
C VAL J 41 18.25 -30.93 12.06
N ASN J 42 19.11 -31.60 11.31
CA ASN J 42 18.68 -32.45 10.20
C ASN J 42 17.68 -33.51 10.65
N ARG J 43 18.01 -34.19 11.75
CA ARG J 43 17.19 -35.29 12.25
C ARG J 43 15.79 -34.85 12.69
N ILE J 44 15.70 -33.80 13.49
CA ILE J 44 14.40 -33.30 13.91
C ILE J 44 13.64 -32.77 12.70
N THR J 45 14.33 -32.01 11.86
CA THR J 45 13.71 -31.45 10.67
C THR J 45 13.13 -32.54 9.77
N SER J 46 13.87 -33.63 9.62
CA SER J 46 13.46 -34.71 8.73
C SER J 46 12.19 -35.45 9.17
N ASN J 47 11.80 -35.28 10.43
CA ASN J 47 10.60 -35.93 10.96
C ASN J 47 9.60 -34.93 11.54
N ALA J 48 9.61 -33.72 10.97
CA ALA J 48 8.76 -32.63 11.43
C ALA J 48 7.28 -33.03 11.50
N SER J 49 6.76 -33.50 10.37
CA SER J 49 5.34 -33.82 10.24
C SER J 49 4.88 -34.94 11.17
N THR J 50 5.67 -36.01 11.27
CA THR J 50 5.31 -37.09 12.17
C THR J 50 5.42 -36.63 13.62
N ILE J 51 6.48 -35.90 13.94
CA ILE J 51 6.64 -35.36 15.29
C ILE J 51 5.43 -34.51 15.67
N VAL J 52 4.99 -33.66 14.75
CA VAL J 52 3.81 -32.83 14.99
C VAL J 52 2.52 -33.67 15.11
N SER J 53 2.27 -34.51 14.12
CA SER J 53 1.01 -35.24 14.02
C SER J 53 0.83 -36.29 15.11
N ASN J 54 1.92 -36.97 15.47
CA ASN J 54 1.86 -37.93 16.57
C ASN J 54 1.48 -37.23 17.86
N ALA J 55 2.23 -36.18 18.19
CA ALA J 55 2.00 -35.39 19.39
C ALA J 55 0.57 -34.87 19.42
N ALA J 56 0.12 -34.31 18.30
CA ALA J 56 -1.25 -33.79 18.21
C ALA J 56 -2.29 -34.90 18.43
N ARG J 57 -2.15 -35.99 17.67
CA ARG J 57 -3.07 -37.11 17.77
C ARG J 57 -3.16 -37.62 19.21
N SER J 58 -2.01 -37.75 19.86
CA SER J 58 -1.98 -38.18 21.25
C SER J 58 -2.57 -37.13 22.18
N LEU J 59 -2.32 -35.85 21.88
CA LEU J 59 -2.88 -34.75 22.69
C LEU J 59 -4.41 -34.79 22.66
N PHE J 60 -4.96 -35.02 21.48
CA PHE J 60 -6.42 -35.06 21.32
C PHE J 60 -7.05 -36.27 22.01
N ALA J 61 -6.28 -37.34 22.17
CA ALA J 61 -6.79 -38.55 22.80
C ALA J 61 -6.87 -38.39 24.32
N GLU J 62 -5.95 -37.60 24.87
CA GLU J 62 -5.90 -37.37 26.31
C GLU J 62 -6.84 -36.26 26.73
N GLN J 63 -7.16 -35.37 25.79
CA GLN J 63 -8.02 -34.23 26.04
C GLN J 63 -9.03 -34.11 24.90
N PRO J 64 -9.99 -35.05 24.84
CA PRO J 64 -10.94 -35.12 23.73
C PRO J 64 -11.89 -33.93 23.65
N GLN J 65 -11.95 -33.12 24.69
CA GLN J 65 -12.82 -31.95 24.67
C GLN J 65 -12.28 -30.88 23.72
N LEU J 66 -11.00 -30.99 23.38
CA LEU J 66 -10.38 -30.04 22.45
C LEU J 66 -10.97 -30.21 21.04
N ILE J 67 -11.23 -31.45 20.65
CA ILE J 67 -11.78 -31.75 19.33
C ILE J 67 -13.28 -32.00 19.39
N ALA J 68 -13.83 -32.10 20.59
CA ALA J 68 -15.27 -32.23 20.76
C ALA J 68 -15.94 -30.98 20.19
N PRO J 69 -17.16 -31.12 19.62
CA PRO J 69 -17.89 -29.96 19.10
C PRO J 69 -17.98 -28.84 20.12
N GLY J 70 -17.48 -27.66 19.75
CA GLY J 70 -17.40 -26.53 20.66
C GLY J 70 -16.00 -26.37 21.21
N GLY J 71 -15.20 -27.42 21.13
CA GLY J 71 -13.82 -27.37 21.57
C GLY J 71 -13.00 -26.41 20.74
N ASN J 72 -11.84 -26.03 21.26
CA ASN J 72 -11.00 -25.04 20.59
C ASN J 72 -10.29 -25.60 19.35
N ALA J 73 -10.37 -26.91 19.16
CA ALA J 73 -9.76 -27.57 18.00
C ALA J 73 -10.81 -28.24 17.11
N TYR J 74 -12.09 -28.04 17.43
CA TYR J 74 -13.17 -28.50 16.56
C TYR J 74 -13.16 -27.64 15.30
N THR J 75 -13.79 -28.14 14.24
CA THR J 75 -13.71 -27.54 12.90
C THR J 75 -12.32 -27.72 12.32
N SER J 76 -12.22 -27.77 10.99
CA SER J 76 -10.95 -28.03 10.33
C SER J 76 -10.05 -26.80 10.30
N THR J 77 -10.63 -25.60 10.36
CA THR J 77 -9.84 -24.37 10.35
C THR J 77 -9.02 -24.25 11.63
N ARG J 78 -9.67 -24.46 12.78
CA ARG J 78 -8.99 -24.35 14.06
C ARG J 78 -8.02 -25.52 14.24
N MET J 79 -8.38 -26.68 13.72
CA MET J 79 -7.50 -27.84 13.74
C MET J 79 -6.23 -27.53 12.94
N ALA J 80 -6.42 -26.95 11.76
CA ALA J 80 -5.31 -26.53 10.92
C ALA J 80 -4.43 -25.52 11.64
N ALA J 81 -5.08 -24.53 12.26
CA ALA J 81 -4.35 -23.55 13.06
C ALA J 81 -3.55 -24.23 14.17
N CYS J 82 -4.18 -25.20 14.83
CA CYS J 82 -3.54 -25.94 15.93
C CYS J 82 -2.28 -26.67 15.46
N LEU J 83 -2.44 -27.49 14.42
CA LEU J 83 -1.30 -28.17 13.81
C LEU J 83 -0.23 -27.15 13.41
N ARG J 84 -0.66 -26.05 12.81
CA ARG J 84 0.26 -24.99 12.39
C ARG J 84 1.03 -24.46 13.59
N ASP J 85 0.35 -24.26 14.71
CA ASP J 85 1.00 -23.80 15.94
C ASP J 85 2.06 -24.80 16.39
N MET J 86 1.68 -26.08 16.45
CA MET J 86 2.64 -27.13 16.78
C MET J 86 3.88 -27.06 15.89
N GLU J 87 3.65 -26.99 14.58
CA GLU J 87 4.75 -26.94 13.61
C GLU J 87 5.62 -25.69 13.78
N ILE J 88 4.97 -24.56 14.01
CA ILE J 88 5.68 -23.29 14.24
C ILE J 88 6.61 -23.42 15.45
N ILE J 89 6.03 -23.82 16.58
CA ILE J 89 6.80 -23.99 17.81
C ILE J 89 7.96 -24.94 17.56
N LEU J 90 7.69 -26.05 16.88
CA LEU J 90 8.75 -27.02 16.57
C LEU J 90 9.86 -26.39 15.72
N ARG J 91 9.45 -25.61 14.72
CA ARG J 91 10.39 -24.96 13.81
C ARG J 91 11.32 -23.99 14.56
N TYR J 92 10.72 -23.09 15.34
CA TYR J 92 11.51 -22.08 16.03
C TYR J 92 12.46 -22.66 17.08
N VAL J 93 12.22 -23.90 17.47
CA VAL J 93 13.15 -24.60 18.37
C VAL J 93 14.37 -25.06 17.58
N THR J 94 14.13 -25.63 16.40
CA THR J 94 15.22 -26.04 15.53
C THR J 94 16.07 -24.84 15.16
N TYR J 95 15.40 -23.69 14.96
CA TYR J 95 16.14 -22.44 14.78
C TYR J 95 17.10 -22.18 15.95
N ALA J 96 16.64 -22.42 17.17
CA ALA J 96 17.45 -22.19 18.36
C ALA J 96 18.58 -23.20 18.47
N VAL J 97 18.29 -24.46 18.13
CA VAL J 97 19.32 -25.49 18.13
C VAL J 97 20.39 -25.19 17.09
N PHE J 98 19.96 -24.74 15.91
CA PHE J 98 20.88 -24.39 14.83
C PHE J 98 21.71 -23.16 15.21
N ALA J 99 21.03 -22.12 15.66
CA ALA J 99 21.68 -20.87 16.03
C ALA J 99 22.58 -21.05 17.23
N GLY J 100 22.22 -21.98 18.11
CA GLY J 100 22.93 -22.19 19.35
C GLY J 100 22.57 -21.11 20.37
N ASP J 101 21.42 -20.49 20.18
CA ASP J 101 20.94 -19.48 21.09
C ASP J 101 19.42 -19.40 21.06
N ALA J 102 18.81 -19.11 22.19
CA ALA J 102 17.36 -19.14 22.33
C ALA J 102 16.73 -17.80 21.97
N SER J 103 17.54 -16.84 21.53
CA SER J 103 17.04 -15.49 21.26
C SER J 103 15.94 -15.49 20.21
N VAL J 104 16.15 -16.20 19.09
CA VAL J 104 15.20 -16.19 17.99
C VAL J 104 13.85 -16.79 18.41
N LEU J 105 13.91 -17.87 19.17
CA LEU J 105 12.72 -18.59 19.63
C LEU J 105 11.89 -17.71 20.57
N GLU J 106 12.54 -17.11 21.56
CA GLU J 106 11.85 -16.24 22.50
C GLU J 106 11.34 -14.97 21.79
N ASP J 107 12.20 -14.33 21.01
CA ASP J 107 11.86 -13.06 20.37
C ASP J 107 10.73 -13.20 19.35
N ARG J 108 10.86 -14.12 18.41
CA ARG J 108 9.92 -14.18 17.29
C ARG J 108 8.69 -15.03 17.54
N CYS J 109 8.82 -16.09 18.33
CA CYS J 109 7.76 -17.08 18.47
C CYS J 109 7.01 -17.02 19.81
N LEU J 110 7.75 -17.01 20.92
CA LEU J 110 7.15 -17.20 22.24
C LEU J 110 6.67 -15.91 22.90
N ASN J 111 7.46 -14.85 22.79
CA ASN J 111 7.13 -13.58 23.45
C ASN J 111 5.86 -12.96 22.89
N GLY J 112 4.79 -12.99 23.70
CA GLY J 112 3.51 -12.44 23.31
C GLY J 112 2.51 -13.51 22.92
N LEU J 113 2.92 -14.77 23.02
CA LEU J 113 2.10 -15.88 22.55
C LEU J 113 1.00 -16.25 23.52
N ARG J 114 1.31 -16.24 24.82
CA ARG J 114 0.31 -16.59 25.82
C ARG J 114 -0.81 -15.55 25.79
N GLU J 115 -0.45 -14.30 25.49
CA GLU J 115 -1.44 -13.23 25.35
C GLU J 115 -2.34 -13.52 24.15
N THR J 116 -1.74 -14.01 23.07
CA THR J 116 -2.50 -14.39 21.88
C THR J 116 -3.49 -15.48 22.27
N TYR J 117 -2.98 -16.55 22.85
CA TYR J 117 -3.83 -17.64 23.32
C TYR J 117 -4.87 -17.11 24.31
N LEU J 118 -4.51 -16.07 25.05
CA LEU J 118 -5.46 -15.45 25.97
C LEU J 118 -6.62 -14.84 25.19
N ALA J 119 -6.31 -13.93 24.27
CA ALA J 119 -7.32 -13.23 23.49
C ALA J 119 -8.12 -14.22 22.66
N LEU J 120 -7.50 -15.34 22.31
CA LEU J 120 -8.19 -16.40 21.57
C LEU J 120 -8.96 -17.35 22.48
N GLY J 121 -8.63 -17.33 23.77
CA GLY J 121 -9.22 -18.27 24.71
C GLY J 121 -8.66 -19.67 24.52
N THR J 122 -7.54 -19.76 23.82
CA THR J 122 -6.91 -21.04 23.52
C THR J 122 -6.25 -21.61 24.78
N PRO J 123 -6.38 -22.94 24.99
CA PRO J 123 -5.79 -23.51 26.21
C PRO J 123 -4.27 -23.75 26.10
N GLY J 124 -3.48 -22.74 26.45
CA GLY J 124 -2.03 -22.84 26.38
C GLY J 124 -1.50 -24.02 27.16
N SER J 125 -2.20 -24.35 28.23
CA SER J 125 -1.87 -25.50 29.06
C SER J 125 -1.71 -26.76 28.22
N SER J 126 -2.65 -26.99 27.31
CA SER J 126 -2.61 -28.16 26.44
C SER J 126 -1.51 -28.04 25.38
N VAL J 127 -1.28 -26.81 24.93
CA VAL J 127 -0.22 -26.53 23.96
C VAL J 127 1.11 -26.99 24.54
N ALA J 128 1.41 -26.54 25.75
CA ALA J 128 2.64 -26.95 26.43
C ALA J 128 2.75 -28.47 26.45
N VAL J 129 1.64 -29.13 26.76
CA VAL J 129 1.61 -30.59 26.79
C VAL J 129 1.97 -31.16 25.42
N GLY J 130 1.47 -30.52 24.36
CA GLY J 130 1.89 -30.88 23.02
C GLY J 130 3.40 -30.73 22.82
N VAL J 131 3.92 -29.58 23.23
CA VAL J 131 5.35 -29.31 23.15
C VAL J 131 6.16 -30.36 23.90
N GLY J 132 5.66 -30.81 25.04
CA GLY J 132 6.31 -31.87 25.80
C GLY J 132 6.50 -33.16 25.01
N LYS J 133 5.44 -33.61 24.35
CA LYS J 133 5.50 -34.83 23.55
C LYS J 133 6.42 -34.63 22.36
N MET J 134 6.33 -33.47 21.71
CA MET J 134 7.25 -33.15 20.63
C MET J 134 8.71 -33.22 21.10
N LYS J 135 8.97 -32.63 22.28
CA LYS J 135 10.29 -32.70 22.89
C LYS J 135 10.74 -34.15 23.03
N GLU J 136 9.92 -34.95 23.72
CA GLU J 136 10.24 -36.36 23.93
C GLU J 136 10.58 -37.08 22.62
N ALA J 137 9.67 -37.00 21.65
CA ALA J 137 9.87 -37.70 20.37
C ALA J 137 11.13 -37.21 19.65
N ALA J 138 11.33 -35.89 19.63
CA ALA J 138 12.50 -35.31 18.98
C ALA J 138 13.79 -35.80 19.63
N LEU J 139 13.86 -35.72 20.96
CA LEU J 139 15.03 -36.19 21.69
C LEU J 139 15.27 -37.67 21.43
N ALA J 140 14.19 -38.45 21.39
CA ALA J 140 14.31 -39.86 21.04
C ALA J 140 14.92 -40.01 19.64
N ILE J 141 14.41 -39.23 18.70
CA ILE J 141 14.93 -39.22 17.33
C ILE J 141 16.40 -38.83 17.26
N VAL J 142 16.80 -37.85 18.09
CA VAL J 142 18.18 -37.38 18.09
C VAL J 142 19.16 -38.41 18.65
N ASN J 143 18.72 -39.16 19.66
CA ASN J 143 19.60 -40.10 20.34
C ASN J 143 19.73 -41.45 19.63
N ASP J 144 19.16 -41.55 18.44
CA ASP J 144 19.20 -42.81 17.67
C ASP J 144 20.62 -43.10 17.20
N PRO J 145 21.21 -44.23 17.64
CA PRO J 145 22.59 -44.54 17.24
C PRO J 145 22.70 -45.19 15.86
N ALA J 146 21.58 -45.29 15.15
CA ALA J 146 21.56 -45.92 13.83
C ALA J 146 21.98 -44.92 12.75
N GLY J 147 22.74 -45.40 11.78
CA GLY J 147 23.15 -44.61 10.64
C GLY J 147 23.86 -43.32 11.00
N ILE J 148 24.85 -43.41 11.89
CA ILE J 148 25.57 -42.23 12.33
C ILE J 148 26.83 -42.60 13.11
N THR J 149 27.87 -41.78 12.99
CA THR J 149 29.11 -41.98 13.74
C THR J 149 28.79 -41.83 15.23
N PRO J 150 29.16 -42.84 16.05
CA PRO J 150 28.76 -42.78 17.46
C PRO J 150 29.70 -41.95 18.34
N GLY J 151 29.12 -41.32 19.36
CA GLY J 151 29.85 -40.49 20.30
C GLY J 151 28.89 -39.91 21.31
N ASP J 152 29.38 -39.07 22.21
CA ASP J 152 28.54 -38.44 23.22
C ASP J 152 27.86 -37.18 22.68
N CYS J 153 26.56 -37.10 22.86
CA CYS J 153 25.77 -35.94 22.44
C CYS J 153 24.86 -35.49 23.56
N SER J 154 25.28 -35.74 24.80
CA SER J 154 24.45 -35.45 25.96
C SER J 154 24.30 -33.95 26.21
N ALA J 155 25.38 -33.20 26.07
CA ALA J 155 25.35 -31.75 26.24
C ALA J 155 24.34 -31.13 25.29
N LEU J 156 24.42 -31.55 24.03
CA LEU J 156 23.53 -31.06 22.99
C LEU J 156 22.07 -31.36 23.32
N ALA J 157 21.79 -32.62 23.65
CA ALA J 157 20.45 -33.03 24.03
C ALA J 157 19.95 -32.16 25.20
N SER J 158 20.83 -31.97 26.18
CA SER J 158 20.52 -31.14 27.32
C SER J 158 20.16 -29.73 26.87
N GLU J 159 20.93 -29.21 25.92
CA GLU J 159 20.63 -27.89 25.35
C GLU J 159 19.26 -27.86 24.66
N ILE J 160 18.95 -28.91 23.90
CA ILE J 160 17.68 -29.01 23.18
C ILE J 160 16.48 -29.00 24.13
N ALA J 161 16.59 -29.82 25.18
CA ALA J 161 15.55 -29.89 26.19
C ALA J 161 15.25 -28.50 26.74
N SER J 162 16.29 -27.69 26.91
CA SER J 162 16.14 -26.32 27.41
C SER J 162 15.23 -25.49 26.50
N TYR J 163 15.48 -25.57 25.20
CA TYR J 163 14.67 -24.85 24.21
C TYR J 163 13.23 -25.33 24.26
N PHE J 164 13.04 -26.64 24.21
CA PHE J 164 11.68 -27.20 24.29
C PHE J 164 11.00 -26.76 25.58
N ASP J 165 11.77 -26.73 26.68
CA ASP J 165 11.23 -26.34 27.97
C ASP J 165 10.85 -24.86 28.00
N ARG J 166 11.67 -24.02 27.37
CA ARG J 166 11.34 -22.59 27.26
C ARG J 166 10.05 -22.42 26.47
N ALA J 167 9.93 -23.16 25.37
CA ALA J 167 8.68 -23.15 24.61
C ALA J 167 7.50 -23.57 25.48
N CYS J 168 7.62 -24.72 26.12
CA CYS J 168 6.55 -25.24 26.98
C CYS J 168 6.22 -24.30 28.13
N ALA J 169 7.23 -23.62 28.66
CA ALA J 169 7.06 -22.73 29.80
C ALA J 169 6.44 -21.40 29.37
N ALA J 170 6.79 -20.94 28.18
CA ALA J 170 6.30 -19.66 27.65
C ALA J 170 4.78 -19.55 27.60
N VAL J 171 4.11 -20.66 27.29
CA VAL J 171 2.65 -20.65 27.09
C VAL J 171 1.88 -21.25 28.27
N SER J 172 2.59 -21.88 29.20
CA SER J 172 1.95 -22.43 30.40
C SER J 172 1.51 -21.29 31.32
N MET K 1 15.29 -19.71 -5.73
CA MET K 1 15.60 -21.17 -5.75
C MET K 1 16.55 -21.49 -4.62
N LYS K 2 16.18 -22.40 -3.73
CA LYS K 2 16.99 -22.61 -2.54
C LYS K 2 18.21 -23.45 -2.91
N THR K 3 19.35 -22.78 -2.95
CA THR K 3 20.67 -23.39 -3.06
C THR K 3 21.59 -22.40 -2.38
N PRO K 4 22.73 -22.86 -1.84
CA PRO K 4 23.65 -21.95 -1.13
C PRO K 4 24.03 -20.69 -1.92
N LEU K 5 24.55 -20.87 -3.13
CA LEU K 5 25.08 -19.75 -3.91
C LEU K 5 24.00 -18.75 -4.33
N THR K 6 23.00 -19.25 -5.05
CA THR K 6 21.92 -18.42 -5.57
C THR K 6 21.24 -17.66 -4.44
N GLU K 7 21.03 -18.36 -3.32
CA GLU K 7 20.50 -17.71 -2.13
C GLU K 7 21.43 -16.60 -1.67
N ALA K 8 22.66 -16.96 -1.30
CA ALA K 8 23.65 -15.97 -0.84
C ALA K 8 23.64 -14.69 -1.69
N VAL K 9 23.70 -14.87 -3.00
CA VAL K 9 23.62 -13.74 -3.91
C VAL K 9 22.30 -13.01 -3.71
N SER K 10 21.19 -13.74 -3.79
CA SER K 10 19.87 -13.14 -3.64
C SER K 10 19.68 -12.42 -2.31
N VAL K 11 20.37 -12.88 -1.27
CA VAL K 11 20.33 -12.24 0.02
C VAL K 11 21.06 -10.92 -0.10
N ALA K 12 22.31 -10.99 -0.56
CA ALA K 12 23.12 -9.81 -0.69
C ALA K 12 22.47 -8.77 -1.60
N ASP K 13 21.77 -9.24 -2.64
CA ASP K 13 21.22 -8.33 -3.64
C ASP K 13 20.05 -7.50 -3.12
N SER K 14 19.16 -8.13 -2.35
CA SER K 14 18.01 -7.40 -1.80
C SER K 14 18.46 -6.39 -0.76
N GLN K 15 19.71 -6.52 -0.31
CA GLN K 15 20.29 -5.59 0.64
C GLN K 15 21.15 -4.53 -0.09
N GLY K 16 21.35 -4.73 -1.39
CA GLY K 16 22.18 -3.82 -2.17
C GLY K 16 23.63 -3.91 -1.76
N ARG K 17 24.06 -5.11 -1.37
CA ARG K 17 25.38 -5.33 -0.80
C ARG K 17 26.29 -6.16 -1.69
N PHE K 18 27.58 -5.88 -1.63
CA PHE K 18 28.59 -6.78 -2.18
C PHE K 18 28.64 -8.02 -1.30
N LEU K 19 29.14 -9.12 -1.86
CA LEU K 19 29.30 -10.36 -1.10
C LEU K 19 30.42 -10.20 -0.07
N SER K 20 30.12 -10.50 1.19
CA SER K 20 31.12 -10.48 2.25
C SER K 20 31.51 -11.89 2.67
N SER K 21 32.24 -12.01 3.77
CA SER K 21 32.77 -13.30 4.22
C SER K 21 31.66 -14.32 4.52
N THR K 22 30.48 -13.81 4.85
CA THR K 22 29.34 -14.68 5.14
C THR K 22 29.03 -15.58 3.93
N GLU K 23 28.77 -14.94 2.80
CA GLU K 23 28.42 -15.65 1.58
C GLU K 23 29.59 -16.53 1.12
N ILE K 24 30.80 -16.07 1.36
CA ILE K 24 32.00 -16.85 1.06
C ILE K 24 32.01 -18.13 1.90
N GLN K 25 31.61 -18.00 3.17
CA GLN K 25 31.48 -19.16 4.05
C GLN K 25 30.41 -20.12 3.53
N VAL K 26 29.26 -19.56 3.15
CA VAL K 26 28.22 -20.35 2.50
C VAL K 26 28.82 -21.14 1.33
N ALA K 27 29.56 -20.43 0.48
CA ALA K 27 30.19 -21.06 -0.67
C ALA K 27 31.15 -22.18 -0.28
N PHE K 28 32.06 -21.90 0.65
CA PHE K 28 32.98 -22.93 1.15
C PHE K 28 32.21 -24.18 1.59
N GLY K 29 31.15 -23.96 2.37
CA GLY K 29 30.27 -25.05 2.75
C GLY K 29 29.75 -25.83 1.56
N ARG K 30 29.14 -25.12 0.61
CA ARG K 30 28.61 -25.73 -0.60
C ARG K 30 29.64 -26.60 -1.32
N PHE K 31 30.80 -26.00 -1.60
CA PHE K 31 31.82 -26.67 -2.38
C PHE K 31 32.42 -27.86 -1.64
N ARG K 32 32.59 -27.73 -0.33
CA ARG K 32 33.02 -28.87 0.48
C ARG K 32 31.97 -29.99 0.43
N GLN K 33 30.70 -29.60 0.48
CA GLN K 33 29.61 -30.58 0.40
C GLN K 33 29.45 -31.19 -1.00
N ALA K 34 29.75 -30.40 -2.03
CA ALA K 34 29.57 -30.84 -3.41
C ALA K 34 30.40 -32.07 -3.75
N LYS K 35 31.58 -32.18 -3.15
CA LYS K 35 32.47 -33.30 -3.41
C LYS K 35 31.81 -34.63 -3.09
N ALA K 36 30.88 -34.62 -2.12
CA ALA K 36 30.12 -35.81 -1.74
C ALA K 36 28.78 -35.86 -2.47
N GLY K 37 28.12 -34.72 -2.56
CA GLY K 37 26.83 -34.63 -3.21
C GLY K 37 26.85 -35.04 -4.68
N LEU K 38 27.82 -34.55 -5.43
CA LEU K 38 27.93 -34.88 -6.86
C LEU K 38 28.15 -36.38 -7.06
N GLU K 39 29.03 -36.94 -6.24
CA GLU K 39 29.26 -38.39 -6.23
C GLU K 39 27.95 -39.10 -5.93
N ALA K 40 27.21 -38.60 -4.94
CA ALA K 40 25.92 -39.16 -4.57
C ALA K 40 24.93 -39.17 -5.74
N ALA K 41 24.72 -38.02 -6.38
CA ALA K 41 23.80 -37.93 -7.50
C ALA K 41 24.26 -38.82 -8.65
N LYS K 42 25.57 -38.80 -8.90
CA LYS K 42 26.18 -39.67 -9.90
C LYS K 42 25.82 -41.13 -9.63
N ALA K 43 26.01 -41.54 -8.39
CA ALA K 43 25.66 -42.90 -7.97
C ALA K 43 24.18 -43.20 -8.19
N LEU K 44 23.32 -42.33 -7.66
CA LEU K 44 21.88 -42.53 -7.77
C LEU K 44 21.43 -42.64 -9.22
N THR K 45 22.02 -41.81 -10.08
CA THR K 45 21.69 -41.83 -11.51
C THR K 45 21.82 -43.23 -12.09
N SER K 46 22.86 -43.95 -11.67
CA SER K 46 23.15 -45.27 -12.19
C SER K 46 22.15 -46.31 -11.67
N LYS K 47 21.48 -46.00 -10.58
CA LYS K 47 20.59 -46.95 -9.91
C LYS K 47 19.11 -46.66 -10.19
N ALA K 48 18.86 -45.76 -11.14
CA ALA K 48 17.51 -45.29 -11.43
C ALA K 48 16.54 -46.44 -11.67
N ASP K 49 16.85 -47.26 -12.68
CA ASP K 49 15.95 -48.34 -13.08
C ASP K 49 15.60 -49.24 -11.90
N SER K 50 16.62 -49.71 -11.21
CA SER K 50 16.46 -50.59 -10.06
C SER K 50 15.58 -49.95 -9.00
N LEU K 51 15.94 -48.73 -8.57
CA LEU K 51 15.21 -48.04 -7.53
C LEU K 51 13.77 -47.72 -7.92
N ILE K 52 13.56 -47.37 -9.19
CA ILE K 52 12.23 -47.03 -9.67
C ILE K 52 11.34 -48.27 -9.69
N SER K 53 11.85 -49.34 -10.30
CA SER K 53 11.09 -50.59 -10.37
C SER K 53 10.77 -51.06 -8.96
N GLY K 54 11.81 -51.11 -8.12
CA GLY K 54 11.64 -51.54 -6.74
C GLY K 54 10.63 -50.70 -5.98
N ALA K 55 10.71 -49.39 -6.14
CA ALA K 55 9.78 -48.47 -5.50
C ALA K 55 8.35 -48.74 -5.95
N ALA K 56 8.14 -48.74 -7.27
CA ALA K 56 6.81 -49.01 -7.82
C ALA K 56 6.27 -50.32 -7.28
N GLN K 57 7.11 -51.34 -7.27
CA GLN K 57 6.71 -52.64 -6.75
C GLN K 57 6.36 -52.55 -5.26
N ALA K 58 7.15 -51.80 -4.51
CA ALA K 58 6.89 -51.60 -3.09
C ALA K 58 5.55 -50.91 -2.87
N VAL K 59 5.24 -49.94 -3.73
CA VAL K 59 3.94 -49.27 -3.65
C VAL K 59 2.82 -50.25 -3.96
N TYR K 60 2.98 -51.00 -5.05
CA TYR K 60 1.99 -52.01 -5.44
C TYR K 60 1.82 -53.05 -4.34
N ASN K 61 2.90 -53.33 -3.62
CA ASN K 61 2.84 -54.22 -2.46
C ASN K 61 2.05 -53.60 -1.32
N LYS K 62 2.43 -52.39 -0.92
CA LYS K 62 1.78 -51.70 0.20
C LYS K 62 0.31 -51.44 -0.08
N PHE K 63 -0.01 -51.07 -1.32
CA PHE K 63 -1.36 -50.71 -1.70
C PHE K 63 -1.82 -51.49 -2.94
N PRO K 64 -2.14 -52.79 -2.74
CA PRO K 64 -2.48 -53.67 -3.87
C PRO K 64 -3.64 -53.15 -4.71
N TYR K 65 -4.56 -52.43 -4.09
CA TYR K 65 -5.77 -51.95 -4.77
C TYR K 65 -5.43 -51.09 -5.99
N THR K 66 -4.26 -50.46 -5.98
CA THR K 66 -3.83 -49.62 -7.09
C THR K 66 -3.61 -50.43 -8.36
N THR K 67 -3.48 -51.75 -8.22
CA THR K 67 -3.23 -52.61 -9.38
C THR K 67 -4.50 -53.35 -9.81
N GLN K 68 -5.62 -53.06 -9.16
CA GLN K 68 -6.86 -53.79 -9.39
C GLN K 68 -8.11 -52.95 -9.15
N MET K 69 -8.01 -51.65 -9.45
CA MET K 69 -9.17 -50.77 -9.44
C MET K 69 -9.30 -50.05 -10.78
N GLN K 70 -10.52 -49.96 -11.27
CA GLN K 70 -10.81 -49.22 -12.50
C GLN K 70 -10.69 -47.73 -12.21
N GLY K 71 -10.28 -46.97 -13.22
CA GLY K 71 -10.15 -45.52 -13.09
C GLY K 71 -8.78 -45.03 -13.50
N PRO K 72 -8.70 -43.80 -14.01
CA PRO K 72 -7.42 -43.35 -14.56
C PRO K 72 -6.42 -42.95 -13.48
N ASN K 73 -6.87 -42.87 -12.23
CA ASN K 73 -5.97 -42.54 -11.12
C ASN K 73 -5.21 -43.76 -10.60
N TYR K 74 -5.52 -44.92 -11.17
CA TYR K 74 -4.94 -46.18 -10.70
C TYR K 74 -4.04 -46.81 -11.75
N ALA K 75 -3.29 -47.84 -11.32
CA ALA K 75 -2.33 -48.52 -12.19
C ALA K 75 -2.70 -49.98 -12.38
N ALA K 76 -3.93 -50.24 -12.81
CA ALA K 76 -4.42 -51.60 -13.01
C ALA K 76 -4.17 -52.07 -14.44
N ASP K 77 -3.90 -51.12 -15.33
CA ASP K 77 -3.53 -51.44 -16.71
C ASP K 77 -2.10 -50.96 -16.98
N GLN K 78 -1.70 -50.93 -18.24
CA GLN K 78 -0.32 -50.60 -18.60
C GLN K 78 -0.03 -49.11 -18.44
N ARG K 79 -0.91 -48.27 -18.99
CA ARG K 79 -0.75 -46.83 -18.95
C ARG K 79 -0.47 -46.33 -17.54
N GLY K 80 -1.26 -46.78 -16.59
CA GLY K 80 -1.10 -46.38 -15.20
C GLY K 80 0.20 -46.87 -14.60
N LYS K 81 0.52 -48.13 -14.84
CA LYS K 81 1.77 -48.70 -14.33
C LYS K 81 2.97 -47.96 -14.90
N ASP K 82 2.82 -47.43 -16.12
CA ASP K 82 3.85 -46.57 -16.69
C ASP K 82 3.87 -45.16 -16.11
N LYS K 83 2.68 -44.57 -15.92
CA LYS K 83 2.55 -43.26 -15.28
C LYS K 83 3.22 -43.24 -13.91
N CYS K 84 2.94 -44.28 -13.12
CA CYS K 84 3.50 -44.42 -11.78
C CYS K 84 5.03 -44.44 -11.81
N ALA K 85 5.59 -45.33 -12.62
CA ALA K 85 7.03 -45.44 -12.76
C ALA K 85 7.63 -44.12 -13.21
N ARG K 86 6.93 -43.45 -14.13
CA ARG K 86 7.35 -42.12 -14.57
C ARG K 86 7.46 -41.17 -13.36
N ASP K 87 6.37 -41.06 -12.59
CA ASP K 87 6.36 -40.19 -11.42
C ASP K 87 7.51 -40.48 -10.45
N ILE K 88 7.65 -41.76 -10.09
CA ILE K 88 8.71 -42.16 -9.17
C ILE K 88 10.07 -41.75 -9.76
N GLY K 89 10.20 -41.99 -11.07
CA GLY K 89 11.37 -41.54 -11.79
C GLY K 89 11.62 -40.06 -11.61
N TYR K 90 10.57 -39.26 -11.78
CA TYR K 90 10.66 -37.82 -11.56
C TYR K 90 11.19 -37.52 -10.16
N TYR K 91 10.59 -38.13 -9.15
CA TYR K 91 11.04 -37.94 -7.78
C TYR K 91 12.54 -38.22 -7.63
N LEU K 92 12.99 -39.39 -8.08
CA LEU K 92 14.41 -39.74 -7.97
C LEU K 92 15.29 -38.71 -8.69
N ARG K 93 14.89 -38.36 -9.91
CA ARG K 93 15.60 -37.39 -10.70
C ARG K 93 15.73 -36.06 -9.95
N MET K 94 14.65 -35.64 -9.31
CA MET K 94 14.66 -34.42 -8.51
C MET K 94 15.61 -34.57 -7.33
N VAL K 95 15.64 -35.73 -6.70
CA VAL K 95 16.62 -35.99 -5.64
C VAL K 95 18.04 -35.78 -6.17
N THR K 96 18.36 -36.41 -7.30
CA THR K 96 19.68 -36.25 -7.90
C THR K 96 19.98 -34.79 -8.21
N TYR K 97 18.98 -34.07 -8.71
CA TYR K 97 19.13 -32.63 -8.94
C TYR K 97 19.45 -31.89 -7.65
N CYS K 98 18.70 -32.18 -6.60
CA CYS K 98 18.90 -31.53 -5.30
C CYS K 98 20.32 -31.78 -4.77
N LEU K 99 20.79 -33.02 -4.89
CA LEU K 99 22.15 -33.35 -4.47
C LEU K 99 23.19 -32.50 -5.21
N ILE K 100 22.90 -32.14 -6.46
CA ILE K 100 23.84 -31.38 -7.27
C ILE K 100 23.74 -29.89 -6.97
N ALA K 101 22.52 -29.39 -6.81
CA ALA K 101 22.32 -27.98 -6.48
C ALA K 101 22.87 -27.65 -5.09
N GLY K 102 22.80 -28.61 -4.19
CA GLY K 102 23.19 -28.40 -2.80
C GLY K 102 22.02 -27.87 -1.98
N GLY K 103 20.81 -28.03 -2.51
CA GLY K 103 19.61 -27.54 -1.85
C GLY K 103 18.35 -28.16 -2.43
N THR K 104 17.20 -27.76 -1.89
CA THR K 104 15.92 -28.32 -2.32
C THR K 104 15.32 -27.54 -3.49
N GLY K 105 16.11 -26.63 -4.05
CA GLY K 105 15.61 -25.70 -5.07
C GLY K 105 14.93 -26.34 -6.26
N PRO K 106 15.64 -27.24 -6.95
CA PRO K 106 15.08 -27.92 -8.13
C PRO K 106 13.78 -28.66 -7.82
N MET K 107 13.76 -29.38 -6.71
CA MET K 107 12.57 -30.11 -6.31
C MET K 107 11.45 -29.13 -5.94
N ASP K 108 11.82 -27.98 -5.42
CA ASP K 108 10.83 -26.96 -5.07
C ASP K 108 10.20 -26.39 -6.34
N GLU K 109 11.04 -25.99 -7.29
CA GLU K 109 10.56 -25.35 -8.50
C GLU K 109 9.85 -26.34 -9.44
N TYR K 110 10.36 -27.57 -9.51
CA TYR K 110 9.90 -28.53 -10.50
C TYR K 110 8.84 -29.52 -10.01
N LEU K 111 8.69 -29.66 -8.69
CA LEU K 111 7.85 -30.74 -8.15
C LEU K 111 6.95 -30.32 -6.98
N ILE K 112 7.50 -29.71 -5.95
CA ILE K 112 6.74 -29.42 -4.75
C ILE K 112 5.73 -28.29 -4.96
N ALA K 113 6.14 -27.24 -5.66
CA ALA K 113 5.22 -26.17 -5.99
C ALA K 113 4.09 -26.73 -6.84
N GLY K 114 2.93 -26.94 -6.22
CA GLY K 114 1.76 -27.44 -6.91
C GLY K 114 1.50 -28.93 -6.75
N ILE K 115 2.23 -29.57 -5.84
CA ILE K 115 2.08 -31.01 -5.66
C ILE K 115 0.69 -31.36 -5.10
N ASP K 116 0.25 -30.61 -4.10
CA ASP K 116 -1.06 -30.82 -3.50
C ASP K 116 -2.17 -30.67 -4.54
N GLU K 117 -2.05 -29.64 -5.36
CA GLU K 117 -3.02 -29.37 -6.41
C GLU K 117 -3.15 -30.58 -7.35
N ILE K 118 -2.01 -31.04 -7.87
CA ILE K 118 -1.98 -32.23 -8.71
C ILE K 118 -2.64 -33.40 -8.02
N ASN K 119 -2.10 -33.76 -6.85
CA ASN K 119 -2.56 -34.95 -6.15
C ASN K 119 -4.05 -34.93 -5.86
N ARG K 120 -4.57 -33.77 -5.45
CA ARG K 120 -6.00 -33.64 -5.20
C ARG K 120 -6.78 -33.71 -6.50
N THR K 121 -6.29 -33.04 -7.54
CA THR K 121 -6.99 -32.96 -8.82
C THR K 121 -7.08 -34.32 -9.54
N PHE K 122 -5.99 -35.09 -9.52
CA PHE K 122 -5.93 -36.36 -10.24
C PHE K 122 -6.10 -37.58 -9.33
N GLU K 123 -6.46 -37.35 -8.07
CA GLU K 123 -6.72 -38.43 -7.11
C GLU K 123 -5.52 -39.35 -6.92
N LEU K 124 -4.35 -38.75 -6.71
CA LEU K 124 -3.14 -39.50 -6.39
C LEU K 124 -2.87 -39.40 -4.90
N SER K 125 -2.86 -40.53 -4.22
CA SER K 125 -2.65 -40.53 -2.78
C SER K 125 -1.19 -40.24 -2.47
N PRO K 126 -0.92 -39.25 -1.59
CA PRO K 126 0.47 -38.99 -1.19
C PRO K 126 1.14 -40.23 -0.64
N SER K 127 0.40 -41.03 0.13
CA SER K 127 0.92 -42.24 0.75
C SER K 127 1.59 -43.17 -0.27
N TRP K 128 1.12 -43.13 -1.51
CA TRP K 128 1.70 -43.94 -2.56
C TRP K 128 3.15 -43.51 -2.80
N TYR K 129 3.39 -42.20 -2.73
CA TYR K 129 4.70 -41.65 -3.03
C TYR K 129 5.58 -41.65 -1.78
N ILE K 130 4.96 -41.65 -0.61
CA ILE K 130 5.70 -41.75 0.64
C ILE K 130 6.34 -43.13 0.72
N GLU K 131 5.61 -44.15 0.28
CA GLU K 131 6.13 -45.51 0.27
C GLU K 131 7.25 -45.67 -0.76
N ALA K 132 7.08 -45.04 -1.92
CA ALA K 132 8.11 -45.09 -2.95
C ALA K 132 9.39 -44.42 -2.47
N LEU K 133 9.24 -43.29 -1.79
CA LEU K 133 10.39 -42.57 -1.24
C LEU K 133 11.03 -43.37 -0.10
N LYS K 134 10.20 -44.01 0.72
CA LYS K 134 10.69 -44.82 1.83
C LYS K 134 11.49 -46.01 1.32
N TYR K 135 11.03 -46.61 0.22
CA TYR K 135 11.77 -47.71 -0.39
C TYR K 135 13.14 -47.22 -0.82
N ILE K 136 13.15 -46.20 -1.68
CA ILE K 136 14.38 -45.63 -2.23
C ILE K 136 15.40 -45.31 -1.14
N LYS K 137 14.92 -44.74 -0.04
CA LYS K 137 15.79 -44.37 1.07
C LYS K 137 16.45 -45.59 1.70
N ALA K 138 15.79 -46.75 1.58
CA ALA K 138 16.28 -47.98 2.21
C ALA K 138 16.91 -48.96 1.22
N ASN K 139 17.20 -48.50 0.00
CA ASN K 139 17.76 -49.36 -1.03
C ASN K 139 18.84 -48.71 -1.91
N HIS K 140 19.09 -47.42 -1.72
CA HIS K 140 20.03 -46.72 -2.61
C HIS K 140 21.49 -47.08 -2.34
N GLY K 141 21.76 -47.70 -1.20
CA GLY K 141 23.09 -48.19 -0.89
C GLY K 141 24.20 -47.14 -0.86
N LEU K 142 23.82 -45.89 -0.64
CA LEU K 142 24.78 -44.81 -0.49
C LEU K 142 25.39 -44.86 0.90
N SER K 143 26.53 -44.21 1.08
CA SER K 143 27.17 -44.13 2.39
C SER K 143 27.83 -42.77 2.58
N GLY K 144 28.09 -42.42 3.84
CA GLY K 144 28.74 -41.16 4.15
C GLY K 144 27.82 -39.97 4.05
N ASP K 145 28.39 -38.80 3.84
CA ASP K 145 27.62 -37.57 3.71
C ASP K 145 26.73 -37.59 2.47
N ALA K 146 26.98 -38.55 1.59
CA ALA K 146 26.14 -38.77 0.41
C ALA K 146 24.76 -39.20 0.85
N ALA K 147 24.72 -40.20 1.72
CA ALA K 147 23.47 -40.74 2.22
C ALA K 147 22.74 -39.70 3.06
N VAL K 148 23.47 -39.06 3.96
CA VAL K 148 22.89 -38.10 4.90
C VAL K 148 22.18 -36.98 4.15
N GLU K 149 22.85 -36.43 3.13
CA GLU K 149 22.29 -35.34 2.36
C GLU K 149 21.15 -35.84 1.48
N ALA K 150 21.41 -36.90 0.73
CA ALA K 150 20.42 -37.48 -0.18
C ALA K 150 19.14 -37.83 0.57
N ASN K 151 19.29 -38.29 1.80
CA ASN K 151 18.15 -38.66 2.63
C ASN K 151 17.44 -37.44 3.22
N SER K 152 18.11 -36.29 3.19
CA SER K 152 17.50 -35.06 3.68
C SER K 152 16.52 -34.52 2.66
N TYR K 153 16.72 -34.89 1.40
CA TYR K 153 15.83 -34.50 0.32
C TYR K 153 14.66 -35.47 0.19
N LEU K 154 14.90 -36.73 0.51
CA LEU K 154 13.85 -37.73 0.50
C LEU K 154 12.87 -37.46 1.63
N ASP K 155 13.41 -37.21 2.83
CA ASP K 155 12.59 -36.89 3.98
C ASP K 155 11.89 -35.55 3.79
N TYR K 156 12.55 -34.63 3.08
CA TYR K 156 11.97 -33.34 2.76
C TYR K 156 10.78 -33.51 1.82
N ALA K 157 10.95 -34.39 0.84
CA ALA K 157 9.86 -34.71 -0.09
C ALA K 157 8.74 -35.41 0.65
N ILE K 158 9.10 -36.27 1.60
CA ILE K 158 8.11 -36.95 2.41
C ILE K 158 7.29 -35.94 3.22
N ASN K 159 7.98 -35.03 3.90
CA ASN K 159 7.31 -33.97 4.65
C ASN K 159 6.36 -33.18 3.79
N ALA K 160 6.75 -32.96 2.54
CA ALA K 160 5.93 -32.20 1.61
C ALA K 160 4.66 -32.97 1.24
N LEU K 161 4.67 -34.28 1.45
CA LEU K 161 3.53 -35.12 1.13
C LEU K 161 2.66 -35.38 2.36
N SER K 162 3.22 -35.09 3.54
CA SER K 162 2.50 -35.27 4.80
C SER K 162 1.97 -33.93 5.28
N MET L 1 17.55 -16.58 -11.00
CA MET L 1 18.96 -16.76 -11.46
C MET L 1 19.38 -18.22 -11.34
N PHE L 2 20.40 -18.59 -12.10
CA PHE L 2 21.05 -19.88 -11.95
C PHE L 2 22.47 -19.67 -11.43
N ASP L 3 23.05 -20.75 -10.90
CA ASP L 3 24.47 -20.80 -10.62
C ASP L 3 25.09 -21.84 -11.55
N ALA L 4 26.33 -22.23 -11.27
CA ALA L 4 27.04 -23.20 -12.10
C ALA L 4 26.31 -24.54 -12.11
N PHE L 5 25.69 -24.88 -10.98
CA PHE L 5 25.01 -26.17 -10.83
C PHE L 5 23.61 -26.15 -11.46
N THR L 6 22.75 -25.28 -10.93
CA THR L 6 21.36 -25.25 -11.33
C THR L 6 21.16 -24.93 -12.81
N LYS L 7 22.14 -24.30 -13.43
CA LYS L 7 22.10 -24.03 -14.86
C LYS L 7 22.05 -25.37 -15.60
N VAL L 8 23.05 -26.19 -15.33
CA VAL L 8 23.14 -27.54 -15.89
C VAL L 8 21.91 -28.33 -15.49
N VAL L 9 21.50 -28.22 -14.23
CA VAL L 9 20.29 -28.91 -13.76
C VAL L 9 19.07 -28.57 -14.60
N SER L 10 18.84 -27.28 -14.84
CA SER L 10 17.67 -26.85 -15.62
C SER L 10 17.78 -27.29 -17.06
N GLN L 11 18.95 -27.09 -17.65
CA GLN L 11 19.22 -27.58 -19.00
C GLN L 11 18.89 -29.06 -19.12
N ALA L 12 19.30 -29.83 -18.12
CA ALA L 12 19.02 -31.26 -18.08
C ALA L 12 17.54 -31.54 -17.83
N ASP L 13 16.92 -30.74 -16.96
CA ASP L 13 15.52 -30.94 -16.59
C ASP L 13 14.58 -30.75 -17.78
N THR L 14 14.82 -29.71 -18.58
CA THR L 14 13.98 -29.47 -19.75
C THR L 14 14.16 -30.53 -20.85
N ARG L 15 15.16 -31.40 -20.68
CA ARG L 15 15.30 -32.58 -21.52
C ARG L 15 14.75 -33.82 -20.79
N GLY L 16 14.46 -33.66 -19.51
CA GLY L 16 13.95 -34.76 -18.71
C GLY L 16 15.01 -35.83 -18.50
N GLU L 17 16.23 -35.40 -18.22
CA GLU L 17 17.36 -36.31 -18.10
C GLU L 17 18.23 -36.01 -16.90
N MET L 18 18.93 -37.03 -16.42
CA MET L 18 19.85 -36.88 -15.32
C MET L 18 21.17 -36.39 -15.90
N LEU L 19 22.00 -35.73 -15.09
CA LEU L 19 23.30 -35.26 -15.52
C LEU L 19 24.19 -36.44 -15.91
N SER L 20 24.91 -36.30 -17.02
CA SER L 20 25.87 -37.31 -17.41
C SER L 20 27.05 -37.25 -16.45
N THR L 21 27.86 -38.29 -16.43
CA THR L 21 29.01 -38.34 -15.54
C THR L 21 30.02 -37.29 -15.97
N ALA L 22 30.00 -36.96 -17.25
CA ALA L 22 30.90 -35.94 -17.79
C ALA L 22 30.58 -34.57 -17.21
N GLN L 23 29.30 -34.23 -17.19
CA GLN L 23 28.85 -32.95 -16.64
C GLN L 23 29.19 -32.86 -15.15
N ILE L 24 28.94 -33.95 -14.44
CA ILE L 24 29.26 -34.02 -13.01
C ILE L 24 30.77 -33.86 -12.80
N ASP L 25 31.56 -34.54 -13.62
CA ASP L 25 33.01 -34.42 -13.56
C ASP L 25 33.44 -32.99 -13.83
N ALA L 26 32.79 -32.35 -14.81
CA ALA L 26 33.06 -30.95 -15.09
C ALA L 26 32.78 -30.10 -13.85
N LEU L 27 31.59 -30.27 -13.28
CA LEU L 27 31.23 -29.53 -12.07
C LEU L 27 32.19 -29.84 -10.92
N SER L 28 32.70 -31.06 -10.87
CA SER L 28 33.68 -31.43 -9.85
C SER L 28 34.98 -30.67 -10.07
N GLN L 29 35.42 -30.61 -11.33
CA GLN L 29 36.60 -29.84 -11.70
C GLN L 29 36.39 -28.40 -11.28
N MET L 30 35.19 -27.88 -11.53
CA MET L 30 34.83 -26.53 -11.12
C MET L 30 34.89 -26.38 -9.60
N VAL L 31 34.39 -27.38 -8.87
CA VAL L 31 34.46 -27.38 -7.41
C VAL L 31 35.91 -27.36 -6.93
N ALA L 32 36.76 -28.15 -7.58
CA ALA L 32 38.16 -28.27 -7.17
C ALA L 32 38.95 -26.96 -7.30
N GLU L 33 38.36 -25.96 -7.94
CA GLU L 33 39.03 -24.69 -8.19
C GLU L 33 38.36 -23.53 -7.44
N SER L 34 37.39 -23.84 -6.60
CA SER L 34 36.48 -22.83 -6.05
C SER L 34 37.11 -21.90 -5.01
N ASN L 35 38.28 -22.26 -4.49
CA ASN L 35 38.99 -21.38 -3.57
C ASN L 35 39.41 -20.11 -4.29
N LYS L 36 40.07 -20.30 -5.44
CA LYS L 36 40.52 -19.20 -6.27
C LYS L 36 39.30 -18.38 -6.71
N ARG L 37 38.17 -19.06 -6.84
CA ARG L 37 36.93 -18.42 -7.29
C ARG L 37 36.37 -17.45 -6.25
N LEU L 38 36.73 -17.67 -4.98
CA LEU L 38 36.24 -16.82 -3.90
C LEU L 38 37.31 -15.81 -3.49
N ASP L 39 38.57 -16.15 -3.73
CA ASP L 39 39.64 -15.17 -3.60
C ASP L 39 39.35 -13.95 -4.48
N VAL L 40 38.87 -14.18 -5.69
CA VAL L 40 38.60 -13.10 -6.62
C VAL L 40 37.42 -12.24 -6.18
N VAL L 41 36.38 -12.90 -5.66
CA VAL L 41 35.23 -12.19 -5.12
C VAL L 41 35.72 -11.31 -3.96
N ASN L 42 36.50 -11.93 -3.08
CA ASN L 42 37.07 -11.24 -1.94
C ASN L 42 37.92 -10.03 -2.36
N ARG L 43 38.79 -10.25 -3.34
CA ARG L 43 39.73 -9.21 -3.77
C ARG L 43 39.04 -8.07 -4.53
N ILE L 44 38.13 -8.41 -5.44
CA ILE L 44 37.38 -7.39 -6.17
C ILE L 44 36.50 -6.63 -5.19
N THR L 45 35.81 -7.36 -4.32
CA THR L 45 34.94 -6.74 -3.32
C THR L 45 35.73 -5.78 -2.44
N SER L 46 36.88 -6.24 -1.94
CA SER L 46 37.68 -5.44 -1.02
C SER L 46 38.24 -4.14 -1.62
N ASN L 47 38.16 -4.00 -2.95
CA ASN L 47 38.66 -2.80 -3.64
C ASN L 47 37.59 -2.11 -4.51
N ALA L 48 36.32 -2.45 -4.26
CA ALA L 48 35.20 -1.91 -5.02
C ALA L 48 35.28 -0.39 -5.18
N SER L 49 35.45 0.30 -4.06
CA SER L 49 35.49 1.76 -4.03
C SER L 49 36.56 2.33 -4.96
N THR L 50 37.81 1.95 -4.74
CA THR L 50 38.89 2.49 -5.56
C THR L 50 38.78 2.05 -7.02
N ILE L 51 38.30 0.83 -7.24
CA ILE L 51 38.06 0.37 -8.61
C ILE L 51 37.11 1.33 -9.32
N VAL L 52 35.93 1.52 -8.72
CA VAL L 52 34.93 2.43 -9.28
C VAL L 52 35.45 3.86 -9.42
N SER L 53 36.06 4.39 -8.36
CA SER L 53 36.49 5.79 -8.34
C SER L 53 37.66 6.06 -9.28
N ASN L 54 38.61 5.13 -9.35
CA ASN L 54 39.71 5.25 -10.29
C ASN L 54 39.20 5.16 -11.72
N ALA L 55 38.40 4.13 -11.99
CA ALA L 55 37.82 3.96 -13.33
C ALA L 55 37.02 5.19 -13.74
N ALA L 56 36.22 5.70 -12.81
CA ALA L 56 35.39 6.89 -13.06
C ALA L 56 36.26 8.11 -13.31
N ARG L 57 37.22 8.34 -12.42
CA ARG L 57 38.12 9.48 -12.52
C ARG L 57 38.86 9.47 -13.85
N SER L 58 39.30 8.30 -14.29
CA SER L 58 39.96 8.19 -15.58
C SER L 58 38.96 8.45 -16.72
N LEU L 59 37.78 7.83 -16.62
CA LEU L 59 36.74 8.02 -17.62
C LEU L 59 36.44 9.50 -17.84
N PHE L 60 36.30 10.25 -16.76
CA PHE L 60 36.00 11.68 -16.85
C PHE L 60 37.20 12.47 -17.39
N ALA L 61 38.40 12.01 -17.11
CA ALA L 61 39.60 12.66 -17.63
C ALA L 61 39.64 12.51 -19.14
N GLU L 62 39.39 11.30 -19.62
CA GLU L 62 39.42 11.02 -21.06
C GLU L 62 38.19 11.59 -21.80
N GLN L 63 37.12 11.87 -21.05
CA GLN L 63 35.90 12.41 -21.63
C GLN L 63 35.35 13.53 -20.77
N PRO L 64 35.96 14.72 -20.85
CA PRO L 64 35.58 15.84 -19.98
C PRO L 64 34.20 16.41 -20.32
N GLN L 65 33.62 15.96 -21.43
CA GLN L 65 32.30 16.42 -21.84
C GLN L 65 31.21 15.86 -20.92
N LEU L 66 31.51 14.74 -20.26
CA LEU L 66 30.54 14.10 -19.38
C LEU L 66 30.27 14.92 -18.13
N ILE L 67 31.32 15.56 -17.61
CA ILE L 67 31.22 16.34 -16.37
C ILE L 67 31.13 17.84 -16.64
N ALA L 68 31.32 18.25 -17.89
CA ALA L 68 31.17 19.65 -18.26
C ALA L 68 29.70 20.03 -18.17
N PRO L 69 29.41 21.29 -17.80
CA PRO L 69 28.02 21.75 -17.71
C PRO L 69 27.21 21.39 -18.95
N GLY L 70 26.09 20.70 -18.75
CA GLY L 70 25.29 20.19 -19.84
C GLY L 70 25.60 18.72 -20.09
N GLY L 71 26.69 18.24 -19.50
CA GLY L 71 27.07 16.84 -19.62
C GLY L 71 26.17 15.96 -18.78
N ASN L 72 26.07 14.69 -19.15
CA ASN L 72 25.14 13.78 -18.48
C ASN L 72 25.56 13.42 -17.06
N ALA L 73 26.84 13.63 -16.74
CA ALA L 73 27.36 13.32 -15.41
C ALA L 73 27.67 14.60 -14.62
N TYR L 74 27.26 15.75 -15.16
CA TYR L 74 27.39 17.02 -14.46
C TYR L 74 26.27 17.13 -13.42
N THR L 75 26.48 17.97 -12.40
CA THR L 75 25.61 18.03 -11.22
C THR L 75 25.86 16.82 -10.31
N SER L 76 25.92 17.06 -9.00
CA SER L 76 26.27 16.00 -8.06
C SER L 76 25.17 14.94 -7.92
N THR L 77 23.99 15.21 -8.48
CA THR L 77 22.89 14.25 -8.41
C THR L 77 23.09 13.15 -9.47
N ARG L 78 23.58 13.54 -10.64
CA ARG L 78 23.81 12.61 -11.73
C ARG L 78 25.15 11.89 -11.58
N MET L 79 26.14 12.61 -11.07
CA MET L 79 27.45 12.01 -10.78
C MET L 79 27.29 10.85 -9.81
N ALA L 80 26.47 11.07 -8.78
CA ALA L 80 26.21 10.04 -7.79
C ALA L 80 25.54 8.82 -8.43
N ALA L 81 24.58 9.07 -9.30
CA ALA L 81 23.88 7.99 -10.00
C ALA L 81 24.83 7.27 -10.95
N CYS L 82 25.77 8.03 -11.51
CA CYS L 82 26.79 7.46 -12.40
C CYS L 82 27.71 6.51 -11.64
N LEU L 83 28.30 7.01 -10.55
CA LEU L 83 29.10 6.18 -9.65
C LEU L 83 28.29 4.98 -9.17
N ARG L 84 27.01 5.23 -8.88
CA ARG L 84 26.10 4.19 -8.45
C ARG L 84 26.01 3.08 -9.51
N ASP L 85 25.73 3.47 -10.75
CA ASP L 85 25.65 2.52 -11.85
C ASP L 85 26.93 1.71 -11.99
N MET L 86 28.07 2.41 -11.95
CA MET L 86 29.37 1.72 -11.97
C MET L 86 29.43 0.65 -10.90
N GLU L 87 29.19 1.07 -9.66
CA GLU L 87 29.21 0.16 -8.50
C GLU L 87 28.28 -1.03 -8.69
N ILE L 88 27.08 -0.76 -9.21
CA ILE L 88 26.09 -1.81 -9.45
C ILE L 88 26.60 -2.85 -10.44
N ILE L 89 27.06 -2.37 -11.60
CA ILE L 89 27.60 -3.25 -12.63
C ILE L 89 28.69 -4.12 -12.01
N LEU L 90 29.64 -3.48 -11.33
CA LEU L 90 30.71 -4.20 -10.65
C LEU L 90 30.15 -5.27 -9.70
N ARG L 91 29.18 -4.87 -8.89
CA ARG L 91 28.55 -5.78 -7.93
C ARG L 91 27.95 -7.01 -8.60
N TYR L 92 27.14 -6.80 -9.63
CA TYR L 92 26.52 -7.92 -10.33
C TYR L 92 27.55 -8.79 -11.03
N VAL L 93 28.61 -8.17 -11.56
CA VAL L 93 29.72 -8.96 -12.09
C VAL L 93 30.27 -9.88 -11.01
N THR L 94 30.56 -9.32 -9.83
CA THR L 94 31.05 -10.15 -8.73
C THR L 94 30.05 -11.24 -8.36
N TYR L 95 28.74 -10.94 -8.41
CA TYR L 95 27.72 -11.96 -8.25
C TYR L 95 27.88 -13.08 -9.27
N ALA L 96 28.11 -12.70 -10.52
CA ALA L 96 28.31 -13.69 -11.59
C ALA L 96 29.54 -14.54 -11.32
N VAL L 97 30.66 -13.91 -10.96
CA VAL L 97 31.88 -14.64 -10.63
C VAL L 97 31.66 -15.57 -9.45
N PHE L 98 30.90 -15.11 -8.46
CA PHE L 98 30.58 -15.92 -7.29
C PHE L 98 29.71 -17.13 -7.64
N ALA L 99 28.67 -16.89 -8.43
CA ALA L 99 27.69 -17.93 -8.74
C ALA L 99 28.20 -18.91 -9.80
N GLY L 100 29.20 -18.49 -10.57
CA GLY L 100 29.71 -19.33 -11.64
C GLY L 100 28.75 -19.37 -12.82
N ASP L 101 27.88 -18.38 -12.89
CA ASP L 101 26.94 -18.27 -14.00
C ASP L 101 26.60 -16.80 -14.23
N ALA L 102 26.26 -16.46 -15.47
CA ALA L 102 26.03 -15.07 -15.85
C ALA L 102 24.57 -14.64 -15.69
N SER L 103 23.69 -15.60 -15.40
CA SER L 103 22.26 -15.35 -15.34
C SER L 103 21.89 -14.15 -14.46
N VAL L 104 22.53 -14.05 -13.29
CA VAL L 104 22.23 -12.96 -12.36
C VAL L 104 22.62 -11.61 -12.96
N LEU L 105 23.70 -11.62 -13.72
CA LEU L 105 24.20 -10.40 -14.35
C LEU L 105 23.29 -9.98 -15.50
N GLU L 106 22.72 -10.95 -16.19
CA GLU L 106 21.87 -10.68 -17.35
C GLU L 106 20.44 -10.30 -16.94
N ASP L 107 19.84 -11.12 -16.10
CA ASP L 107 18.44 -10.97 -15.73
C ASP L 107 18.15 -9.64 -15.06
N ARG L 108 19.02 -9.25 -14.13
CA ARG L 108 18.73 -8.13 -13.23
C ARG L 108 19.38 -6.82 -13.67
N CYS L 109 20.67 -6.89 -14.02
CA CYS L 109 21.43 -5.67 -14.31
C CYS L 109 21.35 -5.26 -15.79
N LEU L 110 21.83 -6.13 -16.67
CA LEU L 110 22.12 -5.74 -18.04
C LEU L 110 20.90 -5.66 -18.96
N ASN L 111 19.95 -6.58 -18.80
CA ASN L 111 18.79 -6.64 -19.69
C ASN L 111 17.94 -5.36 -19.64
N GLY L 112 17.77 -4.74 -20.80
CA GLY L 112 16.94 -3.55 -20.94
C GLY L 112 17.69 -2.25 -20.68
N LEU L 113 18.98 -2.36 -20.36
CA LEU L 113 19.76 -1.21 -19.90
C LEU L 113 20.13 -0.25 -21.04
N ARG L 114 20.48 -0.81 -22.20
CA ARG L 114 20.78 -0.01 -23.38
C ARG L 114 19.61 0.93 -23.68
N GLU L 115 18.41 0.37 -23.64
CA GLU L 115 17.19 1.13 -23.89
C GLU L 115 16.98 2.19 -22.83
N THR L 116 17.33 1.87 -21.59
CA THR L 116 17.20 2.81 -20.47
C THR L 116 18.10 4.02 -20.70
N TYR L 117 19.38 3.75 -20.92
CA TYR L 117 20.33 4.82 -21.22
C TYR L 117 19.89 5.57 -22.46
N LEU L 118 19.30 4.85 -23.42
CA LEU L 118 18.76 5.49 -24.61
C LEU L 118 17.67 6.50 -24.25
N ALA L 119 16.73 6.07 -23.41
CA ALA L 119 15.63 6.92 -22.99
C ALA L 119 16.15 8.13 -22.21
N LEU L 120 17.08 7.89 -21.29
CA LEU L 120 17.58 8.94 -20.42
C LEU L 120 18.44 9.99 -21.12
N GLY L 121 19.17 9.57 -22.15
CA GLY L 121 20.14 10.42 -22.81
C GLY L 121 21.56 10.14 -22.30
N THR L 122 21.74 8.96 -21.73
CA THR L 122 23.03 8.54 -21.21
C THR L 122 23.83 7.82 -22.30
N PRO L 123 25.12 8.19 -22.46
CA PRO L 123 25.94 7.48 -23.45
C PRO L 123 26.43 6.13 -22.92
N GLY L 124 25.76 5.05 -23.31
CA GLY L 124 26.15 3.73 -22.87
C GLY L 124 27.56 3.39 -23.33
N SER L 125 27.96 3.97 -24.45
CA SER L 125 29.29 3.76 -24.99
C SER L 125 30.38 4.30 -24.06
N SER L 126 29.99 5.20 -23.16
CA SER L 126 30.88 5.73 -22.14
C SER L 126 30.89 4.80 -20.93
N VAL L 127 29.70 4.28 -20.62
CA VAL L 127 29.54 3.32 -19.55
C VAL L 127 30.44 2.13 -19.83
N ALA L 128 30.37 1.61 -21.05
CA ALA L 128 31.19 0.48 -21.45
C ALA L 128 32.67 0.74 -21.21
N VAL L 129 33.11 1.96 -21.51
CA VAL L 129 34.50 2.35 -21.27
C VAL L 129 34.80 2.28 -19.78
N GLY L 130 33.89 2.85 -18.98
CA GLY L 130 33.99 2.72 -17.53
C GLY L 130 34.12 1.27 -17.10
N VAL L 131 33.26 0.42 -17.66
CA VAL L 131 33.27 -1.01 -17.36
C VAL L 131 34.61 -1.63 -17.76
N GLY L 132 35.14 -1.24 -18.91
CA GLY L 132 36.42 -1.73 -19.38
C GLY L 132 37.54 -1.40 -18.40
N LYS L 133 37.58 -0.15 -17.96
CA LYS L 133 38.56 0.25 -16.96
C LYS L 133 38.40 -0.56 -15.67
N MET L 134 37.16 -0.66 -15.20
CA MET L 134 36.86 -1.47 -14.02
C MET L 134 37.35 -2.91 -14.20
N LYS L 135 37.13 -3.46 -15.39
CA LYS L 135 37.57 -4.81 -15.72
C LYS L 135 39.08 -4.92 -15.57
N GLU L 136 39.80 -4.08 -16.31
CA GLU L 136 41.26 -4.10 -16.28
C GLU L 136 41.80 -3.98 -14.86
N ALA L 137 41.23 -3.07 -14.07
CA ALA L 137 41.64 -2.93 -12.67
C ALA L 137 41.33 -4.19 -11.87
N ALA L 138 40.12 -4.71 -12.05
CA ALA L 138 39.67 -5.88 -11.31
C ALA L 138 40.58 -7.09 -11.57
N LEU L 139 40.88 -7.36 -12.83
CA LEU L 139 41.71 -8.51 -13.17
C LEU L 139 43.11 -8.37 -12.58
N ALA L 140 43.64 -7.15 -12.55
CA ALA L 140 44.97 -6.91 -12.02
C ALA L 140 44.96 -7.08 -10.50
N ILE L 141 43.93 -6.55 -9.86
CA ILE L 141 43.75 -6.72 -8.42
C ILE L 141 43.60 -8.20 -8.10
N VAL L 142 42.93 -8.93 -8.98
CA VAL L 142 42.76 -10.37 -8.84
C VAL L 142 44.09 -11.11 -9.01
N ASN L 143 44.84 -10.75 -10.05
CA ASN L 143 46.08 -11.43 -10.38
C ASN L 143 47.23 -11.16 -9.43
N ASP L 144 47.01 -10.27 -8.45
CA ASP L 144 48.05 -9.92 -7.49
C ASP L 144 48.63 -11.16 -6.81
N PRO L 145 49.96 -11.40 -7.00
CA PRO L 145 50.55 -12.61 -6.40
C PRO L 145 50.93 -12.46 -4.93
N ALA L 146 50.71 -11.27 -4.37
CA ALA L 146 51.06 -11.02 -2.96
C ALA L 146 49.94 -11.47 -2.02
N GLY L 147 50.34 -11.98 -0.85
CA GLY L 147 49.38 -12.39 0.17
C GLY L 147 48.45 -13.49 -0.27
N ILE L 148 48.99 -14.48 -0.99
CA ILE L 148 48.17 -15.59 -1.49
C ILE L 148 49.06 -16.73 -2.00
N THR L 149 48.54 -17.95 -1.94
CA THR L 149 49.25 -19.11 -2.47
C THR L 149 49.39 -19.01 -3.97
N PRO L 150 50.58 -19.32 -4.52
CA PRO L 150 50.70 -19.26 -5.98
C PRO L 150 49.93 -20.38 -6.67
N GLY L 151 49.48 -20.12 -7.89
CA GLY L 151 48.79 -21.12 -8.68
C GLY L 151 48.35 -20.51 -9.99
N ASP L 152 47.66 -21.30 -10.81
CA ASP L 152 47.12 -20.81 -12.06
C ASP L 152 45.66 -20.41 -11.86
N CYS L 153 45.29 -19.26 -12.44
CA CYS L 153 43.93 -18.76 -12.37
C CYS L 153 43.52 -18.26 -13.75
N SER L 154 44.25 -18.69 -14.77
CA SER L 154 44.04 -18.23 -16.13
C SER L 154 42.63 -18.55 -16.60
N ALA L 155 42.07 -19.64 -16.10
CA ALA L 155 40.72 -20.05 -16.47
C ALA L 155 39.69 -19.11 -15.85
N LEU L 156 39.82 -18.87 -14.56
CA LEU L 156 38.89 -18.03 -13.81
C LEU L 156 38.96 -16.59 -14.29
N ALA L 157 40.19 -16.10 -14.47
CA ALA L 157 40.43 -14.72 -14.89
C ALA L 157 39.87 -14.47 -16.29
N SER L 158 39.64 -15.53 -17.04
CA SER L 158 39.03 -15.42 -18.36
C SER L 158 37.51 -15.32 -18.24
N GLU L 159 36.96 -16.13 -17.35
CA GLU L 159 35.53 -16.12 -17.04
C GLU L 159 35.11 -14.73 -16.56
N ILE L 160 35.85 -14.21 -15.58
CA ILE L 160 35.61 -12.86 -15.05
C ILE L 160 35.56 -11.82 -16.18
N ALA L 161 36.56 -11.88 -17.05
CA ALA L 161 36.62 -10.99 -18.21
C ALA L 161 35.43 -11.25 -19.12
N SER L 162 35.00 -12.50 -19.21
CA SER L 162 33.80 -12.85 -19.95
C SER L 162 32.61 -12.04 -19.41
N TYR L 163 32.44 -12.06 -18.08
CA TYR L 163 31.38 -11.31 -17.43
C TYR L 163 31.49 -9.80 -17.67
N PHE L 164 32.67 -9.23 -17.45
CA PHE L 164 32.88 -7.82 -17.72
C PHE L 164 32.55 -7.48 -19.17
N ASP L 165 33.00 -8.33 -20.08
CA ASP L 165 32.74 -8.12 -21.50
C ASP L 165 31.24 -8.17 -21.79
N ARG L 166 30.54 -9.11 -21.15
CA ARG L 166 29.08 -9.15 -21.26
C ARG L 166 28.48 -7.82 -20.82
N ALA L 167 28.91 -7.35 -19.65
CA ALA L 167 28.42 -6.07 -19.13
C ALA L 167 28.68 -4.93 -20.12
N CYS L 168 29.89 -4.89 -20.66
CA CYS L 168 30.25 -3.85 -21.63
C CYS L 168 29.41 -3.93 -22.90
N ALA L 169 29.22 -5.14 -23.41
CA ALA L 169 28.49 -5.35 -24.65
C ALA L 169 27.00 -4.98 -24.51
N ALA L 170 26.52 -4.96 -23.27
CA ALA L 170 25.09 -4.79 -23.02
C ALA L 170 24.62 -3.34 -23.18
N VAL L 171 25.55 -2.40 -23.15
CA VAL L 171 25.21 -0.98 -23.17
C VAL L 171 25.85 -0.23 -24.34
N SER L 172 26.64 -0.94 -25.14
CA SER L 172 27.27 -0.36 -26.32
C SER L 172 26.29 -0.36 -27.50
CHA CYC M . -31.36 26.26 8.50
NA CYC M . -28.82 27.09 8.25
C1A CYC M . -29.97 26.14 8.59
C2A CYC M . -29.09 24.91 9.05
C3A CYC M . -27.82 25.16 8.98
C4A CYC M . -27.63 26.50 8.48
CMA CYC M . -26.77 24.13 9.35
CAA CYC M . -29.69 23.59 9.55
CBA CYC M . -29.72 23.49 11.07
CGA CYC M . -30.11 24.79 11.72
O1A CYC M . -31.28 24.96 12.14
O2A CYC M . -29.26 25.71 11.86
CHB CYC M . -26.30 27.25 8.20
NB CYC M . -24.93 26.45 10.36
C1B CYC M . -25.15 27.10 8.96
C2B CYC M . -23.79 27.54 8.62
C3B CYC M . -22.96 27.31 9.44
C4B CYC M . -23.41 26.63 10.60
CMB CYC M . -23.54 28.26 7.31
CAB CYC M . -21.46 27.67 9.31
CBB CYC M . -21.00 28.56 10.45
OB CYC M . -22.75 26.28 11.57
NC CYC M . -33.85 30.38 4.39
C1C CYC M . -34.65 31.30 3.72
C2C CYC M . -33.71 32.58 3.47
C3C CYC M . -32.29 31.87 3.66
C4C CYC M . -32.71 30.82 4.59
CMC CYC M . -33.92 33.23 2.20
CAC CYC M . -31.13 32.77 4.09
CBC CYC M . -30.91 33.86 3.05
OC CYC M . -35.81 31.18 3.39
CHD CYC M . -32.10 30.65 5.82
ND CYC M . -31.45 28.46 7.08
C1D CYC M . -32.38 29.40 6.71
C2D CYC M . -33.61 29.04 7.30
C3D CYC M . -33.39 27.88 8.01
C4D CYC M . -32.05 27.50 7.88
CMD CYC M . -34.95 29.75 7.21
CAD CYC M . -34.56 27.20 8.76
CBD CYC M . -34.27 26.05 9.69
CGD CYC M . -34.52 24.78 8.92
O1D CYC M . -34.13 24.67 7.73
O2D CYC M . -35.14 23.83 9.46
HHA CYC M . -31.89 25.44 8.62
HMA1 CYC M . -27.07 23.63 10.14
HMA2 CYC M . -25.93 24.59 9.56
HMA3 CYC M . -26.63 23.52 8.60
HAA1 CYC M . -30.60 23.50 9.20
HAA2 CYC M . -29.15 22.85 9.19
HBA1 CYC M . -30.38 22.81 11.31
HBA2 CYC M . -28.84 23.21 11.38
HHB CYC M . -26.22 27.71 7.35
HB CYC M . -25.55 26.04 10.90
HMB1 CYC M . -24.37 28.68 7.00
HMB2 CYC M . -23.23 27.62 6.64
HMB3 CYC M . -22.86 28.95 7.43
HAB1 CYC M . -21.33 28.15 8.47
HAB2 CYC M . -20.94 26.85 9.30
HBB1 CYC M . -20.08 28.33 10.70
HBB2 CYC M . -21.58 28.44 11.22
HBB3 CYC M . -21.03 29.50 10.16
HC CYC M . -34.16 29.56 4.67
H2C CYC M . -33.86 33.31 4.11
H3C CYC M . -31.95 31.49 2.82
HMC1 CYC M . -33.56 34.14 2.23
HMC2 CYC M . -33.47 32.72 1.49
HMC3 CYC M . -34.88 33.28 2.01
HAC1 CYC M . -31.35 33.19 4.96
HAC2 CYC M . -30.32 32.24 4.19
HBC1 CYC M . -31.21 33.52 2.17
HBC2 CYC M . -31.43 34.66 3.28
HBC3 CYC M . -29.95 34.08 3.00
HHD CYC M . -31.53 31.37 6.18
HD CYC M . -30.56 28.46 6.83
HMD1 CYC M . -35.67 29.10 7.34
HMD2 CYC M . -35.04 30.16 6.33
HMD3 CYC M . -35.00 30.44 7.90
HAD1 CYC M . -35.07 27.88 9.24
HAD2 CYC M . -35.14 26.82 8.05
HBD1 CYC M . -33.33 26.09 10.00
HBD2 CYC M . -34.86 26.09 10.47
CHA BLA N . 15.02 6.64 18.44
NA BLA N . 13.59 8.76 18.17
C1A BLA N . 13.78 7.42 18.08
C2A BLA N . 12.62 6.85 17.60
C3A BLA N . 11.72 7.85 17.40
C4A BLA N . 12.32 9.05 17.75
CMA BLA N . 10.31 7.65 16.88
CAA BLA N . 12.39 5.38 17.34
CBA BLA N . 12.48 5.05 15.86
CGA BLA N . 13.82 5.44 15.27
O1A BLA N . 14.89 5.04 15.79
O2A BLA N . 13.86 6.16 14.23
CHB BLA N . 11.70 10.43 17.71
NB BLA N . 10.99 10.27 15.19
C1B BLA N . 11.15 10.93 16.59
C2B BLA N . 10.52 12.21 16.39
C3B BLA N . 10.10 12.42 15.31
C4B BLA N . 10.26 11.36 14.36
CMB BLA N . 10.43 13.24 17.51
OB BLA N . 9.92 11.32 13.20
CAB BLA N . 9.42 13.71 14.92
CBB BLA N . 8.07 13.82 15.01
NC BLA N . 19.71 8.63 22.79
C1C BLA N . 20.39 9.36 23.99
C2C BLA N . 19.92 10.70 23.85
C3C BLA N . 19.21 10.91 22.93
C4C BLA N . 18.89 9.77 22.10
CMC BLA N . 20.36 11.77 24.83
OC BLA N . 21.14 8.90 24.83
CAC BLA N . 18.60 12.28 22.63
CBC BLA N . 19.36 13.36 22.38
CHD BLA N . 18.09 9.76 21.01
ND BLA N . 16.33 8.50 19.78
C1D BLA N . 17.55 8.53 20.27
C2D BLA N . 18.23 7.31 19.98
C3D BLA N . 17.45 6.52 19.34
C4D BLA N . 16.07 7.17 19.08
CMD BLA N . 19.62 6.94 20.36
CAD BLA N . 17.78 5.12 18.85
CBD BLA N . 17.55 4.15 19.99
CGD BLA N . 17.55 2.72 19.50
O1D BLA N . 17.42 1.77 20.31
O2D BLA N . 17.67 2.47 18.26
HHA BLA N . 15.15 5.77 18.02
HA BLA N . 14.20 9.37 18.46
HMA1 BLA N . 9.72 7.39 17.62
HMA2 BLA N . 10.31 6.93 16.20
HMA3 BLA N . 9.98 8.48 16.47
HAA1 BLA N . 11.51 5.12 17.68
HAA2 BLA N . 13.07 4.86 17.82
HBA1 BLA N . 12.33 4.10 15.73
HBA2 BLA N . 11.77 5.55 15.40
HHB BLA N . 11.52 10.88 18.55
HB BLA N . 11.27 9.44 14.93
HMB1 BLA N . 9.51 13.25 17.86
HMB2 BLA N . 10.66 14.12 17.16
HMB3 BLA N . 11.05 12.99 18.23
HAB BLA N . 9.95 14.45 14.56
HBB1 BLA N . 7.64 14.66 14.75
HBB2 BLA N . 7.55 13.06 15.34
HC BLA N . 19.78 7.76 22.56
HMC1 BLA N . 19.57 12.27 25.14
HMC2 BLA N . 20.98 12.39 24.39
HMC3 BLA N . 20.80 11.35 25.59
HAC BLA N . 17.66 12.42 22.86
HBC1 BLA N . 20.34 13.29 22.39
HBC2 BLA N . 18.94 14.22 22.18
HHD BLA N . 17.89 10.63 20.60
HMD1 BLA N . 20.02 6.39 19.66
HMD2 BLA N . 19.61 6.43 21.21
HMD3 BLA N . 20.16 7.75 20.49
HAD1 BLA N . 18.71 5.09 18.58
HAD2 BLA N . 17.19 4.89 18.11
HBD1 BLA N . 18.26 4.27 20.66
HBD2 BLA N . 16.69 4.34 20.40
CHA BLA O . 14.93 44.95 10.33
NA BLA O . 14.87 42.54 9.39
C1A BLA O . 14.62 43.88 9.30
C2A BLA O . 14.03 44.12 8.09
C3A BLA O . 13.91 42.93 7.43
C4A BLA O . 14.43 41.94 8.24
CMA BLA O . 13.30 42.75 6.05
CAA BLA O . 13.60 45.48 7.57
CBA BLA O . 14.75 46.11 6.81
CGA BLA O . 15.98 46.25 7.68
O1A BLA O . 16.12 47.25 8.43
O2A BLA O . 16.87 45.36 7.67
CHB BLA O . 14.52 40.45 7.95
NB BLA O . 15.39 40.74 5.50
C1B BLA O . 14.95 39.96 6.77
C2B BLA O . 15.10 38.59 6.34
C3B BLA O . 15.49 38.42 5.25
C4B BLA O . 15.76 39.61 4.49
CMB BLA O . 14.78 37.43 7.27
OB BLA O . 16.16 39.72 3.34
CAB BLA O . 15.72 37.05 4.63
CBB BLA O . 14.94 36.63 3.61
NC BLA O . 17.64 43.95 15.84
C1C BLA O . 18.54 43.54 17.03
C2C BLA O . 18.22 42.15 17.19
C3C BLA O . 17.41 41.71 16.45
C4C BLA O . 16.89 42.65 15.49
CMC BLA O . 18.88 41.33 18.27
OC BLA O . 19.32 44.21 17.66
CAC BLA O . 16.94 40.27 16.46
CBC BLA O . 16.29 39.78 17.52
CHD BLA O . 15.97 42.41 14.54
ND BLA O . 15.55 43.36 12.29
C1D BLA O . 15.57 43.50 13.59
C2D BLA O . 15.15 44.82 13.96
C3D BLA O . 14.87 45.49 12.92
C4D BLA O . 15.10 44.64 11.63
CMD BLA O . 15.06 45.34 15.38
CAD BLA O . 14.42 46.93 12.92
CBD BLA O . 12.95 47.06 13.28
CGD BLA O . 12.09 46.41 12.22
O1D BLA O . 12.08 46.89 11.05
O2D BLA O . 11.38 45.42 12.50
HHA BLA O . 14.85 45.89 10.07
HA BLA O . 15.25 42.11 10.10
HMA1 BLA O . 13.98 42.94 5.38
HMA2 BLA O . 12.54 43.37 5.95
HMA3 BLA O . 12.99 41.83 5.95
HAA1 BLA O . 13.35 46.04 8.33
HAA2 BLA O . 12.84 45.36 6.97
HBA1 BLA O . 14.97 45.54 6.04
HBA2 BLA O . 14.47 46.99 6.48
HHB BLA O . 14.09 39.83 8.58
HB BLA O . 15.43 41.65 5.37
HMB1 BLA O . 14.24 37.74 8.03
HMB2 BLA O . 14.29 36.74 6.77
HMB3 BLA O . 15.62 37.03 7.60
HAB BLA O . 16.55 36.59 4.82
HBB1 BLA O . 14.23 37.21 3.26
HBB2 BLA O . 15.09 35.75 3.21
HC BLA O . 17.56 44.77 15.44
HMC1 BLA O . 18.23 41.13 18.98
HMC2 BLA O . 19.21 40.50 17.89
HMC3 BLA O . 19.63 41.84 18.64
HAC BLA O . 17.36 39.65 15.84
HBC1 BLA O . 16.12 40.36 18.29
HBC2 BLA O . 15.97 38.86 17.52
HHD BLA O . 15.42 41.60 14.59
HMD1 BLA O . 14.30 45.95 15.46
HMD2 BLA O . 14.93 44.59 16.00
HMD3 BLA O . 15.90 45.81 15.61
HAD1 BLA O . 14.95 47.43 13.56
HAD2 BLA O . 14.56 47.32 12.03
HBD1 BLA O . 12.72 48.00 13.36
HBD2 BLA O . 12.79 46.61 14.14
CHA CYC P . 36.74 16.61 -8.12
NA CYC P . 34.52 18.04 -7.64
C1A CYC P . 35.38 16.85 -8.08
C2A CYC P . 34.22 15.88 -8.52
C3A CYC P . 33.06 16.43 -8.36
C4A CYC P . 33.23 17.76 -7.81
CMA CYC P . 31.77 15.70 -8.67
CAA CYC P . 34.47 14.47 -9.07
CBA CYC P . 34.54 14.42 -10.59
CGA CYC P . 35.26 15.61 -11.20
O1A CYC P . 36.44 15.48 -11.61
O2A CYC P . 34.68 16.72 -11.32
CHB CYC P . 32.13 18.78 -7.44
NB CYC P . 30.66 18.44 -9.63
C1B CYC P . 31.02 19.01 -8.22
C2B CYC P . 29.87 19.87 -7.93
C3B CYC P . 29.03 19.91 -8.77
C4B CYC P . 29.28 19.11 -9.92
CMB CYC P . 29.83 20.63 -6.61
CAB CYC P . 27.73 20.74 -8.66
CBB CYC P . 27.52 21.63 -9.87
OB CYC P . 28.58 18.97 -10.91
NC CYC P . 40.63 19.63 -3.76
C1C CYC P . 41.54 20.38 -3.04
C2C CYC P . 40.82 21.78 -2.74
C3C CYC P . 39.31 21.32 -2.99
C4C CYC P . 39.57 20.25 -3.96
CMC CYC P . 41.11 22.35 -1.45
CAC CYC P . 38.35 22.44 -3.39
CBC CYC P . 38.18 23.42 -2.24
OC CYC P . 42.66 20.06 -2.68
CHD CYC P . 39.01 20.29 -5.22
ND CYC P . 37.57 18.60 -6.59
C1D CYC P . 38.80 19.05 -6.12
C2D CYC P . 39.78 18.19 -6.63
C3D CYC P . 39.13 17.23 -7.39
C4D CYC P . 37.78 17.48 -7.36
CMD CYC P . 41.28 18.26 -6.41
CAD CYC P . 39.76 16.04 -8.15
CBD CYC P . 39.41 14.77 -7.39
CGD CYC P . 39.96 13.52 -8.06
O1D CYC P . 40.10 12.46 -7.38
O2D CYC P . 40.25 13.53 -9.29
HHA CYC P . 37.02 15.71 -8.37
HMA1 CYC P . 31.53 15.11 -7.93
HMA2 CYC P . 31.05 16.35 -8.81
HMA3 CYC P . 31.90 15.16 -9.49
HAA1 CYC P . 35.33 14.14 -8.71
HAA2 CYC P . 33.76 13.89 -8.77
HBA1 CYC P . 35.02 13.61 -10.85
HBA2 CYC P . 33.63 14.39 -10.95
HHB CYC P . 32.16 19.18 -6.55
HB CYC P . 31.12 17.87 -10.15
HMB1 CYC P . 29.31 20.12 -5.96
HMB2 CYC P . 30.75 20.76 -6.28
HMB3 CYC P . 29.41 21.51 -6.75
HAB1 CYC P . 26.98 20.12 -8.58
HAB2 CYC P . 27.77 21.29 -7.85
HBB1 CYC P . 26.56 21.68 -10.08
HBB2 CYC P . 27.85 22.54 -9.67
HBB3 CYC P . 28.01 21.28 -10.64
HC CYC P . 40.79 18.79 -4.07
H2C CYC P . 41.11 22.49 -3.36
H3C CYC P . 38.90 20.98 -2.17
HMC1 CYC P . 40.81 23.28 -1.42
HMC2 CYC P . 40.63 21.83 -0.75
HMC3 CYC P . 42.08 22.31 -1.29
HAC1 CYC P . 37.48 22.05 -3.63
HAC2 CYC P . 38.71 22.92 -4.17
HBC1 CYC P . 38.32 22.95 -1.39
HBC2 CYC P . 37.27 23.78 -2.25
HBC3 CYC P . 38.82 24.15 -2.34
HHD CYC P . 38.75 21.16 -5.58
HD CYC P . 36.76 18.99 -6.41
HMD1 CYC P . 41.54 19.19 -6.22
HMD2 CYC P . 41.75 17.96 -7.21
HMD3 CYC P . 41.53 17.69 -5.65
HAD1 CYC P . 40.74 16.14 -8.18
HAD2 CYC P . 39.42 16.00 -9.06
HBD1 CYC P . 38.44 14.69 -7.35
HBD2 CYC P . 39.77 14.82 -6.49
CHA BLA Q . -13.19 11.84 -19.17
NA BLA Q . -11.26 13.53 -18.90
C1A BLA Q . -11.76 12.26 -18.86
C2A BLA Q . -10.74 11.41 -18.47
C3A BLA Q . -9.62 12.16 -18.28
C4A BLA Q . -9.94 13.48 -18.55
CMA BLA Q . -8.26 11.65 -17.86
CAA BLA Q . -10.82 9.92 -18.28
CBA BLA Q . -10.97 9.62 -16.80
CGA BLA Q . -12.38 9.93 -16.37
O1A BLA Q . -13.35 9.40 -16.96
O2A BLA Q . -12.59 10.71 -15.40
CHB BLA Q . -8.98 14.64 -18.47
NB BLA Q . -8.43 14.06 -15.99
C1B BLA Q . -8.31 14.85 -17.32
C2B BLA Q . -7.32 15.85 -17.02
C3B BLA Q . -6.88 15.80 -15.93
C4B BLA Q . -7.41 14.78 -15.07
CMB BLA Q . -6.86 16.87 -18.04
OB BLA Q . -7.13 14.53 -13.92
CAB BLA Q . -5.83 16.76 -15.42
CBB BLA Q . -4.53 16.42 -15.48
NC BLA Q . -17.15 15.41 -23.15
C1C BLA Q . -17.68 16.41 -24.20
C2C BLA Q . -16.90 17.58 -23.96
C3C BLA Q . -16.12 17.51 -23.06
C4C BLA Q . -16.07 16.23 -22.39
CMC BLA Q . -17.10 18.84 -24.78
OC BLA Q . -18.54 16.23 -25.05
CAC BLA Q . -15.20 18.64 -22.65
CBC BLA Q . -15.65 19.84 -22.24
CHD BLA Q . -15.26 15.90 -21.36
ND BLA Q . -13.94 14.08 -20.32
C1D BLA Q . -15.11 14.52 -20.74
C2D BLA Q . -16.12 13.56 -20.45
C3D BLA Q . -15.59 12.52 -19.91
C4D BLA Q . -14.07 12.70 -19.72
CMD BLA Q . -17.59 13.69 -20.77
CAD BLA Q . -16.32 11.27 -19.45
CBD BLA Q . -16.08 10.15 -20.45
CGD BLA Q . -16.61 8.84 -19.91
O1D BLA Q . -16.58 7.81 -20.63
O2D BLA Q . -17.08 8.77 -18.73
HHA BLA Q . -13.52 11.01 -18.78
HA BLA Q . -11.72 14.28 -19.13
HMA1 BLA Q . -8.16 11.75 -16.89
HMA2 BLA Q . -8.19 10.69 -18.08
HMA3 BLA Q . -7.56 12.15 -18.32
HAA1 BLA Q . -10.00 9.50 -18.61
HAA2 BLA Q . -11.60 9.56 -18.76
HBA1 BLA Q . -10.34 10.17 -16.29
HBA2 BLA Q . -10.78 8.67 -16.63
HHB BLA Q . -8.66 15.05 -19.30
HB BLA Q . -8.97 13.34 -15.81
HMB1 BLA Q . -5.98 16.62 -18.39
HMB2 BLA Q . -6.80 17.75 -17.62
HMB3 BLA Q . -7.50 16.91 -18.78
HAB BLA Q . -6.10 17.60 -15.00
HBB1 BLA Q . -4.27 15.55 -15.85
HBB2 BLA Q . -3.84 17.04 -15.16
HC BLA Q . -17.40 14.55 -22.99
HMC1 BLA Q . -17.54 19.52 -24.24
HMC2 BLA Q . -16.23 19.17 -25.08
HMC3 BLA Q . -17.66 18.63 -25.55
HAC BLA Q . -14.26 18.58 -22.92
HBC1 BLA Q . -15.01 20.54 -21.98
HBC2 BLA Q . -16.61 20.02 -22.20
HHD BLA Q . -14.80 16.64 -20.91
HMD1 BLA Q . -17.83 14.64 -20.81
HMD2 BLA Q . -18.12 13.25 -20.08
HMD3 BLA Q . -17.78 13.27 -21.64
HAD1 BLA Q . -15.98 11.00 -18.57
HAD2 BLA Q . -17.28 11.45 -19.38
HBD1 BLA Q . -16.54 10.36 -21.29
HBD2 BLA Q . -15.13 10.07 -20.61
CHA BLA R . -2.03 47.86 -8.66
NA BLA R . -2.69 45.49 -7.87
C1A BLA R . -2.06 46.69 -7.71
C2A BLA R . -1.41 46.66 -6.50
C3A BLA R . -1.64 45.45 -5.93
C4A BLA R . -2.45 44.72 -6.77
CMA BLA R . -1.11 45.01 -4.58
CAA BLA R . -0.59 47.78 -5.93
CBA BLA R . -1.47 48.68 -5.09
CGA BLA R . -2.63 49.21 -5.91
O1A BLA R . -2.46 50.17 -6.70
O2A BLA R . -3.77 48.69 -5.80
CHB BLA R . -2.97 43.31 -6.56
NB BLA R . -3.74 43.73 -4.09
C1B BLA R . -3.56 42.92 -5.40
C2B BLA R . -4.13 41.65 -5.07
C3B BLA R . -4.58 41.55 -3.97
C4B BLA R . -4.46 42.72 -3.16
CMB BLA R . -4.19 40.51 -6.06
OB BLA R . -4.83 42.87 -2.01
CAB BLA R . -5.24 40.31 -3.44
CBB BLA R . -4.58 39.54 -2.55
NC BLA R . -4.91 48.09 -14.23
C1C BLA R . -5.93 48.06 -15.39
C2C BLA R . -6.18 46.64 -15.53
C3C BLA R . -5.60 45.93 -14.82
C4C BLA R . -4.72 46.59 -13.87
CMC BLA R . -7.13 46.12 -16.58
OC BLA R . -6.39 48.99 -16.02
CAC BLA R . -5.79 44.42 -14.84
CBC BLA R . -4.93 43.55 -15.42
CHD BLA R . -3.95 46.03 -12.93
ND BLA R . -3.19 46.67 -10.67
C1D BLA R . -3.18 46.89 -11.97
C2D BLA R . -2.35 48.02 -12.28
C3D BLA R . -1.85 48.49 -11.22
C4D BLA R . -2.32 47.69 -9.97
CMD BLA R . -2.09 48.58 -13.66
CAD BLA R . -0.93 49.69 -11.13
CBD BLA R . 0.49 49.36 -11.56
CGD BLA R . 1.08 48.33 -10.64
O1D BLA R . 1.18 48.56 -9.40
O2D BLA R . 1.47 47.22 -11.10
HHA BLA R . -1.61 48.70 -8.38
HA BLA R . -3.20 45.25 -8.59
HMA1 BLA R . -1.69 45.35 -3.86
HMA2 BLA R . -0.20 45.36 -4.46
HMA3 BLA R . -1.08 44.03 -4.54
HAA1 BLA R . -0.18 48.31 -6.65
HAA2 BLA R . 0.11 47.40 -5.36
HBA1 BLA R . -0.94 49.43 -4.74
HBA2 BLA R . -1.82 48.17 -4.33
HHB BLA R . -2.74 42.62 -7.22
HB BLA R . -3.49 44.59 -3.91
HMB1 BLA R . -5.11 40.42 -6.41
HMB2 BLA R . -3.57 40.68 -6.80
HMB3 BLA R . -3.95 39.67 -5.61
HAB BLA R . -6.19 40.16 -3.60
HBB1 BLA R . -3.69 39.79 -2.25
HBB2 BLA R . -5.00 38.73 -2.20
HC BLA R . -4.51 48.81 -13.85
HMC1 BLA R . -7.64 46.87 -16.96
HMC2 BLA R . -6.63 45.67 -17.29
HMC3 BLA R . -7.75 45.48 -16.17
HAC BLA R . -6.60 44.06 -14.44
HBC1 BLA R . -4.11 43.88 -15.85
HBC2 BLA R . -5.12 42.59 -15.39
HHD BLA R . -3.75 45.08 -12.98
HMD1 BLA R . -2.71 49.32 -13.83
HMD2 BLA R . -1.17 48.91 -13.70
HMD3 BLA R . -2.22 47.87 -14.33
HAD1 BLA R . -0.92 50.02 -10.21
HAD2 BLA R . -1.28 50.41 -11.71
HBD1 BLA R . 0.49 49.02 -12.48
HBD2 BLA R . 1.03 50.17 -11.52
CHA CYC S . -30.41 22.26 -17.85
NA CYC S . -30.68 19.76 -16.93
C1A CYC S . -29.98 20.99 -17.50
C2A CYC S . -28.52 20.40 -17.60
C3A CYC S . -28.47 19.18 -17.19
C4A CYC S . -29.80 18.78 -16.76
CMA CYC S . -27.18 18.39 -17.14
CAA CYC S . -27.33 21.21 -18.11
CBA CYC S . -27.03 20.97 -19.59
CGA CYC S . -28.24 20.57 -20.41
O1A CYC S . -28.77 21.41 -21.18
O2A CYC S . -28.71 19.40 -20.36
CHB CYC S . -30.21 17.39 -16.19
NB CYC S . -28.90 16.01 -18.03
C1B CYC S . -29.77 16.21 -16.75
C2B CYC S . -30.00 14.84 -16.30
C3B CYC S . -29.50 13.99 -16.97
C4B CYC S . -28.75 14.47 -18.11
CMB CYC S . -30.84 14.59 -15.06
CAB CYC S . -29.60 12.47 -16.68
CBB CYC S . -30.04 11.66 -17.90
OB CYC S . -28.15 13.84 -18.95
NC CYC S . -35.76 24.76 -14.85
C1C CYC S . -37.00 25.17 -14.41
C2C CYC S . -37.83 23.84 -14.08
C3C CYC S . -36.58 22.86 -13.92
C4C CYC S . -35.68 23.51 -14.87
CMC CYC S . -38.73 23.92 -12.96
CAC CYC S . -36.87 21.37 -14.13
CBC CYC S . -37.77 20.88 -13.01
OC CYC S . -37.40 26.33 -14.27
CHD CYC S . -35.24 22.85 -15.98
ND CYC S . -32.83 22.22 -16.79
C1D CYC S . -33.87 23.13 -16.67
C2D CYC S . -33.47 24.32 -17.29
C3D CYC S . -32.20 24.13 -17.77
C4D CYC S . -31.80 22.83 -17.46
CMD CYC S . -34.28 25.60 -17.42
CAD CYC S . -31.32 25.14 -18.52
CBD CYC S . -30.21 25.60 -17.58
CGD CYC S . -29.29 26.61 -18.24
O1D CYC S . -28.46 27.23 -17.53
O2D CYC S . -29.35 26.83 -19.47
HHA CYC S . -29.72 22.90 -18.10
HMA1 CYC S . -26.68 18.62 -16.33
HMA2 CYC S . -27.39 17.43 -17.14
HMA3 CYC S . -26.64 18.60 -17.93
HAA1 CYC S . -27.51 22.16 -17.99
HAA2 CYC S . -26.53 20.97 -17.60
HBA1 CYC S . -26.66 21.79 -19.96
HBA2 CYC S . -26.35 20.26 -19.67
HHB CYC S . -30.69 17.36 -15.34
HB CYC S . -28.56 16.64 -18.58
HMB1 CYC S . -30.25 14.49 -14.28
HMB2 CYC S . -31.43 15.36 -14.91
HMB3 CYC S . -31.37 13.78 -15.17
HAB1 CYC S . -30.25 12.34 -15.97
HAB2 CYC S . -28.74 12.15 -16.38
HBB1 CYC S . -29.57 10.79 -17.89
HBB2 CYC S . -29.81 12.15 -18.72
HBB3 CYC S . -31.00 11.51 -17.86
HC CYC S . -35.09 25.33 -15.11
H2C CYC S . -38.43 23.58 -14.81
H3C CYC S . -36.22 22.86 -13.01
HMC1 CYC S . -38.22 23.79 -12.12
HMC2 CYC S . -39.14 24.81 -12.93
HMC3 CYC S . -39.41 23.23 -13.03
HAC1 CYC S . -36.02 20.87 -14.11
HAC2 CYC S . -37.31 21.24 -14.99
HBC1 CYC S . -38.71 20.94 -13.29
HBC2 CYC S . -37.56 19.93 -12.80
HBC3 CYC S . -37.64 21.43 -12.20
HHD CYC S . -35.82 22.15 -16.38
HD CYC S . -32.83 21.36 -16.47
HMD1 CYC S . -35.23 25.38 -17.33
HMD2 CYC S . -34.02 26.22 -16.71
HMD3 CYC S . -34.13 25.99 -18.30
HAD1 CYC S . -31.85 25.92 -18.78
HAD2 CYC S . -30.93 24.74 -19.32
HBD1 CYC S . -30.61 26.00 -16.79
HBD2 CYC S . -29.69 24.83 -17.31
CHA BLA T . 0.26 -18.69 -16.70
NA BLA T . -2.18 -17.91 -17.01
C1A BLA T . -0.85 -17.67 -16.72
C2A BLA T . -0.72 -16.33 -16.45
C3A BLA T . -1.94 -15.74 -16.59
C4A BLA T . -2.84 -16.73 -16.93
CMA BLA T . -2.22 -14.27 -16.38
CAA BLA T . 0.56 -15.61 -16.09
CBA BLA T . 0.55 -15.25 -14.62
CGA BLA T . 0.60 -16.50 -13.77
O1A BLA T . 1.47 -17.38 -13.99
O2A BLA T . -0.23 -16.65 -12.83
CHB BLA T . -4.33 -16.52 -17.17
NB BLA T . -4.69 -15.30 -14.90
C1B BLA T . -5.10 -15.87 -16.27
C2B BLA T . -6.50 -15.55 -16.35
C3B BLA T . -6.93 -14.96 -15.44
C4B BLA T . -6.00 -14.68 -14.37
CMB BLA T . -7.34 -15.92 -17.55
OB BLA T . -6.22 -14.10 -13.33
CAB BLA T . -8.38 -14.54 -15.35
CBB BLA T . -8.75 -13.31 -15.73
NC BLA T . 0.26 -24.41 -20.23
C1C BLA T . -0.06 -25.49 -21.29
C2C BLA T . -1.48 -25.39 -21.43
C3C BLA T . -2.01 -24.59 -20.72
C4C BLA T . -1.13 -23.82 -19.89
CMC BLA T . -2.19 -26.32 -22.38
OC BLA T . 0.70 -26.24 -21.88
CAC BLA T . -3.51 -24.28 -20.67
CBC BLA T . -4.50 -25.20 -20.72
CHD BLA T . -1.51 -22.84 -19.02
ND BLA T . -0.94 -20.64 -18.00
C1D BLA T . -0.60 -21.89 -18.24
C2D BLA T . 0.64 -22.19 -17.61
C3D BLA T . 1.09 -21.14 -17.03
C4D BLA T . 0.12 -19.94 -17.18
CMD BLA T . 1.36 -23.51 -17.63
CAD BLA T . 2.40 -21.03 -16.26
CBD BLA T . 3.49 -20.58 -17.20
CGD BLA T . 4.78 -20.39 -16.42
O1D BLA T . 5.84 -20.07 -17.02
O2D BLA T . 4.78 -20.55 -15.17
HHA BLA T . 1.03 -18.50 -16.13
HA BLA T . -2.55 -18.72 -17.22
HMA1 BLA T . -2.56 -14.13 -15.47
HMA2 BLA T . -1.40 -13.75 -16.51
HMA3 BLA T . -2.90 -13.98 -17.02
HAA1 BLA T . 0.63 -14.80 -16.63
HAA2 BLA T . 1.33 -16.20 -16.27
HBA1 BLA T . -0.27 -14.74 -14.42
HBA2 BLA T . 1.33 -14.69 -14.42
HHB BLA T . -4.66 -16.64 -18.08
HB BLA T . -3.87 -15.31 -14.49
HMB1 BLA T . -8.20 -16.27 -17.26
HMB2 BLA T . -7.49 -15.12 -18.11
HMB3 BLA T . -6.87 -16.60 -18.09
HAB BLA T . -9.04 -15.15 -14.95
HBB1 BLA T . -9.69 -13.03 -15.67
HBB2 BLA T . -8.07 -12.67 -16.07
HC BLA T . 1.08 -24.17 -19.90
HMC1 BLA T . -2.81 -25.79 -22.94
HMC2 BLA T . -2.70 -26.99 -21.88
HMC3 BLA T . -1.54 -26.76 -22.95
HAC BLA T . -3.77 -23.34 -20.82
HBC1 BLA T . -4.28 -26.14 -20.80
HBC2 BLA T . -5.43 -24.91 -20.68
HHD BLA T . -2.46 -22.79 -18.82
HMD1 BLA T . 1.82 -23.65 -16.79
HMD2 BLA T . 0.70 -24.23 -17.76
HMD3 BLA T . 2.01 -23.52 -18.37
HAD1 BLA T . 2.29 -20.37 -15.55
HAD2 BLA T . 2.62 -21.90 -15.87
HBD1 BLA T . 3.63 -21.26 -17.90
HBD2 BLA T . 3.24 -19.74 -17.62
CHA BLA U . -37.96 -26.94 -13.81
NA BLA U . -35.88 -26.12 -12.51
C1A BLA U . -37.22 -26.18 -12.72
C2A BLA U . -37.83 -25.42 -11.76
C3A BLA U . -36.87 -24.89 -10.95
C4A BLA U . -35.65 -25.33 -11.41
CMA BLA U . -37.17 -23.99 -9.76
CAA BLA U . -39.32 -25.23 -11.60
CBA BLA U . -39.86 -26.28 -10.65
CGA BLA U . -39.57 -27.65 -11.20
O1A BLA U . -40.33 -28.18 -12.05
O2A BLA U . -38.56 -28.29 -10.78
CHB BLA U . -34.26 -25.00 -10.88
NB BLA U . -34.78 -25.56 -8.35
C1B BLA U . -33.91 -25.15 -9.57
C2B BLA U . -32.62 -24.93 -8.96
C3B BLA U . -32.56 -25.11 -7.80
C4B BLA U . -33.78 -25.51 -7.16
CMB BLA U . -31.40 -24.50 -9.77
OB BLA U . -33.97 -25.75 -5.99
CAB BLA U . -31.28 -24.94 -7.00
CBB BLA U . -31.11 -23.85 -6.23
NC BLA U . -35.60 -29.98 -18.79
C1C BLA U . -34.83 -31.03 -19.64
C2C BLA U . -33.46 -30.64 -19.44
C3C BLA U . -33.29 -29.71 -18.75
C4C BLA U . -34.48 -29.10 -18.20
CMC BLA U . -32.32 -31.41 -20.10
OC BLA U . -35.27 -31.94 -20.31
CAC BLA U . -31.90 -29.19 -18.44
CBC BLA U . -31.47 -27.97 -18.85
CHD BLA U . -34.58 -28.04 -17.39
ND BLA U . -35.96 -27.52 -15.40
C1D BLA U . -35.87 -27.68 -16.69
C2D BLA U . -37.13 -27.47 -17.31
C3D BLA U . -38.01 -27.18 -16.43
C4D BLA U . -37.39 -27.17 -15.01
CMD BLA U . -37.40 -27.57 -18.80
CAD BLA U . -39.48 -26.90 -16.72
CBD BLA U . -39.71 -25.53 -17.32
CGD BLA U . -39.43 -24.43 -16.32
O1D BLA U . -40.05 -24.40 -15.22
O2D BLA U . -38.59 -23.53 -16.59
HHA BLA U . -38.92 -27.08 -13.71
HA BLA U . -35.24 -26.53 -13.02
HMA1 BLA U . -37.06 -23.05 -10.04
HMA2 BLA U . -36.52 -24.19 -9.04
HMA3 BLA U . -38.07 -24.14 -9.45
HAA1 BLA U . -39.76 -25.31 -12.48
HAA2 BLA U . -39.48 -24.34 -11.23
HBA1 BLA U . -39.43 -26.17 -9.78
HBA2 BLA U . -40.83 -26.16 -10.55
HHB BLA U . -33.63 -24.57 -11.47
HB BLA U . -35.67 -25.77 -8.34
HMB1 BLA U . -30.92 -23.81 -9.29
HMB2 BLA U . -31.69 -24.18 -10.65
HMB3 BLA U . -30.81 -25.28 -9.90
HAB BLA U . -30.67 -25.69 -6.92
HBB1 BLA U . -31.82 -23.16 -6.20
HBB2 BLA U . -30.29 -23.73 -5.72
HC BLA U . -36.51 -29.91 -18.69
HMC1 BLA U . -31.93 -30.85 -20.81
HMC2 BLA U . -31.65 -31.62 -19.43
HMC3 BLA U . -32.67 -32.24 -20.48
HAC BLA U . -31.32 -29.71 -17.85
HBC1 BLA U . -30.57 -27.67 -18.63
HBC2 BLA U . -32.07 -27.40 -19.36
HHD BLA U . -33.82 -27.41 -17.32
HMD1 BLA U . -37.73 -28.47 -19.00
HMD2 BLA U . -36.57 -27.41 -19.29
HMD3 BLA U . -38.07 -26.92 -19.06
HAD1 BLA U . -39.80 -27.58 -17.36
HAD2 BLA U . -39.99 -26.98 -15.90
HBD1 BLA U . -39.13 -25.41 -18.10
HBD2 BLA U . -40.64 -25.46 -17.61
CHA CYC V . -9.43 -38.31 12.02
NA CYC V . -11.18 -36.61 10.90
C1A CYC V . -9.97 -37.06 11.70
C2A CYC V . -9.42 -35.64 12.11
C3A CYC V . -10.18 -34.70 11.63
C4A CYC V . -11.27 -35.28 10.88
CMA CYC V . -9.89 -33.22 11.85
CAA CYC V . -8.16 -35.43 12.95
CBA CYC V . -8.53 -35.17 14.40
CGA CYC V . -9.42 -36.27 14.93
O1A CYC V . -8.94 -37.39 15.25
O2A CYC V . -10.66 -36.06 15.06
CHB CYC V . -12.40 -34.54 10.14
NB CYC V . -12.98 -32.88 12.13
C1B CYC V . -13.06 -33.45 10.69
C2B CYC V . -14.01 -32.53 10.04
C3B CYC V . -14.44 -31.67 10.74
C4B CYC V . -13.94 -31.66 12.08
CMB CYC V . -14.38 -32.75 8.58
CAB CYC V . -15.44 -30.59 10.28
CBB CYC V . -16.67 -30.52 11.16
OB CYC V . -14.23 -30.88 12.98
NC CYC V . -10.57 -43.24 7.94
C1C CYC V . -10.91 -44.42 7.30
C2C CYC V . -12.43 -44.25 6.83
C3C CYC V . -12.45 -42.67 6.82
C4C CYC V . -11.53 -42.45 7.93
CMC CYC V . -12.74 -44.90 5.57
CAC CYC V . -13.87 -42.07 6.87
CBC CYC V . -14.25 -41.51 5.49
OC CYC V . -10.20 -45.40 7.12
CHD CYC V . -11.94 -41.84 9.09
ND CYC V . -10.87 -39.82 10.37
C1D CYC V . -10.97 -41.18 10.13
C2D CYC V . -10.09 -41.85 10.99
C3D CYC V . -9.45 -40.88 11.75
C4D CYC V . -9.93 -39.63 11.38
CMD CYC V . -9.86 -43.34 11.11
CAD CYC V . -8.38 -41.08 12.84
CBD CYC V . -7.03 -40.66 12.28
CGD CYC V . -5.95 -40.65 13.34
O1D CYC V . -4.74 -40.61 12.99
O2D CYC V . -6.26 -40.68 14.57
HHA CYC V . -8.56 -38.32 12.44
HMA1 CYC V . -10.71 -32.70 11.73
HMA2 CYC V . -9.55 -33.08 12.76
HMA3 CYC V . -9.22 -32.92 11.20
HAA1 CYC V . -7.66 -34.67 12.61
HAA2 CYC V . -7.60 -36.23 12.91
HBA1 CYC V . -8.99 -34.31 14.47
HBA2 CYC V . -7.71 -35.14 14.95
HHB CYC V . -12.55 -34.74 9.20
HB CYC V . -12.48 -33.17 12.84
HMB1 CYC V . -13.82 -32.17 8.02
HMB2 CYC V . -14.22 -33.69 8.34
HMB3 CYC V . -15.32 -32.52 8.45
HAB1 CYC V . -14.98 -29.73 10.29
HAB2 CYC V . -15.71 -30.78 9.36
HBB1 CYC V . -16.96 -29.58 11.25
HBB2 CYC V . -16.47 -30.88 12.05
HBB3 CYC V . -17.39 -31.04 10.76
HC CYC V . -9.76 -43.06 8.31
H2C CYC V . -13.07 -44.66 7.45
H3C CYC V . -12.11 -42.30 5.98
HMC1 CYC V . -12.18 -44.53 4.86
HMC2 CYC V . -13.69 -44.76 5.36
HMC3 CYC V . -12.57 -45.87 5.65
HAC1 CYC V . -13.90 -41.34 7.53
HAC2 CYC V . -14.51 -42.75 7.12
HBC1 CYC V . -14.72 -42.20 4.98
HBC2 CYC V . -14.82 -40.73 5.60
HBC3 CYC V . -13.43 -41.25 5.01
HHD CYC V . -12.90 -41.81 9.29
HD CYC V . -11.34 -39.16 9.95
HMD1 CYC V . -8.95 -43.51 11.45
HMD2 CYC V . -9.96 -43.76 10.22
HMD3 CYC V . -10.52 -43.73 11.72
HAD1 CYC V . -8.60 -40.52 13.61
HAD2 CYC V . -8.36 -42.01 13.12
HBD1 CYC V . -6.77 -41.26 11.57
HBD2 CYC V . -7.11 -39.75 11.90
CHA BLA W . -17.93 12.29 14.91
NA BLA W . -19.07 9.98 14.62
C1A BLA W . -17.97 10.79 14.70
C2A BLA W . -16.85 10.00 14.56
C3A BLA W . -17.26 8.72 14.39
C4A BLA W . -18.64 8.71 14.43
CMA BLA W . -16.35 7.53 14.19
CAA BLA W . -15.41 10.48 14.57
CBA BLA W . -14.93 10.62 13.15
CGA BLA W . -15.55 11.86 12.51
O1A BLA W . -15.34 12.99 13.01
O2A BLA W . -16.26 11.74 11.48
CHB BLA W . -19.52 7.49 14.29
NB BLA W . -18.38 6.81 12.05
C1B BLA W . -19.34 6.64 13.26
C2B BLA W . -19.95 5.36 13.00
C3B BLA W . -19.59 4.81 12.02
C4B BLA W . -18.61 5.51 11.23
CMB BLA W . -20.98 4.76 13.94
OB BLA W . -18.09 5.16 10.19
CAB BLA W . -20.12 3.46 11.58
CBB BLA W . -19.27 2.42 11.49
NC BLA W . -22.88 15.98 17.30
C1C BLA W . -24.12 16.45 18.10
C2C BLA W . -25.06 15.38 17.88
C3C BLA W . -24.68 14.50 17.19
C4C BLA W . -23.33 14.63 16.70
CMC BLA W . -26.42 15.44 18.52
OC BLA W . -24.26 17.46 18.76
CAC BLA W . -25.51 13.27 16.84
CBC BLA W . -26.71 13.35 16.25
CHD BLA W . -22.68 13.75 15.89
ND BLA W . -20.47 12.69 15.49
C1D BLA W . -21.20 13.79 15.54
C2D BLA W . -20.40 14.93 15.20
C3D BLA W . -19.20 14.56 14.97
C4D BLA W . -19.04 13.02 15.10
CMD BLA W . -20.87 16.36 15.15
CAD BLA W . -18.04 15.44 14.57
CBD BLA W . -17.20 15.74 15.80
CGD BLA W . -15.91 16.44 15.39
O1D BLA W . -15.11 16.83 16.27
O2D BLA W . -15.65 16.64 14.17
HHA BLA W . -17.11 12.76 14.69
HA BLA W . -19.94 10.25 14.70
HMA1 BLA W . -16.72 6.75 14.66
HMA2 BLA W . -16.25 7.34 13.24
HMA3 BLA W . -15.46 7.74 14.57
HAA1 BLA W . -14.86 9.82 15.03
HAA2 BLA W . -15.35 11.35 15.03
HBA1 BLA W . -15.19 9.83 12.63
HBA2 BLA W . -13.95 10.71 13.13
HHB BLA W . -20.02 7.17 15.07
HB BLA W . -17.82 7.50 11.87
HMB1 BLA W . -21.31 5.46 14.54
HMB2 BLA W . -21.72 4.39 13.43
HMB3 BLA W . -20.55 4.05 14.48
HAB BLA W . -20.98 3.41 11.14
HBB1 BLA W . -18.32 2.54 11.70
HBB2 BLA W . -19.60 1.54 11.20
HC BLA W . -22.08 16.41 17.19
HMC1 BLA W . -27.09 15.61 17.82
HMC2 BLA W . -26.46 16.16 19.18
HMC3 BLA W . -26.62 14.59 18.96
HAC BLA W . -25.27 12.44 17.29
HBC1 BLA W . -27.10 14.22 16.02
HBC2 BLA W . -27.21 12.53 16.04
HHD BLA W . -23.22 13.09 15.43
HMD1 BLA W . -20.67 16.79 16.00
HMD2 BLA W . -20.39 16.83 14.43
HMD3 BLA W . -21.82 16.38 14.98
HAD1 BLA W . -18.39 16.28 14.20
HAD2 BLA W . -17.50 14.98 13.91
HBD1 BLA W . -17.70 16.31 16.40
HBD2 BLA W . -16.97 14.90 16.24
CHA BLA X . -48.03 -8.70 1.33
NA BLA X . -45.82 -7.53 0.71
C1A BLA X . -46.77 -8.49 0.53
C2A BLA X . -46.39 -9.26 -0.54
C3A BLA X . -45.21 -8.79 -1.01
C4A BLA X . -44.85 -7.70 -0.25
CMA BLA X . -44.45 -9.39 -2.18
CAA BLA X . -47.17 -10.45 -1.06
CBA BLA X . -48.12 -10.00 -2.17
CGA BLA X . -49.01 -8.84 -1.73
O1A BLA X . -50.06 -9.06 -1.07
O2A BLA X . -48.71 -7.66 -2.04
CHB BLA X . -43.62 -6.81 -0.35
NB BLA X . -43.49 -6.71 -2.98
C1B BLA X . -43.08 -6.38 -1.52
C2B BLA X . -41.93 -5.52 -1.71
C3B BLA X . -41.64 -5.28 -2.83
C4B BLA X . -42.46 -5.91 -3.82
CMB BLA X . -41.17 -4.92 -0.54
OB BLA X . -42.36 -5.84 -5.03
CAB BLA X . -40.48 -4.39 -3.21
CBB BLA X . -39.45 -4.91 -3.90
NC BLA X . -49.88 -5.09 6.08
C1C BLA X . -50.27 -3.93 7.01
C2C BLA X . -49.00 -3.39 7.39
C3C BLA X . -48.05 -3.92 6.95
C4C BLA X . -48.33 -5.05 6.08
CMC BLA X . -48.91 -2.20 8.32
OC BLA X . -51.38 -3.55 7.33
CAC BLA X . -46.64 -3.47 7.26
CBC BLA X . -45.69 -4.31 7.73
CHD BLA X . -47.47 -5.85 5.43
ND BLA X . -47.48 -7.03 3.26
C1D BLA X . -47.95 -6.91 4.47
C2D BLA X . -48.93 -7.90 4.76
C3D BLA X . -49.09 -8.64 3.73
C4D BLA X . -48.17 -8.20 2.57
CMD BLA X . -49.68 -8.05 6.06
CAD BLA X . -50.06 -9.80 3.63
CBD BLA X . -49.54 -11.03 4.34
CGD BLA X . -48.23 -11.49 3.74
O1D BLA X . -48.20 -11.89 2.53
O2D BLA X . -47.17 -11.49 4.42
HHA BLA X . -48.71 -9.32 0.99
HA BLA X . -45.84 -6.88 1.34
HMA1 BLA X . -44.83 -9.03 -3.01
HMA2 BLA X . -43.51 -9.14 -2.12
HMA3 BLA X . -44.55 -10.36 -2.16
HAA1 BLA X . -47.69 -10.85 -0.34
HAA2 BLA X . -46.55 -11.10 -1.44
HBA1 BLA X . -48.69 -10.75 -2.44
HBA2 BLA X . -47.59 -9.70 -2.94
HHB BLA X . -43.10 -6.66 0.46
HB BLA X . -44.18 -7.23 -3.27
HMB1 BLA X . -40.20 -4.98 -0.71
HMB2 BLA X . -41.38 -5.40 0.28
HMB3 BLA X . -41.41 -3.97 -0.44
HAB BLA X . -40.61 -3.42 -3.22
HBB1 BLA X . -39.44 -5.87 -4.13
HBB2 BLA X . -38.69 -4.36 -4.15
HC BLA X . -50.42 -5.68 5.64
HMC1 BLA X . -48.58 -2.49 9.20
HMC2 BLA X . -49.81 -1.81 8.43
HMC3 BLA X . -48.30 -1.53 7.94
HAC BLA X . -46.36 -2.59 6.95
HBC1 BLA X . -45.91 -5.26 7.88
HBC2 BLA X . -44.79 -3.99 7.92
HHD BLA X . -46.53 -5.85 5.70
HMD1 BLA X . -49.85 -9.00 6.23
HMD2 BLA X . -50.54 -7.58 6.00
HMD3 BLA X . -49.15 -7.67 6.78
HAD1 BLA X . -50.20 -10.01 2.68
HAD2 BLA X . -50.93 -9.54 4.02
HBD1 BLA X . -50.20 -11.75 4.27
HBD2 BLA X . -49.39 -10.82 5.29
CHA BLA Y . 34.58 12.16 18.36
NA BLA Y . 34.18 9.76 17.49
C1A BLA Y . 33.75 10.97 17.93
C2A BLA Y . 32.38 10.97 17.93
C3A BLA Y . 31.95 9.76 17.49
C4A BLA Y . 33.08 8.99 17.21
CMA BLA Y . 30.49 9.39 17.35
CAA BLA Y . 31.48 12.11 18.35
CBA BLA Y . 30.94 11.92 19.76
CGA BLA Y . 32.04 11.54 20.73
O1A BLA Y . 32.34 10.32 20.89
O2A BLA Y . 32.65 12.43 21.38
CHB BLA Y . 33.14 7.58 16.68
NB BLA Y . 31.43 6.64 18.43
C1B BLA Y . 32.38 6.59 17.21
C2B BLA Y . 32.25 5.23 16.76
C3B BLA Y . 31.52 4.56 17.38
C4B BLA Y . 30.86 5.20 18.48
CMB BLA Y . 33.02 4.72 15.56
OB BLA Y . 30.06 4.73 19.28
CAB BLA Y . 31.25 3.10 17.04
CBB BLA Y . 31.81 2.13 17.80
NC BLA Y . 40.51 13.83 15.73
C1C BLA Y . 41.75 13.91 14.80
C2C BLA Y . 42.04 12.53 14.55
C3C BLA Y . 41.33 11.76 15.06
C4C BLA Y . 40.26 12.30 15.88
CMC BLA Y . 43.21 12.14 13.67
OC BLA Y . 42.33 14.90 14.39
CAC BLA Y . 41.49 10.25 14.88
CBC BLA Y . 41.14 9.67 13.72
CHD BLA Y . 39.32 11.62 16.58
ND BLA Y . 36.94 11.55 17.29
C1D BLA Y . 38.09 12.21 17.27
C2D BLA Y . 37.95 13.43 17.99
C3D BLA Y . 36.76 13.54 18.42
C4D BLA Y . 35.88 12.33 18.04
CMD BLA Y . 39.02 14.46 18.22
CAD BLA Y . 36.16 14.70 19.21
CBD BLA Y . 35.22 15.41 18.28
CGD BLA Y . 34.50 16.53 18.99
O1D BLA Y . 33.92 17.43 18.31
O2D BLA Y . 34.48 16.57 20.25
HHA BLA Y . 34.18 12.77 19.01
HA BLA Y . 35.05 9.50 17.39
HMA1 BLA Y . 30.15 9.72 16.50
HMA2 BLA Y . 29.98 9.79 18.09
HMA3 BLA Y . 30.39 8.41 17.38
HAA1 BLA Y . 30.73 12.17 17.73
HAA2 BLA Y . 32.00 12.95 18.32
HBA1 BLA Y . 30.54 12.77 20.06
HBA2 BLA Y . 30.27 11.23 19.75
HHB BLA Y . 33.54 7.43 15.80
HB BLA Y . 31.24 7.35 18.98
HMB1 BLA Y . 32.42 4.65 14.79
HMB2 BLA Y . 33.75 5.33 15.35
HMB3 BLA Y . 33.39 3.83 15.76
HAB BLA Y . 30.56 2.87 16.39
HBB1 BLA Y . 32.37 2.36 18.56
HBB2 BLA Y . 31.64 1.19 17.58
HC BLA Y . 40.05 14.52 16.11
HMC1 BLA Y . 43.55 12.93 13.20
HMC2 BLA Y . 42.90 11.48 13.00
HMC3 BLA Y . 43.91 11.74 14.22
HAC BLA Y . 41.88 9.72 15.60
HBC1 BLA Y . 41.24 8.72 13.60
HBC2 BLA Y . 40.76 10.22 12.99
HHD BLA Y . 39.49 10.67 16.72
HMD1 BLA Y . 38.96 15.16 17.53
HMD2 BLA Y . 38.91 14.88 19.10
HMD3 BLA Y . 39.91 14.04 18.17
HAD1 BLA Y . 35.67 14.35 19.99
HAD2 BLA Y . 36.88 15.30 19.51
HBD1 BLA Y . 35.73 15.78 17.54
HBD2 BLA Y . 34.56 14.78 17.93
CHA BLA Z . -4.78 -19.23 16.52
NA BLA Z . -2.22 -19.05 16.86
C1A BLA Z . -3.44 -18.52 16.53
C2A BLA Z . -3.25 -17.20 16.18
C3A BLA Z . -1.92 -16.92 16.30
C4A BLA Z . -1.28 -18.07 16.71
CMA BLA Z . -1.29 -15.58 16.02
CAA BLA Z . -4.32 -16.22 15.74
CBA BLA Z . -4.23 -15.96 14.25
CGA BLA Z . -4.54 -17.22 13.45
O1A BLA Z . -5.58 -17.89 13.71
O2A BLA Z . -3.78 -17.57 12.53
CHB BLA Z . 0.21 -18.22 16.99
NB BLA Z . 0.90 -17.25 14.66
C1B BLA Z . 1.12 -17.81 16.08
C2B BLA Z . 2.56 -17.78 16.22
C3B BLA Z . 3.14 -17.37 15.29
C4B BLA Z . 2.34 -16.96 14.16
CMB BLA Z . 3.26 -18.25 17.48
OB BLA Z . 2.72 -16.52 13.10
CAB BLA Z . 4.65 -17.27 15.24
CBB BLA Z . 5.28 -16.14 15.65
NC BLA Z . -5.94 -24.73 19.98
C1C BLA Z . -5.88 -25.90 20.99
C2C BLA Z . -4.49 -26.25 20.99
C3C BLA Z . -3.80 -25.63 20.26
C4C BLA Z . -4.46 -24.59 19.51
CMC BLA Z . -4.00 -27.39 21.86
OC BLA Z . -6.79 -26.38 21.64
CAC BLA Z . -2.30 -25.84 20.11
CBC BLA Z . -1.76 -27.03 19.77
CHD BLA Z . -3.91 -23.74 18.63
ND BLA Z . -4.02 -21.44 17.70
C1D BLA Z . -4.60 -22.59 17.91
C2D BLA Z . -5.91 -22.58 17.36
C3D BLA Z . -6.16 -21.44 16.83
C4D BLA Z . -4.92 -20.50 16.96
CMD BLA Z . -6.91 -23.71 17.40
CAD BLA Z . -7.44 -21.02 16.13
CBD BLA Z . -8.10 -19.86 16.84
CGD BLA Z . -9.36 -19.45 16.11
O1D BLA Z . -10.22 -18.72 16.70
O2D BLA Z . -9.57 -19.82 14.93
HHA BLA Z . -5.52 -18.83 16.01
HA BLA Z . -2.07 -19.91 17.13
HMA1 BLA Z . -0.92 -15.58 15.11
HMA2 BLA Z . -1.95 -14.87 16.10
HMA3 BLA Z . -0.55 -15.43 16.65
HAA1 BLA Z . -4.21 -15.38 16.22
HAA2 BLA Z . -5.20 -16.59 15.95
HBA1 BLA Z . -4.87 -15.26 14.01
HBA2 BLA Z . -3.33 -15.67 14.04
HHB BLA Z . 0.49 -18.38 17.91
HB BLA Z . 0.12 -17.11 14.22
HMB1 BLA Z . 3.57 -17.47 17.99
HMB2 BLA Z . 2.65 -18.78 18.02
HMB3 BLA Z . 4.04 -18.79 17.23
HAB BLA Z . 5.18 -18.03 14.93
HBB1 BLA Z . 6.25 -16.09 15.62
HBB2 BLA Z . 4.76 -15.39 15.96
HC BLA Z . -6.67 -24.25 19.71
HMC1 BLA Z . -3.76 -28.16 21.31
HMC2 BLA Z . -4.69 -27.64 22.50
HMC3 BLA Z . -3.20 -27.09 22.35
HAC BLA Z . -1.71 -25.18 20.50
HBC1 BLA Z . -2.33 -27.81 19.60
HBC2 BLA Z . -0.78 -27.11 19.68
HHD BLA Z . -2.99 -23.95 18.33
HMD1 BLA Z . -6.43 -24.57 17.48
HMD2 BLA Z . -7.44 -23.72 16.58
HMD3 BLA Z . -7.50 -23.60 18.17
HAD1 BLA Z . -8.06 -21.79 16.12
HAD2 BLA Z . -7.24 -20.77 15.21
HBD1 BLA Z . -8.33 -20.13 17.76
HBD2 BLA Z . -7.48 -19.10 16.89
CHA BLA AA . 29.93 -37.00 12.70
NA BLA AA . 28.05 -35.72 11.44
C1A BLA AA . 29.35 -36.13 11.61
C2A BLA AA . 30.07 -35.60 10.56
C3A BLA AA . 29.23 -34.88 9.77
C4A BLA AA . 27.96 -34.95 10.32
CMA BLA AA . 29.66 -34.14 8.52
CAA BLA AA . 31.54 -35.81 10.33
CBA BLA AA . 31.73 -36.97 9.37
CGA BLA AA . 31.40 -38.26 10.10
O1A BLA AA . 32.24 -38.77 10.89
O2A BLA AA . 30.30 -38.83 9.91
CHB BLA AA . 26.68 -34.30 9.82
NB BLA AA . 27.07 -34.74 7.26
C1B BLA AA . 26.33 -34.21 8.52
C2B BLA AA . 25.18 -33.56 7.93
C3B BLA AA . 25.10 -33.61 6.75
C4B BLA AA . 26.17 -34.30 6.08
CMB BLA AA . 24.13 -32.87 8.78
OB BLA AA . 26.31 -34.48 4.89
CAB BLA AA . 23.95 -33.00 5.97
CBB BLA AA . 24.16 -31.89 5.22
NC BLA AA . 26.66 -39.59 17.36
C1C BLA AA . 25.62 -40.42 18.14
C2C BLA AA . 24.44 -39.61 18.05
C3C BLA AA . 24.55 -38.59 17.45
C4C BLA AA . 25.86 -38.35 16.90
CMC BLA AA . 23.14 -40.05 18.70
OC BLA AA . 25.76 -41.48 18.69
CAC BLA AA . 23.37 -37.65 17.27
CBC BLA AA . 23.34 -36.41 17.81
CHD BLA AA . 26.30 -37.28 16.18
ND BLA AA . 27.85 -37.07 14.25
C1D BLA AA . 27.67 -37.30 15.53
C2D BLA AA . 28.90 -37.53 16.17
C3D BLA AA . 29.87 -37.47 15.33
C4D BLA AA . 29.32 -37.15 13.90
CMD BLA AA . 29.05 -37.83 17.65
CAD BLA AA . 31.34 -37.69 15.70
CBD BLA AA . 32.32 -36.82 14.96
CGD BLA AA . 32.12 -35.35 15.28
O1D BLA AA . 32.71 -34.47 14.59
O2D BLA AA . 31.38 -35.00 16.23
HHA BLA AA . 30.84 -37.33 12.59
HA BLA AA . 27.36 -35.93 12.01
HMA1 BLA AA . 29.68 -34.77 7.77
HMA2 BLA AA . 29.02 -33.42 8.33
HMA3 BLA AA . 30.55 -33.77 8.65
HAA1 BLA AA . 31.96 -35.00 9.97
HAA2 BLA AA . 31.97 -36.03 11.18
HBA1 BLA AA . 31.12 -36.86 8.61
HBA2 BLA AA . 32.64 -36.99 9.06
HHB BLA AA . 26.17 -33.77 10.46
HB BLA AA . 27.86 -35.21 7.22
HMB1 BLA AA . 23.33 -33.44 8.83
HMB2 BLA AA . 23.89 -32.02 8.37
HMB3 BLA AA . 24.48 -32.71 9.67
HAB BLA AA . 23.13 -33.51 5.85
HBB1 BLA AA . 23.41 -31.50 4.72
HBB2 BLA AA . 25.04 -31.47 5.19
HC BLA AA . 27.54 -39.78 17.20
HMC1 BLA AA . 22.95 -39.49 19.48
HMC2 BLA AA . 22.40 -39.98 18.05
HMC3 BLA AA . 23.23 -40.99 18.99
HAC BLA AA . 22.65 -37.92 16.67
HBC1 BLA AA . 24.09 -36.09 18.36
HBC2 BLA AA . 22.56 -35.83 17.66
HHD BLA AA . 25.78 -36.46 16.19
HMD1 BLA AA . 29.88 -37.43 17.98
HMD2 BLA AA . 28.30 -37.45 18.13
HMD3 BLA AA . 29.08 -38.80 17.78
HAD1 BLA AA . 31.44 -37.53 16.66
HAD2 BLA AA . 31.55 -38.62 15.52
HBD1 BLA AA . 32.19 -36.95 14.00
HBD2 BLA AA . 33.24 -37.07 15.20
CHA CYC BA . -0.87 -38.71 -13.52
NA CYC BA . 1.30 -37.68 -12.31
C1A CYC BA . 0.00 -37.70 -13.12
C2A CYC BA . -0.12 -36.15 -13.40
C3A CYC BA . 0.86 -35.50 -12.88
C4A CYC BA . 1.75 -36.42 -12.20
CMA CYC BA . 0.98 -33.99 -12.99
CAA CYC BA . -1.26 -35.51 -14.20
CBA CYC BA . -0.86 -35.24 -15.64
CGA CYC BA . -0.11 -36.41 -16.25
O1A CYC BA . -0.75 -37.39 -16.70
O2A CYC BA . 1.16 -36.40 -16.31
CHB CYC BA . 3.05 -36.11 -11.42
NB CYC BA . 4.03 -34.42 -13.23
C1B CYC BA . 3.98 -35.19 -11.88
C2B CYC BA . 5.19 -34.71 -11.19
C3B CYC BA . 5.84 -33.93 -11.80
C4B CYC BA . 5.33 -33.56 -13.08
CMB CYC BA . 5.52 -35.25 -9.81
CAB CYC BA . 7.14 -33.26 -11.27
CBB CYC BA . 8.30 -33.39 -12.26
OB CYC BA . 5.78 -32.78 -13.90
NC CYC BA . -1.35 -44.08 -9.68
C1C CYC BA . -1.24 -45.34 -9.12
C2C CYC BA . 0.27 -45.44 -8.60
C3C CYC BA . 0.56 -43.88 -8.50
C4C CYC BA . -0.28 -43.45 -9.61
CMC CYC BA . 0.43 -46.20 -7.39
CAC CYC BA . 2.04 -43.46 -8.53
CBC CYC BA . 2.71 -43.86 -7.23
OC CYC BA . -2.11 -46.19 -9.03
CHD CYC BA . 0.32 -42.98 -10.77
ND CYC BA . -0.01 -40.67 -11.95
C1D CYC BA . -0.37 -42.00 -11.76
C2D CYC BA . -1.43 -42.29 -12.63
C3D CYC BA . -1.70 -41.14 -13.34
C4D CYC BA . -0.83 -40.14 -12.93
CMD CYC BA . -2.15 -43.61 -12.80
CAD CYC BA . -2.79 -40.93 -14.40
CBD CYC BA . -3.89 -40.09 -13.78
CGD CYC BA . -5.02 -39.81 -14.75
O1D CYC BA . -6.12 -39.38 -14.32
O2D CYC BA . -4.85 -39.99 -15.99
HHA CYC BA . -1.69 -38.43 -13.97
HMA1 CYC BA . 0.68 -33.70 -13.88
HMA2 CYC BA . 1.90 -33.72 -12.85
HMA3 CYC BA . 0.41 -33.57 -12.31
HAA1 CYC BA . -2.03 -36.12 -14.20
HAA2 CYC BA . -1.52 -34.67 -13.77
HBA1 CYC BA . -0.28 -34.45 -15.65
HBA2 CYC BA . -1.66 -35.05 -16.17
HHB CYC BA . 3.15 -36.46 -10.52
HB CYC BA . 3.45 -34.44 -13.91
HMB1 CYC BA . 6.50 -35.34 -9.72
HMB2 CYC BA . 5.19 -34.64 -9.12
HMB3 CYC BA . 5.11 -36.13 -9.68
HAB1 CYC BA . 7.39 -33.70 -10.44
HAB2 CYC BA . 6.97 -32.32 -11.10
HBB1 CYC BA . 8.85 -34.16 -12.03
HBB2 CYC BA . 8.84 -32.58 -12.22
HBB3 CYC BA . 7.95 -33.51 -13.17
HC CYC BA . -2.11 -43.75 -10.07
H2C CYC BA . 0.86 -45.90 -9.23
H3C CYC BA . 0.26 -43.51 -7.65
HMC1 CYC BA . -0.02 -47.06 -7.48
HMC2 CYC BA . 1.39 -46.35 -7.21
HMC3 CYC BA . 0.04 -45.69 -6.63
HAC1 CYC BA . 2.49 -43.90 -9.29
HAC2 CYC BA . 2.09 -42.48 -8.65
HBC1 CYC BA . 3.40 -43.20 -7.00
HBC2 CYC BA . 3.12 -44.74 -7.33
HBC3 CYC BA . 2.04 -43.88 -6.51
HHD CYC BA . 1.23 -43.28 -10.97
HD CYC BA . 0.66 -40.22 -11.51
HMD1 CYC BA . -3.06 -43.44 -13.14
HMD2 CYC BA . -2.20 -44.07 -11.94
HMD3 CYC BA . -1.66 -44.17 -13.44
HAD1 CYC BA . -3.16 -41.79 -14.67
HAD2 CYC BA . -2.42 -40.47 -15.19
HBD1 CYC BA . -3.51 -39.23 -13.48
HBD2 CYC BA . -4.25 -40.56 -13.00
CHA BLA CA . 20.24 6.98 -14.40
NA BLA CA . 20.71 4.44 -14.28
C1A BLA CA . 19.87 5.52 -14.25
C2A BLA CA . 18.59 5.06 -14.06
C3A BLA CA . 18.63 3.71 -13.98
C4A BLA CA . 19.95 3.32 -14.11
CMA BLA CA . 17.44 2.81 -13.78
CAA BLA CA . 17.33 5.91 -13.96
CBA BLA CA . 16.83 5.93 -12.53
CGA BLA CA . 17.80 6.67 -11.63
O1A BLA CA . 18.28 7.78 -11.99
O2A BLA CA . 18.14 6.17 -10.53
CHB BLA CA . 20.48 1.90 -14.09
NB BLA CA . 19.28 1.30 -11.84
C1B BLA CA . 20.13 1.04 -13.11
C2B BLA CA . 20.48 -0.36 -12.98
C3B BLA CA . 20.06 -0.90 -12.01
C4B BLA CA . 19.26 -0.08 -11.14
CMB BLA CA . 21.34 -1.08 -14.00
OB BLA CA . 18.71 -0.40 -10.10
CAB BLA CA . 20.32 -2.36 -11.72
CBB BLA CA . 19.44 -3.31 -12.09
NC BLA CA . 25.85 9.17 -16.98
C1C BLA CA . 27.14 9.33 -17.82
C2C BLA CA . 27.84 8.10 -17.56
C3C BLA CA . 27.31 7.35 -16.80
C4C BLA CA . 26.02 7.79 -16.31
CMC BLA CA . 29.18 7.84 -18.20
OC BLA CA . 27.48 10.25 -18.54
CAC BLA CA . 27.88 6.01 -16.41
CBC BLA CA . 29.10 5.86 -15.85
CHD BLA CA . 25.21 7.11 -15.45
ND BLA CA . 22.80 6.68 -15.00
C1D BLA CA . 23.79 7.54 -15.09
C2D BLA CA . 23.34 8.85 -14.76
C3D BLA CA . 22.09 8.82 -14.50
C4D BLA CA . 21.52 7.39 -14.60
CMD BLA CA . 24.17 10.10 -14.73
CAD BLA CA . 21.21 10.00 -14.12
CBD BLA CA . 20.33 10.38 -15.28
CGD BLA CA . 19.34 11.45 -14.87
O1D BLA CA . 18.57 11.96 -15.73
O2D BLA CA . 19.29 11.85 -13.67
HHA BLA CA . 19.59 7.66 -14.13
HA BLA CA . 21.60 4.47 -14.40
HMA1 BLA CA . 16.63 3.25 -14.08
HMA2 BLA CA . 17.57 1.98 -14.29
HMA3 BLA CA . 17.35 2.57 -12.82
HAA1 BLA CA . 16.64 5.51 -14.53
HAA2 BLA CA . 17.52 6.82 -14.25
HBA1 BLA CA . 16.72 5.02 -12.21
HBA2 BLA CA . 15.97 6.39 -12.50
HHB BLA CA . 20.86 1.53 -14.91
HB BLA CA . 18.87 2.07 -11.58
HMB1 BLA CA . 21.80 -0.41 -14.57
HMB2 BLA CA . 20.77 -1.64 -14.55
HMB3 BLA CA . 22.01 -1.63 -13.54
HAB BLA CA . 21.11 -2.61 -11.20
HBB1 BLA CA . 19.62 -4.25 -11.89
HBB2 BLA CA . 18.62 -3.05 -12.56
HC BLA CA . 25.16 9.76 -16.90
HMC1 BLA CA . 29.35 8.50 -18.91
HMC2 BLA CA . 29.19 6.93 -18.60
HMC3 BLA CA . 29.90 7.90 -17.52
HAC BLA CA . 27.46 5.21 -16.79
HBC1 BLA CA . 29.43 4.97 -15.60
HBC2 BLA CA . 29.66 6.65 -15.70
HHD BLA CA . 25.59 6.36 -14.96
HMD1 BLA CA . 24.10 10.56 -15.59
HMD2 BLA CA . 23.86 10.69 -14.02
HMD3 BLA CA . 25.10 9.86 -14.57
HAD1 BLA CA . 20.65 9.75 -13.35
HAD2 BLA CA . 21.78 10.76 -13.86
HBD1 BLA CA . 19.84 9.59 -15.58
HBD2 BLA CA . 20.89 10.71 -16.01
CHA BLA DA . 44.30 -21.20 -1.70
NA BLA DA . 42.39 -19.60 -1.05
C1A BLA DA . 43.10 -20.75 -0.89
C2A BLA DA . 42.54 -21.46 0.15
C3A BLA DA . 41.47 -20.75 0.63
C4A BLA DA . 41.38 -19.58 -0.11
CMA BLA DA . 40.57 -21.16 1.77
CAA BLA DA . 43.01 -22.81 0.66
CBA BLA DA . 44.38 -22.72 1.28
CGA BLA DA . 44.35 -21.98 2.59
O1A BLA DA . 44.69 -20.77 2.65
O2A BLA DA . 43.98 -22.58 3.64
CHB BLA DA . 40.37 -18.46 0.03
NB BLA DA . 40.51 -18.31 2.64
C1B BLA DA . 40.02 -17.94 1.22
C2B BLA DA . 39.06 -16.89 1.49
C3B BLA DA . 38.92 -16.60 2.63
C4B BLA DA . 39.71 -17.35 3.56
CMB BLA DA . 38.29 -16.19 0.38
OB BLA DA . 39.75 -17.26 4.77
CAB BLA DA . 37.97 -15.53 3.10
CBB BLA DA . 36.83 -15.88 3.74
NC BLA DA . 46.86 -18.01 -6.38
C1C BLA DA . 47.55 -16.89 -7.19
C2C BLA DA . 46.46 -16.00 -7.48
C3C BLA DA . 45.40 -16.33 -7.08
C4C BLA DA . 45.38 -17.56 -6.34
CMC BLA DA . 46.69 -14.73 -8.28
OC BLA DA . 48.72 -16.79 -7.49
CAC BLA DA . 44.16 -15.50 -7.29
CBC BLA DA . 43.10 -15.97 -7.96
CHD BLA DA . 44.34 -18.20 -5.75
ND BLA DA . 44.13 -19.40 -3.58
C1D BLA DA . 44.56 -19.36 -4.82
C2D BLA DA . 45.24 -20.56 -5.15
C3D BLA DA . 45.25 -21.34 -4.15
C4D BLA DA . 44.51 -20.71 -2.94
CMD BLA DA . 45.88 -20.86 -6.50
CAD BLA DA . 45.90 -22.72 -4.11
CBD BLA DA . 45.05 -23.78 -4.79
CGD BLA DA . 43.63 -23.78 -4.26
O1D BLA DA . 43.42 -23.96 -3.03
O2D BLA DA . 42.65 -23.64 -5.05
HHA BLA DA . 44.83 -21.97 -1.39
HA BLA DA . 42.55 -18.95 -1.66
HMA1 BLA DA . 39.71 -20.71 1.68
HMA2 BLA DA . 40.43 -22.13 1.73
HMA3 BLA DA . 40.98 -20.92 2.62
HAA1 BLA DA . 42.37 -23.13 1.33
HAA2 BLA DA . 43.04 -23.45 -0.09
HBA1 BLA DA . 45.00 -22.27 0.66
HBA2 BLA DA . 44.71 -23.63 1.45
HHB BLA DA . 39.83 -18.23 -0.76
HB BLA DA . 41.12 -18.95 2.88
HMB1 BLA DA . 37.35 -16.08 0.65
HMB2 BLA DA . 38.69 -15.30 0.23
HMB3 BLA DA . 38.36 -16.71 -0.44
HAB BLA DA . 38.27 -14.60 3.14
HBB1 BLA DA . 36.62 -16.82 3.88
HBB2 BLA DA . 36.21 -15.18 4.05
HC BLA DA . 47.25 -18.77 -6.02
HMC1 BLA DA . 46.29 -14.83 -9.17
HMC2 BLA DA . 47.65 -14.57 -8.36
HMC3 BLA DA . 46.27 -13.98 -7.81
HAC BLA DA . 44.09 -14.63 -6.84
HBC1 BLA DA . 43.11 -16.88 -8.33
HBC2 BLA DA . 42.30 -15.40 -8.09
HHD BLA DA . 43.43 -17.95 -6.01
HMD1 BLA DA . 45.44 -20.33 -7.19
HMD2 BLA DA . 46.83 -20.62 -6.46
HMD3 BLA DA . 45.79 -21.82 -6.69
HAD1 BLA DA . 46.75 -22.66 -4.57
HAD2 BLA DA . 46.04 -22.98 -3.19
HBD1 BLA DA . 45.02 -23.61 -5.75
HBD2 BLA DA . 45.45 -24.65 -4.64
#